data_5EVO
# 
_entry.id   5EVO 
# 
_audit_conform.dict_name       mmcif_pdbx.dic 
_audit_conform.dict_version    5.387 
_audit_conform.dict_location   http://mmcif.pdb.org/dictionaries/ascii/mmcif_pdbx.dic 
# 
loop_
_database_2.database_id 
_database_2.database_code 
_database_2.pdbx_database_accession 
_database_2.pdbx_DOI 
PDB   5EVO         pdb_00005evo 10.2210/pdb5evo/pdb 
WWPDB D_1000215542 ?            ?                   
# 
loop_
_pdbx_audit_revision_history.ordinal 
_pdbx_audit_revision_history.data_content_type 
_pdbx_audit_revision_history.major_revision 
_pdbx_audit_revision_history.minor_revision 
_pdbx_audit_revision_history.revision_date 
1 'Structure model' 1 0 2016-05-04 
2 'Structure model' 1 1 2017-10-04 
3 'Structure model' 1 2 2024-03-20 
# 
_pdbx_audit_revision_details.ordinal             1 
_pdbx_audit_revision_details.revision_ordinal    1 
_pdbx_audit_revision_details.data_content_type   'Structure model' 
_pdbx_audit_revision_details.provider            repository 
_pdbx_audit_revision_details.type                'Initial release' 
_pdbx_audit_revision_details.description         ? 
_pdbx_audit_revision_details.details             ? 
# 
loop_
_pdbx_audit_revision_group.ordinal 
_pdbx_audit_revision_group.revision_ordinal 
_pdbx_audit_revision_group.data_content_type 
_pdbx_audit_revision_group.group 
1 2 'Structure model' 'Data collection'      
2 2 'Structure model' 'Database references'  
3 2 'Structure model' 'Derived calculations' 
4 3 'Structure model' 'Data collection'      
5 3 'Structure model' 'Database references'  
# 
loop_
_pdbx_audit_revision_category.ordinal 
_pdbx_audit_revision_category.revision_ordinal 
_pdbx_audit_revision_category.data_content_type 
_pdbx_audit_revision_category.category 
1 2 'Structure model' citation              
2 2 'Structure model' diffrn_detector       
3 2 'Structure model' pdbx_struct_oper_list 
4 3 'Structure model' chem_comp_atom        
5 3 'Structure model' chem_comp_bond        
6 3 'Structure model' database_2            
# 
loop_
_pdbx_audit_revision_item.ordinal 
_pdbx_audit_revision_item.revision_ordinal 
_pdbx_audit_revision_item.data_content_type 
_pdbx_audit_revision_item.item 
1 2 'Structure model' '_citation.journal_id_CSD'                  
2 2 'Structure model' '_diffrn_detector.detector'                 
3 2 'Structure model' '_pdbx_struct_oper_list.symmetry_operation' 
4 3 'Structure model' '_database_2.pdbx_DOI'                      
5 3 'Structure model' '_database_2.pdbx_database_accession'       
# 
_pdbx_database_status.status_code                     REL 
_pdbx_database_status.status_code_sf                  REL 
_pdbx_database_status.status_code_mr                  ? 
_pdbx_database_status.entry_id                        5EVO 
_pdbx_database_status.recvd_initial_deposition_date   2015-11-20 
_pdbx_database_status.SG_entry                        N 
_pdbx_database_status.deposit_site                    RCSB 
_pdbx_database_status.process_site                    PDBJ 
_pdbx_database_status.status_code_cs                  ? 
_pdbx_database_status.methods_development_category    ? 
_pdbx_database_status.pdb_format_compatible           Y 
_pdbx_database_status.status_code_nmr_data            ? 
# 
loop_
_pdbx_database_related.db_name 
_pdbx_database_related.details 
_pdbx_database_related.db_id 
_pdbx_database_related.content_type 
PDB . 5EVN unspecified 
PDB . 5EVP unspecified 
PDB . 5EVQ unspecified 
PDB . 5EVR unspecified 
PDB . 5EVS unspecified 
PDB . 5EVT unspecified 
PDB . 5EVU unspecified 
PDB . 5EVV unspecified 
PDB . 5EVW unspecified 
PDB . 5EVX unspecified 
# 
loop_
_audit_author.name 
_audit_author.pdbx_ordinal 
'Kumar, A.O.'     1 
'Das, B.K.'       2 
'Arockiasamy, A.' 3 
# 
_citation.abstract                  ? 
_citation.abstract_id_CAS           ? 
_citation.book_id_ISBN              ? 
_citation.book_publisher            ? 
_citation.book_publisher_city       ? 
_citation.book_title                ? 
_citation.coordinate_linkage        ? 
_citation.country                   US 
_citation.database_id_Medline       ? 
_citation.details                   ? 
_citation.id                        primary 
_citation.journal_abbrev            Biochem.Biophys.Res.Commun. 
_citation.journal_id_ASTM           BBRCA9 
_citation.journal_id_CSD            0146 
_citation.journal_id_ISSN           1090-2104 
_citation.journal_full              ? 
_citation.journal_issue             ? 
_citation.journal_volume            473 
_citation.language                  ? 
_citation.page_first                1152 
_citation.page_last                 1157 
_citation.title                     
'Non-native ligands define the active site of Pennisetum glaucum (L.) R. Br dehydroascorbate reductase.' 
_citation.year                      2016 
_citation.database_id_CSD           ? 
_citation.pdbx_database_id_DOI      10.1016/j.bbrc.2016.04.031 
_citation.pdbx_database_id_PubMed   27067046 
_citation.unpublished_flag          ? 
# 
loop_
_citation_author.citation_id 
_citation_author.name 
_citation_author.ordinal 
_citation_author.identifier_ORCID 
primary 'Krishna Das, B.' 1 ? 
primary 'Kumar, A.'       2 ? 
primary 'Maindola, P.'    3 ? 
primary 'Mahanty, S.'     4 ? 
primary 'Jain, S.K.'      5 ? 
primary 'Reddy, M.K.'     6 ? 
primary 'Arockiasamy, A.' 7 ? 
# 
loop_
_entity.id 
_entity.type 
_entity.src_method 
_entity.pdbx_description 
_entity.formula_weight 
_entity.pdbx_number_of_molecules 
_entity.pdbx_ec 
_entity.pdbx_mutation 
_entity.pdbx_fragment 
_entity.details 
1 polymer     man 'Dehydroascorbate reductase' 23726.203 1  1.8.5.1 ? ? ? 
2 non-polymer syn 'ACETATE ION'                59.044    1  ?       ? ? ? 
3 non-polymer syn GLYCEROL                     92.094    1  ?       ? ? ? 
4 water       nat water                        18.015    64 ?       ? ? ? 
# 
_entity_poly.entity_id                      1 
_entity_poly.type                           'polypeptide(L)' 
_entity_poly.nstd_linkage                   no 
_entity_poly.nstd_monomer                   no 
_entity_poly.pdbx_seq_one_letter_code       
;GSHMAVEVCVKAAVGAPDILGDCPFSQRVLLTLEEKKITYEMKLVDLSNKPEWFLKISPEGKVPVFNSGDGKWIADSDVI
TQVIEEKFPTPSLVTPPEYASVGSKIFPSFVKFLKSKDASDGSEKALLDELQALDEHLKAHGPYISGENVSAADLSLGPK
LFHLQVALEHFKGWKIPENLTSVHAYTKALFSRESFVKTKPANQYLIAGWAPKVNA
;
_entity_poly.pdbx_seq_one_letter_code_can   
;GSHMAVEVCVKAAVGAPDILGDCPFSQRVLLTLEEKKITYEMKLVDLSNKPEWFLKISPEGKVPVFNSGDGKWIADSDVI
TQVIEEKFPTPSLVTPPEYASVGSKIFPSFVKFLKSKDASDGSEKALLDELQALDEHLKAHGPYISGENVSAADLSLGPK
LFHLQVALEHFKGWKIPENLTSVHAYTKALFSRESFVKTKPANQYLIAGWAPKVNA
;
_entity_poly.pdbx_strand_id                 A 
_entity_poly.pdbx_target_identifier         ? 
# 
loop_
_pdbx_entity_nonpoly.entity_id 
_pdbx_entity_nonpoly.name 
_pdbx_entity_nonpoly.comp_id 
2 'ACETATE ION' ACT 
3 GLYCEROL      GOL 
4 water         HOH 
# 
loop_
_entity_poly_seq.entity_id 
_entity_poly_seq.num 
_entity_poly_seq.mon_id 
_entity_poly_seq.hetero 
1 1   GLY n 
1 2   SER n 
1 3   HIS n 
1 4   MET n 
1 5   ALA n 
1 6   VAL n 
1 7   GLU n 
1 8   VAL n 
1 9   CYS n 
1 10  VAL n 
1 11  LYS n 
1 12  ALA n 
1 13  ALA n 
1 14  VAL n 
1 15  GLY n 
1 16  ALA n 
1 17  PRO n 
1 18  ASP n 
1 19  ILE n 
1 20  LEU n 
1 21  GLY n 
1 22  ASP n 
1 23  CYS n 
1 24  PRO n 
1 25  PHE n 
1 26  SER n 
1 27  GLN n 
1 28  ARG n 
1 29  VAL n 
1 30  LEU n 
1 31  LEU n 
1 32  THR n 
1 33  LEU n 
1 34  GLU n 
1 35  GLU n 
1 36  LYS n 
1 37  LYS n 
1 38  ILE n 
1 39  THR n 
1 40  TYR n 
1 41  GLU n 
1 42  MET n 
1 43  LYS n 
1 44  LEU n 
1 45  VAL n 
1 46  ASP n 
1 47  LEU n 
1 48  SER n 
1 49  ASN n 
1 50  LYS n 
1 51  PRO n 
1 52  GLU n 
1 53  TRP n 
1 54  PHE n 
1 55  LEU n 
1 56  LYS n 
1 57  ILE n 
1 58  SER n 
1 59  PRO n 
1 60  GLU n 
1 61  GLY n 
1 62  LYS n 
1 63  VAL n 
1 64  PRO n 
1 65  VAL n 
1 66  PHE n 
1 67  ASN n 
1 68  SER n 
1 69  GLY n 
1 70  ASP n 
1 71  GLY n 
1 72  LYS n 
1 73  TRP n 
1 74  ILE n 
1 75  ALA n 
1 76  ASP n 
1 77  SER n 
1 78  ASP n 
1 79  VAL n 
1 80  ILE n 
1 81  THR n 
1 82  GLN n 
1 83  VAL n 
1 84  ILE n 
1 85  GLU n 
1 86  GLU n 
1 87  LYS n 
1 88  PHE n 
1 89  PRO n 
1 90  THR n 
1 91  PRO n 
1 92  SER n 
1 93  LEU n 
1 94  VAL n 
1 95  THR n 
1 96  PRO n 
1 97  PRO n 
1 98  GLU n 
1 99  TYR n 
1 100 ALA n 
1 101 SER n 
1 102 VAL n 
1 103 GLY n 
1 104 SER n 
1 105 LYS n 
1 106 ILE n 
1 107 PHE n 
1 108 PRO n 
1 109 SER n 
1 110 PHE n 
1 111 VAL n 
1 112 LYS n 
1 113 PHE n 
1 114 LEU n 
1 115 LYS n 
1 116 SER n 
1 117 LYS n 
1 118 ASP n 
1 119 ALA n 
1 120 SER n 
1 121 ASP n 
1 122 GLY n 
1 123 SER n 
1 124 GLU n 
1 125 LYS n 
1 126 ALA n 
1 127 LEU n 
1 128 LEU n 
1 129 ASP n 
1 130 GLU n 
1 131 LEU n 
1 132 GLN n 
1 133 ALA n 
1 134 LEU n 
1 135 ASP n 
1 136 GLU n 
1 137 HIS n 
1 138 LEU n 
1 139 LYS n 
1 140 ALA n 
1 141 HIS n 
1 142 GLY n 
1 143 PRO n 
1 144 TYR n 
1 145 ILE n 
1 146 SER n 
1 147 GLY n 
1 148 GLU n 
1 149 ASN n 
1 150 VAL n 
1 151 SER n 
1 152 ALA n 
1 153 ALA n 
1 154 ASP n 
1 155 LEU n 
1 156 SER n 
1 157 LEU n 
1 158 GLY n 
1 159 PRO n 
1 160 LYS n 
1 161 LEU n 
1 162 PHE n 
1 163 HIS n 
1 164 LEU n 
1 165 GLN n 
1 166 VAL n 
1 167 ALA n 
1 168 LEU n 
1 169 GLU n 
1 170 HIS n 
1 171 PHE n 
1 172 LYS n 
1 173 GLY n 
1 174 TRP n 
1 175 LYS n 
1 176 ILE n 
1 177 PRO n 
1 178 GLU n 
1 179 ASN n 
1 180 LEU n 
1 181 THR n 
1 182 SER n 
1 183 VAL n 
1 184 HIS n 
1 185 ALA n 
1 186 TYR n 
1 187 THR n 
1 188 LYS n 
1 189 ALA n 
1 190 LEU n 
1 191 PHE n 
1 192 SER n 
1 193 ARG n 
1 194 GLU n 
1 195 SER n 
1 196 PHE n 
1 197 VAL n 
1 198 LYS n 
1 199 THR n 
1 200 LYS n 
1 201 PRO n 
1 202 ALA n 
1 203 ASN n 
1 204 GLN n 
1 205 TYR n 
1 206 LEU n 
1 207 ILE n 
1 208 ALA n 
1 209 GLY n 
1 210 TRP n 
1 211 ALA n 
1 212 PRO n 
1 213 LYS n 
1 214 VAL n 
1 215 ASN n 
1 216 ALA n 
# 
_entity_src_gen.entity_id                          1 
_entity_src_gen.pdbx_src_id                        1 
_entity_src_gen.pdbx_alt_source_flag               sample 
_entity_src_gen.pdbx_seq_type                      'Biological sequence' 
_entity_src_gen.pdbx_beg_seq_num                   1 
_entity_src_gen.pdbx_end_seq_num                   216 
_entity_src_gen.gene_src_common_name               'Pearl millet' 
_entity_src_gen.gene_src_genus                     ? 
_entity_src_gen.pdbx_gene_src_gene                 ? 
_entity_src_gen.gene_src_species                   ? 
_entity_src_gen.gene_src_strain                    ? 
_entity_src_gen.gene_src_tissue                    ? 
_entity_src_gen.gene_src_tissue_fraction           ? 
_entity_src_gen.gene_src_details                   ? 
_entity_src_gen.pdbx_gene_src_fragment             ? 
_entity_src_gen.pdbx_gene_src_scientific_name      'Cenchrus americanus' 
_entity_src_gen.pdbx_gene_src_ncbi_taxonomy_id     4543 
_entity_src_gen.pdbx_gene_src_variant              ? 
_entity_src_gen.pdbx_gene_src_cell_line            ? 
_entity_src_gen.pdbx_gene_src_atcc                 ? 
_entity_src_gen.pdbx_gene_src_organ                ? 
_entity_src_gen.pdbx_gene_src_organelle            ? 
_entity_src_gen.pdbx_gene_src_cell                 ? 
_entity_src_gen.pdbx_gene_src_cellular_location    ? 
_entity_src_gen.host_org_common_name               ? 
_entity_src_gen.pdbx_host_org_scientific_name      'Escherichia coli' 
_entity_src_gen.pdbx_host_org_ncbi_taxonomy_id     562 
_entity_src_gen.host_org_genus                     ? 
_entity_src_gen.pdbx_host_org_gene                 ? 
_entity_src_gen.pdbx_host_org_organ                ? 
_entity_src_gen.host_org_species                   ? 
_entity_src_gen.pdbx_host_org_tissue               ? 
_entity_src_gen.pdbx_host_org_tissue_fraction      ? 
_entity_src_gen.pdbx_host_org_strain               ? 
_entity_src_gen.pdbx_host_org_variant              ? 
_entity_src_gen.pdbx_host_org_cell_line            ? 
_entity_src_gen.pdbx_host_org_atcc                 ? 
_entity_src_gen.pdbx_host_org_culture_collection   ? 
_entity_src_gen.pdbx_host_org_cell                 ? 
_entity_src_gen.pdbx_host_org_organelle            ? 
_entity_src_gen.pdbx_host_org_cellular_location    ? 
_entity_src_gen.pdbx_host_org_vector_type          ? 
_entity_src_gen.pdbx_host_org_vector               ? 
_entity_src_gen.host_org_details                   ? 
_entity_src_gen.expression_system_id               ? 
_entity_src_gen.plasmid_name                       ? 
_entity_src_gen.plasmid_details                    ? 
_entity_src_gen.pdbx_description                   ? 
# 
loop_
_chem_comp.id 
_chem_comp.type 
_chem_comp.mon_nstd_flag 
_chem_comp.name 
_chem_comp.pdbx_synonyms 
_chem_comp.formula 
_chem_comp.formula_weight 
ACT non-polymer         . 'ACETATE ION'   ?                               'C2 H3 O2 -1'    59.044  
ALA 'L-peptide linking' y ALANINE         ?                               'C3 H7 N O2'     89.093  
ARG 'L-peptide linking' y ARGININE        ?                               'C6 H15 N4 O2 1' 175.209 
ASN 'L-peptide linking' y ASPARAGINE      ?                               'C4 H8 N2 O3'    132.118 
ASP 'L-peptide linking' y 'ASPARTIC ACID' ?                               'C4 H7 N O4'     133.103 
CYS 'L-peptide linking' y CYSTEINE        ?                               'C3 H7 N O2 S'   121.158 
GLN 'L-peptide linking' y GLUTAMINE       ?                               'C5 H10 N2 O3'   146.144 
GLU 'L-peptide linking' y 'GLUTAMIC ACID' ?                               'C5 H9 N O4'     147.129 
GLY 'peptide linking'   y GLYCINE         ?                               'C2 H5 N O2'     75.067  
GOL non-polymer         . GLYCEROL        'GLYCERIN; PROPANE-1,2,3-TRIOL' 'C3 H8 O3'       92.094  
HIS 'L-peptide linking' y HISTIDINE       ?                               'C6 H10 N3 O2 1' 156.162 
HOH non-polymer         . WATER           ?                               'H2 O'           18.015  
ILE 'L-peptide linking' y ISOLEUCINE      ?                               'C6 H13 N O2'    131.173 
LEU 'L-peptide linking' y LEUCINE         ?                               'C6 H13 N O2'    131.173 
LYS 'L-peptide linking' y LYSINE          ?                               'C6 H15 N2 O2 1' 147.195 
MET 'L-peptide linking' y METHIONINE      ?                               'C5 H11 N O2 S'  149.211 
PHE 'L-peptide linking' y PHENYLALANINE   ?                               'C9 H11 N O2'    165.189 
PRO 'L-peptide linking' y PROLINE         ?                               'C5 H9 N O2'     115.130 
SER 'L-peptide linking' y SERINE          ?                               'C3 H7 N O3'     105.093 
THR 'L-peptide linking' y THREONINE       ?                               'C4 H9 N O3'     119.119 
TRP 'L-peptide linking' y TRYPTOPHAN      ?                               'C11 H12 N2 O2'  204.225 
TYR 'L-peptide linking' y TYROSINE        ?                               'C9 H11 N O3'    181.189 
VAL 'L-peptide linking' y VALINE          ?                               'C5 H11 N O2'    117.146 
# 
loop_
_pdbx_poly_seq_scheme.asym_id 
_pdbx_poly_seq_scheme.entity_id 
_pdbx_poly_seq_scheme.seq_id 
_pdbx_poly_seq_scheme.mon_id 
_pdbx_poly_seq_scheme.ndb_seq_num 
_pdbx_poly_seq_scheme.pdb_seq_num 
_pdbx_poly_seq_scheme.auth_seq_num 
_pdbx_poly_seq_scheme.pdb_mon_id 
_pdbx_poly_seq_scheme.auth_mon_id 
_pdbx_poly_seq_scheme.pdb_strand_id 
_pdbx_poly_seq_scheme.pdb_ins_code 
_pdbx_poly_seq_scheme.hetero 
A 1 1   GLY 1   -2  ?   ?   ?   A . n 
A 1 2   SER 2   -1  ?   ?   ?   A . n 
A 1 3   HIS 3   0   0   HIS HIS A . n 
A 1 4   MET 4   1   1   MET MET A . n 
A 1 5   ALA 5   2   2   ALA ALA A . n 
A 1 6   VAL 6   3   3   VAL VAL A . n 
A 1 7   GLU 7   4   4   GLU GLU A . n 
A 1 8   VAL 8   5   5   VAL VAL A . n 
A 1 9   CYS 9   6   6   CYS CYS A . n 
A 1 10  VAL 10  7   7   VAL VAL A . n 
A 1 11  LYS 11  8   8   LYS LYS A . n 
A 1 12  ALA 12  9   9   ALA ALA A . n 
A 1 13  ALA 13  10  10  ALA ALA A . n 
A 1 14  VAL 14  11  11  VAL VAL A . n 
A 1 15  GLY 15  12  12  GLY GLY A . n 
A 1 16  ALA 16  13  13  ALA ALA A . n 
A 1 17  PRO 17  14  14  PRO PRO A . n 
A 1 18  ASP 18  15  15  ASP ASP A . n 
A 1 19  ILE 19  16  16  ILE ILE A . n 
A 1 20  LEU 20  17  17  LEU LEU A . n 
A 1 21  GLY 21  18  18  GLY GLY A . n 
A 1 22  ASP 22  19  19  ASP ASP A . n 
A 1 23  CYS 23  20  20  CYS CYS A . n 
A 1 24  PRO 24  21  21  PRO PRO A . n 
A 1 25  PHE 25  22  22  PHE PHE A . n 
A 1 26  SER 26  23  23  SER SER A . n 
A 1 27  GLN 27  24  24  GLN GLN A . n 
A 1 28  ARG 28  25  25  ARG ARG A . n 
A 1 29  VAL 29  26  26  VAL VAL A . n 
A 1 30  LEU 30  27  27  LEU LEU A . n 
A 1 31  LEU 31  28  28  LEU LEU A . n 
A 1 32  THR 32  29  29  THR THR A . n 
A 1 33  LEU 33  30  30  LEU LEU A . n 
A 1 34  GLU 34  31  31  GLU GLU A . n 
A 1 35  GLU 35  32  32  GLU GLU A . n 
A 1 36  LYS 36  33  33  LYS LYS A . n 
A 1 37  LYS 37  34  34  LYS LYS A . n 
A 1 38  ILE 38  35  35  ILE ILE A . n 
A 1 39  THR 39  36  36  THR THR A . n 
A 1 40  TYR 40  37  37  TYR TYR A . n 
A 1 41  GLU 41  38  38  GLU GLU A . n 
A 1 42  MET 42  39  39  MET MET A . n 
A 1 43  LYS 43  40  40  LYS LYS A . n 
A 1 44  LEU 44  41  41  LEU LEU A . n 
A 1 45  VAL 45  42  42  VAL VAL A . n 
A 1 46  ASP 46  43  43  ASP ASP A . n 
A 1 47  LEU 47  44  44  LEU LEU A . n 
A 1 48  SER 48  45  45  SER SER A . n 
A 1 49  ASN 49  46  46  ASN ASN A . n 
A 1 50  LYS 50  47  47  LYS LYS A . n 
A 1 51  PRO 51  48  48  PRO PRO A . n 
A 1 52  GLU 52  49  49  GLU GLU A . n 
A 1 53  TRP 53  50  50  TRP TRP A . n 
A 1 54  PHE 54  51  51  PHE PHE A . n 
A 1 55  LEU 55  52  52  LEU LEU A . n 
A 1 56  LYS 56  53  53  LYS LYS A . n 
A 1 57  ILE 57  54  54  ILE ILE A . n 
A 1 58  SER 58  55  55  SER SER A . n 
A 1 59  PRO 59  56  56  PRO PRO A . n 
A 1 60  GLU 60  57  57  GLU GLU A . n 
A 1 61  GLY 61  58  58  GLY GLY A . n 
A 1 62  LYS 62  59  59  LYS LYS A . n 
A 1 63  VAL 63  60  60  VAL VAL A . n 
A 1 64  PRO 64  61  61  PRO PRO A . n 
A 1 65  VAL 65  62  62  VAL VAL A . n 
A 1 66  PHE 66  63  63  PHE PHE A . n 
A 1 67  ASN 67  64  64  ASN ASN A . n 
A 1 68  SER 68  65  65  SER SER A . n 
A 1 69  GLY 69  66  66  GLY GLY A . n 
A 1 70  ASP 70  67  67  ASP ASP A . n 
A 1 71  GLY 71  68  68  GLY GLY A . n 
A 1 72  LYS 72  69  69  LYS LYS A . n 
A 1 73  TRP 73  70  70  TRP TRP A . n 
A 1 74  ILE 74  71  71  ILE ILE A . n 
A 1 75  ALA 75  72  72  ALA ALA A . n 
A 1 76  ASP 76  73  73  ASP ASP A . n 
A 1 77  SER 77  74  74  SER SER A . n 
A 1 78  ASP 78  75  75  ASP ASP A . n 
A 1 79  VAL 79  76  76  VAL VAL A . n 
A 1 80  ILE 80  77  77  ILE ILE A . n 
A 1 81  THR 81  78  78  THR THR A . n 
A 1 82  GLN 82  79  79  GLN GLN A . n 
A 1 83  VAL 83  80  80  VAL VAL A . n 
A 1 84  ILE 84  81  81  ILE ILE A . n 
A 1 85  GLU 85  82  82  GLU GLU A . n 
A 1 86  GLU 86  83  83  GLU GLU A . n 
A 1 87  LYS 87  84  84  LYS LYS A . n 
A 1 88  PHE 88  85  85  PHE PHE A . n 
A 1 89  PRO 89  86  86  PRO PRO A . n 
A 1 90  THR 90  87  87  THR THR A . n 
A 1 91  PRO 91  88  88  PRO PRO A . n 
A 1 92  SER 92  89  89  SER SER A . n 
A 1 93  LEU 93  90  90  LEU LEU A . n 
A 1 94  VAL 94  91  91  VAL VAL A . n 
A 1 95  THR 95  92  92  THR THR A . n 
A 1 96  PRO 96  93  93  PRO PRO A . n 
A 1 97  PRO 97  94  94  PRO PRO A . n 
A 1 98  GLU 98  95  95  GLU GLU A . n 
A 1 99  TYR 99  96  96  TYR TYR A . n 
A 1 100 ALA 100 97  97  ALA ALA A . n 
A 1 101 SER 101 98  98  SER SER A . n 
A 1 102 VAL 102 99  99  VAL VAL A . n 
A 1 103 GLY 103 100 100 GLY GLY A . n 
A 1 104 SER 104 101 101 SER SER A . n 
A 1 105 LYS 105 102 102 LYS LYS A . n 
A 1 106 ILE 106 103 103 ILE ILE A . n 
A 1 107 PHE 107 104 104 PHE PHE A . n 
A 1 108 PRO 108 105 105 PRO PRO A . n 
A 1 109 SER 109 106 106 SER SER A . n 
A 1 110 PHE 110 107 107 PHE PHE A . n 
A 1 111 VAL 111 108 108 VAL VAL A . n 
A 1 112 LYS 112 109 109 LYS LYS A . n 
A 1 113 PHE 113 110 110 PHE PHE A . n 
A 1 114 LEU 114 111 111 LEU LEU A . n 
A 1 115 LYS 115 112 112 LYS LYS A . n 
A 1 116 SER 116 113 113 SER SER A . n 
A 1 117 LYS 117 114 114 LYS LYS A . n 
A 1 118 ASP 118 115 115 ASP ASP A . n 
A 1 119 ALA 119 116 116 ALA ALA A . n 
A 1 120 SER 120 117 117 SER SER A . n 
A 1 121 ASP 121 118 118 ASP ASP A . n 
A 1 122 GLY 122 119 119 GLY GLY A . n 
A 1 123 SER 123 120 120 SER SER A . n 
A 1 124 GLU 124 121 121 GLU GLU A . n 
A 1 125 LYS 125 122 122 LYS LYS A . n 
A 1 126 ALA 126 123 123 ALA ALA A . n 
A 1 127 LEU 127 124 124 LEU LEU A . n 
A 1 128 LEU 128 125 125 LEU LEU A . n 
A 1 129 ASP 129 126 126 ASP ASP A . n 
A 1 130 GLU 130 127 127 GLU GLU A . n 
A 1 131 LEU 131 128 128 LEU LEU A . n 
A 1 132 GLN 132 129 129 GLN GLN A . n 
A 1 133 ALA 133 130 130 ALA ALA A . n 
A 1 134 LEU 134 131 131 LEU LEU A . n 
A 1 135 ASP 135 132 132 ASP ASP A . n 
A 1 136 GLU 136 133 133 GLU GLU A . n 
A 1 137 HIS 137 134 134 HIS HIS A . n 
A 1 138 LEU 138 135 135 LEU LEU A . n 
A 1 139 LYS 139 136 136 LYS LYS A . n 
A 1 140 ALA 140 137 137 ALA ALA A . n 
A 1 141 HIS 141 138 138 HIS HIS A . n 
A 1 142 GLY 142 139 139 GLY GLY A . n 
A 1 143 PRO 143 140 140 PRO PRO A . n 
A 1 144 TYR 144 141 141 TYR TYR A . n 
A 1 145 ILE 145 142 142 ILE ILE A . n 
A 1 146 SER 146 143 143 SER SER A . n 
A 1 147 GLY 147 144 144 GLY GLY A . n 
A 1 148 GLU 148 145 145 GLU GLU A . n 
A 1 149 ASN 149 146 146 ASN ASN A . n 
A 1 150 VAL 150 147 147 VAL VAL A . n 
A 1 151 SER 151 148 148 SER SER A . n 
A 1 152 ALA 152 149 149 ALA ALA A . n 
A 1 153 ALA 153 150 150 ALA ALA A . n 
A 1 154 ASP 154 151 151 ASP ASP A . n 
A 1 155 LEU 155 152 152 LEU LEU A . n 
A 1 156 SER 156 153 153 SER SER A . n 
A 1 157 LEU 157 154 154 LEU LEU A . n 
A 1 158 GLY 158 155 155 GLY GLY A . n 
A 1 159 PRO 159 156 156 PRO PRO A . n 
A 1 160 LYS 160 157 157 LYS LYS A . n 
A 1 161 LEU 161 158 158 LEU LEU A . n 
A 1 162 PHE 162 159 159 PHE PHE A . n 
A 1 163 HIS 163 160 160 HIS HIS A . n 
A 1 164 LEU 164 161 161 LEU LEU A . n 
A 1 165 GLN 165 162 162 GLN GLN A . n 
A 1 166 VAL 166 163 163 VAL VAL A . n 
A 1 167 ALA 167 164 164 ALA ALA A . n 
A 1 168 LEU 168 165 165 LEU LEU A . n 
A 1 169 GLU 169 166 166 GLU GLU A . n 
A 1 170 HIS 170 167 167 HIS HIS A . n 
A 1 171 PHE 171 168 168 PHE PHE A . n 
A 1 172 LYS 172 169 169 LYS LYS A . n 
A 1 173 GLY 173 170 170 GLY GLY A . n 
A 1 174 TRP 174 171 171 TRP TRP A . n 
A 1 175 LYS 175 172 172 LYS LYS A . n 
A 1 176 ILE 176 173 173 ILE ILE A . n 
A 1 177 PRO 177 174 174 PRO PRO A . n 
A 1 178 GLU 178 175 175 GLU GLU A . n 
A 1 179 ASN 179 176 176 ASN ASN A . n 
A 1 180 LEU 180 177 177 LEU LEU A . n 
A 1 181 THR 181 178 178 THR THR A . n 
A 1 182 SER 182 179 179 SER SER A . n 
A 1 183 VAL 183 180 180 VAL VAL A . n 
A 1 184 HIS 184 181 181 HIS HIS A . n 
A 1 185 ALA 185 182 182 ALA ALA A . n 
A 1 186 TYR 186 183 183 TYR TYR A . n 
A 1 187 THR 187 184 184 THR THR A . n 
A 1 188 LYS 188 185 185 LYS LYS A . n 
A 1 189 ALA 189 186 186 ALA ALA A . n 
A 1 190 LEU 190 187 187 LEU LEU A . n 
A 1 191 PHE 191 188 188 PHE PHE A . n 
A 1 192 SER 192 189 189 SER SER A . n 
A 1 193 ARG 193 190 190 ARG ARG A . n 
A 1 194 GLU 194 191 191 GLU GLU A . n 
A 1 195 SER 195 192 192 SER SER A . n 
A 1 196 PHE 196 193 193 PHE PHE A . n 
A 1 197 VAL 197 194 194 VAL VAL A . n 
A 1 198 LYS 198 195 195 LYS LYS A . n 
A 1 199 THR 199 196 196 THR THR A . n 
A 1 200 LYS 200 197 197 LYS LYS A . n 
A 1 201 PRO 201 198 198 PRO PRO A . n 
A 1 202 ALA 202 199 199 ALA ALA A . n 
A 1 203 ASN 203 200 200 ASN ASN A . n 
A 1 204 GLN 204 201 201 GLN GLN A . n 
A 1 205 TYR 205 202 202 TYR TYR A . n 
A 1 206 LEU 206 203 203 LEU LEU A . n 
A 1 207 ILE 207 204 204 ILE ILE A . n 
A 1 208 ALA 208 205 205 ALA ALA A . n 
A 1 209 GLY 209 206 206 GLY GLY A . n 
A 1 210 TRP 210 207 207 TRP TRP A . n 
A 1 211 ALA 211 208 208 ALA ALA A . n 
A 1 212 PRO 212 209 209 PRO PRO A . n 
A 1 213 LYS 213 210 210 LYS LYS A . n 
A 1 214 VAL 214 211 211 VAL VAL A . n 
A 1 215 ASN 215 212 212 ASN ASN A . n 
A 1 216 ALA 216 213 ?   ?   ?   A . n 
# 
loop_
_pdbx_nonpoly_scheme.asym_id 
_pdbx_nonpoly_scheme.entity_id 
_pdbx_nonpoly_scheme.mon_id 
_pdbx_nonpoly_scheme.ndb_seq_num 
_pdbx_nonpoly_scheme.pdb_seq_num 
_pdbx_nonpoly_scheme.auth_seq_num 
_pdbx_nonpoly_scheme.pdb_mon_id 
_pdbx_nonpoly_scheme.auth_mon_id 
_pdbx_nonpoly_scheme.pdb_strand_id 
_pdbx_nonpoly_scheme.pdb_ins_code 
B 2 ACT 1  301 301 ACT ACT A . 
C 3 GOL 1  302 303 GOL GOL A . 
D 4 HOH 1  401 414 HOH HOH A . 
D 4 HOH 2  402 415 HOH HOH A . 
D 4 HOH 3  403 423 HOH HOH A . 
D 4 HOH 4  404 451 HOH HOH A . 
D 4 HOH 5  405 437 HOH HOH A . 
D 4 HOH 6  406 417 HOH HOH A . 
D 4 HOH 7  407 401 HOH HOH A . 
D 4 HOH 8  408 450 HOH HOH A . 
D 4 HOH 9  409 443 HOH HOH A . 
D 4 HOH 10 418 418 HOH HOH A . 
D 4 HOH 11 411 461 HOH HOH A . 
D 4 HOH 12 412 435 HOH HOH A . 
D 4 HOH 13 413 426 HOH HOH A . 
D 4 HOH 14 414 420 HOH HOH A . 
D 4 HOH 15 415 421 HOH HOH A . 
D 4 HOH 16 416 408 HOH HOH A . 
D 4 HOH 17 417 402 HOH HOH A . 
D 4 HOH 18 410 428 HOH HOH A . 
D 4 HOH 19 419 439 HOH HOH A . 
D 4 HOH 20 473 473 HOH HOH A . 
D 4 HOH 21 421 466 HOH HOH A . 
D 4 HOH 22 422 404 HOH HOH A . 
D 4 HOH 23 423 425 HOH HOH A . 
D 4 HOH 24 424 453 HOH HOH A . 
D 4 HOH 25 425 467 HOH HOH A . 
D 4 HOH 26 426 431 HOH HOH A . 
D 4 HOH 27 427 430 HOH HOH A . 
D 4 HOH 28 465 465 HOH HOH A . 
D 4 HOH 29 429 436 HOH HOH A . 
D 4 HOH 30 430 463 HOH HOH A . 
D 4 HOH 31 431 452 HOH HOH A . 
D 4 HOH 32 432 405 HOH HOH A . 
D 4 HOH 33 433 457 HOH HOH A . 
D 4 HOH 34 434 438 HOH HOH A . 
D 4 HOH 35 435 447 HOH HOH A . 
D 4 HOH 36 436 456 HOH HOH A . 
D 4 HOH 37 437 403 HOH HOH A . 
D 4 HOH 38 438 407 HOH HOH A . 
D 4 HOH 39 439 416 HOH HOH A . 
D 4 HOH 40 440 406 HOH HOH A . 
D 4 HOH 41 441 446 HOH HOH A . 
D 4 HOH 42 442 442 HOH HOH A . 
D 4 HOH 43 443 455 HOH HOH A . 
D 4 HOH 44 444 424 HOH HOH A . 
D 4 HOH 45 445 449 HOH HOH A . 
D 4 HOH 46 446 411 HOH HOH A . 
D 4 HOH 47 447 432 HOH HOH A . 
D 4 HOH 48 448 440 HOH HOH A . 
D 4 HOH 49 449 454 HOH HOH A . 
D 4 HOH 50 450 462 HOH HOH A . 
D 4 HOH 51 451 445 HOH HOH A . 
D 4 HOH 52 452 427 HOH HOH A . 
D 4 HOH 53 453 469 HOH HOH A . 
D 4 HOH 54 454 472 HOH HOH A . 
D 4 HOH 55 455 413 HOH HOH A . 
D 4 HOH 56 456 471 HOH HOH A . 
D 4 HOH 57 457 464 HOH HOH A . 
D 4 HOH 58 458 409 HOH HOH A . 
D 4 HOH 59 460 460 HOH HOH A . 
D 4 HOH 60 459 459 HOH HOH A . 
D 4 HOH 61 461 468 HOH HOH A . 
D 4 HOH 62 462 458 HOH HOH A . 
D 4 HOH 63 463 470 HOH HOH A . 
D 4 HOH 64 464 441 HOH HOH A . 
# 
loop_
_pdbx_unobs_or_zero_occ_atoms.id 
_pdbx_unobs_or_zero_occ_atoms.PDB_model_num 
_pdbx_unobs_or_zero_occ_atoms.polymer_flag 
_pdbx_unobs_or_zero_occ_atoms.occupancy_flag 
_pdbx_unobs_or_zero_occ_atoms.auth_asym_id 
_pdbx_unobs_or_zero_occ_atoms.auth_comp_id 
_pdbx_unobs_or_zero_occ_atoms.auth_seq_id 
_pdbx_unobs_or_zero_occ_atoms.PDB_ins_code 
_pdbx_unobs_or_zero_occ_atoms.auth_atom_id 
_pdbx_unobs_or_zero_occ_atoms.label_alt_id 
_pdbx_unobs_or_zero_occ_atoms.label_asym_id 
_pdbx_unobs_or_zero_occ_atoms.label_comp_id 
_pdbx_unobs_or_zero_occ_atoms.label_seq_id 
_pdbx_unobs_or_zero_occ_atoms.label_atom_id 
1  1 Y 1 A LYS 34  ? CE  ? A LYS 37  CE  
2  1 Y 1 A LYS 34  ? NZ  ? A LYS 37  NZ  
3  1 Y 1 A LYS 53  ? CG  ? A LYS 56  CG  
4  1 Y 1 A LYS 53  ? CD  ? A LYS 56  CD  
5  1 Y 1 A LYS 53  ? CE  ? A LYS 56  CE  
6  1 Y 1 A LYS 53  ? NZ  ? A LYS 56  NZ  
7  1 Y 1 A GLU 57  ? CD  ? A GLU 60  CD  
8  1 Y 1 A GLU 57  ? OE1 ? A GLU 60  OE1 
9  1 Y 1 A GLU 57  ? OE2 ? A GLU 60  OE2 
10 1 Y 1 A LYS 59  ? CD  ? A LYS 62  CD  
11 1 Y 1 A LYS 59  ? CE  ? A LYS 62  CE  
12 1 Y 1 A LYS 59  ? NZ  ? A LYS 62  NZ  
13 1 Y 1 A LYS 69  ? CD  ? A LYS 72  CD  
14 1 Y 1 A LYS 69  ? CE  ? A LYS 72  CE  
15 1 Y 1 A LYS 69  ? NZ  ? A LYS 72  NZ  
16 1 Y 1 A LYS 109 ? CD  ? A LYS 112 CD  
17 1 Y 1 A LYS 109 ? CE  ? A LYS 112 CE  
18 1 Y 1 A LYS 109 ? NZ  ? A LYS 112 NZ  
19 1 Y 1 A LYS 112 ? NZ  ? A LYS 115 NZ  
20 1 Y 1 A LYS 114 ? CD  ? A LYS 117 CD  
21 1 Y 1 A LYS 114 ? CE  ? A LYS 117 CE  
22 1 Y 1 A LYS 114 ? NZ  ? A LYS 117 NZ  
23 1 Y 1 A SER 117 ? OG  ? A SER 120 OG  
24 1 Y 1 A LYS 136 ? CE  ? A LYS 139 CE  
25 1 Y 1 A LYS 136 ? NZ  ? A LYS 139 NZ  
26 1 Y 1 A ASN 212 ? CG  ? A ASN 215 CG  
27 1 Y 1 A ASN 212 ? OD1 ? A ASN 215 OD1 
28 1 Y 1 A ASN 212 ? ND2 ? A ASN 215 ND2 
# 
loop_
_software.citation_id 
_software.classification 
_software.compiler_name 
_software.compiler_version 
_software.contact_author 
_software.contact_author_email 
_software.date 
_software.description 
_software.dependencies 
_software.hardware 
_software.language 
_software.location 
_software.mods 
_software.name 
_software.os 
_software.os_version 
_software.type 
_software.version 
_software.pdbx_ordinal 
? refinement       ? ? ? ? ? ? ? ? ? ? ? BUSTER   ? ? ? 2.10.2 1 
? 'data reduction' ? ? ? ? ? ? ? ? ? ? ? HKL-2000 ? ? ? .      2 
? 'data scaling'   ? ? ? ? ? ? ? ? ? ? ? HKL-2000 ? ? ? .      3 
? phasing          ? ? ? ? ? ? ? ? ? ? ? BALBES   ? ? ? .      4 
# 
_cell.entry_id           5EVO 
_cell.length_a           69.494 
_cell.length_b           69.494 
_cell.length_c           111.557 
_cell.angle_alpha        90.00 
_cell.angle_beta         90.00 
_cell.angle_gamma        90.00 
_cell.Z_PDB              8 
_cell.pdbx_unique_axis   ? 
# 
_symmetry.entry_id                         5EVO 
_symmetry.space_group_name_H-M             'P 43 2 2' 
_symmetry.pdbx_full_space_group_name_H-M   ? 
_symmetry.cell_setting                     ? 
_symmetry.Int_Tables_number                95 
# 
_exptl.absorpt_coefficient_mu     ? 
_exptl.absorpt_correction_T_max   ? 
_exptl.absorpt_correction_T_min   ? 
_exptl.absorpt_correction_type    ? 
_exptl.absorpt_process_details    ? 
_exptl.entry_id                   5EVO 
_exptl.crystals_number            1 
_exptl.details                    ? 
_exptl.method                     'X-RAY DIFFRACTION' 
_exptl.method_details             ? 
# 
_exptl_crystal.colour                      ? 
_exptl_crystal.density_diffrn              ? 
_exptl_crystal.density_Matthews            2.84 
_exptl_crystal.density_method              ? 
_exptl_crystal.density_percent_sol         56.67 
_exptl_crystal.description                 ? 
_exptl_crystal.F_000                       ? 
_exptl_crystal.id                          1 
_exptl_crystal.preparation                 ? 
_exptl_crystal.size_max                    ? 
_exptl_crystal.size_mid                    ? 
_exptl_crystal.size_min                    ? 
_exptl_crystal.size_rad                    ? 
_exptl_crystal.colour_lustre               ? 
_exptl_crystal.colour_modifier             ? 
_exptl_crystal.colour_primary              ? 
_exptl_crystal.density_meas                ? 
_exptl_crystal.density_meas_esd            ? 
_exptl_crystal.density_meas_gt             ? 
_exptl_crystal.density_meas_lt             ? 
_exptl_crystal.density_meas_temp           ? 
_exptl_crystal.density_meas_temp_esd       ? 
_exptl_crystal.density_meas_temp_gt        ? 
_exptl_crystal.density_meas_temp_lt        ? 
_exptl_crystal.pdbx_crystal_image_url      ? 
_exptl_crystal.pdbx_crystal_image_format   ? 
_exptl_crystal.pdbx_mosaicity              ? 
_exptl_crystal.pdbx_mosaicity_esd          ? 
# 
_exptl_crystal_grow.apparatus       ? 
_exptl_crystal_grow.atmosphere      ? 
_exptl_crystal_grow.crystal_id      1 
_exptl_crystal_grow.details         ? 
_exptl_crystal_grow.method          'VAPOR DIFFUSION, SITTING DROP' 
_exptl_crystal_grow.method_ref      ? 
_exptl_crystal_grow.pH              4.6 
_exptl_crystal_grow.pressure        ? 
_exptl_crystal_grow.pressure_esd    ? 
_exptl_crystal_grow.seeding         ? 
_exptl_crystal_grow.seeding_ref     ? 
_exptl_crystal_grow.temp            293 
_exptl_crystal_grow.temp_details    ? 
_exptl_crystal_grow.temp_esd        ? 
_exptl_crystal_grow.time            ? 
_exptl_crystal_grow.pdbx_details    'SODIUM ACETATE, AMMONIUM SULFATE' 
_exptl_crystal_grow.pdbx_pH_range   ? 
# 
_diffrn.ambient_environment    ? 
_diffrn.ambient_temp           100 
_diffrn.ambient_temp_details   ? 
_diffrn.ambient_temp_esd       ? 
_diffrn.crystal_id             1 
_diffrn.crystal_support        ? 
_diffrn.crystal_treatment      ? 
_diffrn.details                ? 
_diffrn.id                     1 
_diffrn.ambient_pressure       ? 
_diffrn.ambient_pressure_esd   ? 
_diffrn.ambient_pressure_gt    ? 
_diffrn.ambient_pressure_lt    ? 
_diffrn.ambient_temp_gt        ? 
_diffrn.ambient_temp_lt        ? 
# 
_diffrn_detector.details                      ? 
_diffrn_detector.detector                     'IMAGE PLATE' 
_diffrn_detector.diffrn_id                    1 
_diffrn_detector.type                         'MAR scanner 345 mm plate' 
_diffrn_detector.area_resol_mean              ? 
_diffrn_detector.dtime                        ? 
_diffrn_detector.pdbx_frames_total            ? 
_diffrn_detector.pdbx_collection_time_total   ? 
_diffrn_detector.pdbx_collection_date         2014-08-18 
# 
_diffrn_radiation.collimation                      ? 
_diffrn_radiation.diffrn_id                        1 
_diffrn_radiation.filter_edge                      ? 
_diffrn_radiation.inhomogeneity                    ? 
_diffrn_radiation.monochromator                    ? 
_diffrn_radiation.polarisn_norm                    ? 
_diffrn_radiation.polarisn_ratio                   ? 
_diffrn_radiation.probe                            ? 
_diffrn_radiation.type                             ? 
_diffrn_radiation.xray_symbol                      ? 
_diffrn_radiation.wavelength_id                    1 
_diffrn_radiation.pdbx_monochromatic_or_laue_m_l   M 
_diffrn_radiation.pdbx_wavelength_list             ? 
_diffrn_radiation.pdbx_wavelength                  ? 
_diffrn_radiation.pdbx_diffrn_protocol             'SINGLE WAVELENGTH' 
_diffrn_radiation.pdbx_analyzer                    ? 
_diffrn_radiation.pdbx_scattering_type             x-ray 
# 
_diffrn_radiation_wavelength.id           1 
_diffrn_radiation_wavelength.wavelength   1.5418 
_diffrn_radiation_wavelength.wt           1.0 
# 
_diffrn_source.current                     ? 
_diffrn_source.details                     ? 
_diffrn_source.diffrn_id                   1 
_diffrn_source.power                       ? 
_diffrn_source.size                        ? 
_diffrn_source.source                      'ROTATING ANODE' 
_diffrn_source.target                      ? 
_diffrn_source.type                        'RIGAKU MICROMAX-007' 
_diffrn_source.voltage                     ? 
_diffrn_source.take-off_angle              ? 
_diffrn_source.pdbx_wavelength_list        1.5418 
_diffrn_source.pdbx_wavelength             ? 
_diffrn_source.pdbx_synchrotron_beamline   ? 
_diffrn_source.pdbx_synchrotron_site       ? 
# 
_reflns.pdbx_diffrn_id               1 
_reflns.pdbx_ordinal                 1 
_reflns.entry_id                     5EVO 
_reflns.observed_criterion_sigma_I   ? 
_reflns.observed_criterion_sigma_F   ? 
_reflns.d_resolution_low             50.000 
_reflns.d_resolution_high            2.500 
_reflns.number_obs                   9893 
_reflns.number_all                   ? 
_reflns.percent_possible_obs         99.4 
_reflns.pdbx_Rmerge_I_obs            ? 
_reflns.pdbx_Rsym_value              ? 
_reflns.pdbx_netI_over_sigmaI        28.9900 
_reflns.B_iso_Wilson_estimate        62.74 
_reflns.pdbx_redundancy              8.800 
# 
_refine.pdbx_refine_id                           'X-RAY DIFFRACTION' 
_refine.entry_id                                 5EVO 
_refine.pdbx_diffrn_id                           1 
_refine.pdbx_TLS_residual_ADP_flag               ? 
_refine.ls_number_reflns_obs                     9838 
_refine.ls_number_reflns_all                     ? 
_refine.pdbx_ls_sigma_I                          ? 
_refine.pdbx_ls_sigma_F                          0.0 
_refine.pdbx_data_cutoff_high_absF               ? 
_refine.pdbx_data_cutoff_low_absF                ? 
_refine.pdbx_data_cutoff_high_rms_absF           ? 
_refine.ls_d_res_low                             49.14 
_refine.ls_d_res_high                            2.51 
_refine.ls_percent_reflns_obs                    99.48 
_refine.ls_R_factor_obs                          0.1981 
_refine.ls_R_factor_all                          ? 
_refine.ls_R_factor_R_work                       0.1960 
_refine.ls_R_factor_R_free                       0.2408 
_refine.ls_R_factor_R_free_error                 ? 
_refine.ls_R_factor_R_free_error_details         ? 
_refine.ls_percent_reflns_R_free                 4.81 
_refine.ls_number_reflns_R_free                  473 
_refine.ls_number_parameters                     ? 
_refine.ls_number_restraints                     ? 
_refine.occupancy_min                            ? 
_refine.occupancy_max                            ? 
_refine.correlation_coeff_Fo_to_Fc               0.9376 
_refine.correlation_coeff_Fo_to_Fc_free          0.9103 
_refine.B_iso_mean                               52.89 
_refine.aniso_B[1][1]                            -2.7708 
_refine.aniso_B[2][2]                            -2.7708 
_refine.aniso_B[3][3]                            5.5417 
_refine.aniso_B[1][2]                            0.0000 
_refine.aniso_B[1][3]                            0.0000 
_refine.aniso_B[2][3]                            0.0000 
_refine.solvent_model_details                    ? 
_refine.solvent_model_param_ksol                 ? 
_refine.solvent_model_param_bsol                 ? 
_refine.pdbx_solvent_vdw_probe_radii             ? 
_refine.pdbx_solvent_ion_probe_radii             ? 
_refine.pdbx_solvent_shrinkage_radii             ? 
_refine.pdbx_ls_cross_valid_method               THROUGHOUT 
_refine.details                                  ? 
_refine.pdbx_starting_model                      ? 
_refine.pdbx_method_to_determine_struct          ? 
_refine.pdbx_isotropic_thermal_model             ? 
_refine.pdbx_stereochemistry_target_values       ? 
_refine.pdbx_stereochem_target_val_spec_case     ? 
_refine.pdbx_R_Free_selection_details            RANDOM 
_refine.pdbx_overall_ESU_R                       ? 
_refine.pdbx_overall_ESU_R_Free                  ? 
_refine.overall_SU_ML                            ? 
_refine.pdbx_overall_phase_error                 ? 
_refine.overall_SU_B                             ? 
_refine.overall_SU_R_Cruickshank_DPI             0.371 
_refine.pdbx_overall_SU_R_free_Cruickshank_DPI   0.252 
_refine.pdbx_overall_SU_R_Blow_DPI               0.417 
_refine.pdbx_overall_SU_R_free_Blow_DPI          0.257 
# 
_refine_analyze.pdbx_refine_id                  'X-RAY DIFFRACTION' 
_refine_analyze.entry_id                        5EVO 
_refine_analyze.Luzzati_coordinate_error_obs    0.316 
_refine_analyze.Luzzati_sigma_a_obs             ? 
_refine_analyze.Luzzati_d_res_low_obs           ? 
_refine_analyze.Luzzati_coordinate_error_free   ? 
_refine_analyze.Luzzati_sigma_a_free            ? 
_refine_analyze.Luzzati_d_res_low_free          ? 
_refine_analyze.number_disordered_residues      ? 
_refine_analyze.occupancy_sum_hydrogen          ? 
_refine_analyze.occupancy_sum_non_hydrogen      ? 
# 
_refine_hist.pdbx_refine_id                   'X-RAY DIFFRACTION' 
_refine_hist.cycle_id                         LAST 
_refine_hist.pdbx_number_atoms_protein        1631 
_refine_hist.pdbx_number_atoms_nucleic_acid   0 
_refine_hist.pdbx_number_atoms_ligand         10 
_refine_hist.number_atoms_solvent             64 
_refine_hist.number_atoms_total               1705 
_refine_hist.d_res_high                       2.51 
_refine_hist.d_res_low                        49.14 
# 
loop_
_refine_ls_restr.type 
_refine_ls_restr.dev_ideal 
_refine_ls_restr.dev_ideal_target 
_refine_ls_restr.weight 
_refine_ls_restr.number 
_refine_ls_restr.pdbx_refine_id 
_refine_ls_restr.pdbx_restraint_function 
t_bond_d                  0.009 ? 2.00  1686 'X-RAY DIFFRACTION' HARMONIC     
t_angle_deg               1.12  ? 2.00  2293 'X-RAY DIFFRACTION' HARMONIC     
t_dihedral_angle_d        ?     ? 2.00  551  'X-RAY DIFFRACTION' SINUSOIDAL   
t_incorr_chiral_ct        ?     ? ?     ?    'X-RAY DIFFRACTION' ?            
t_pseud_angle             ?     ? ?     ?    'X-RAY DIFFRACTION' ?            
t_trig_c_planes           ?     ? 2.00  36   'X-RAY DIFFRACTION' HARMONIC     
t_gen_planes              ?     ? 5.00  242  'X-RAY DIFFRACTION' HARMONIC     
t_it                      ?     ? 20.00 1686 'X-RAY DIFFRACTION' HARMONIC     
t_nbd                     ?     ? ?     ?    'X-RAY DIFFRACTION' ?            
t_omega_torsion           2.75  ? ?     ?    'X-RAY DIFFRACTION' ?            
t_other_torsion           17.22 ? ?     ?    'X-RAY DIFFRACTION' ?            
t_improper_torsion        ?     ? ?     ?    'X-RAY DIFFRACTION' ?            
t_chiral_improper_torsion ?     ? 5.00  219  'X-RAY DIFFRACTION' SEMIHARMONIC 
t_sum_occupancies         ?     ? ?     ?    'X-RAY DIFFRACTION' ?            
t_utility_distance        ?     ? ?     ?    'X-RAY DIFFRACTION' ?            
t_utility_angle           ?     ? ?     ?    'X-RAY DIFFRACTION' ?            
t_utility_torsion         ?     ? ?     ?    'X-RAY DIFFRACTION' ?            
t_ideal_dist_contact      ?     ? 4.00  1991 'X-RAY DIFFRACTION' SEMIHARMONIC 
# 
_refine_ls_shell.pdbx_refine_id                   'X-RAY DIFFRACTION' 
_refine_ls_shell.pdbx_total_number_of_bins_used   5 
_refine_ls_shell.d_res_high                       2.51 
_refine_ls_shell.d_res_low                        2.81 
_refine_ls_shell.number_reflns_R_work             2550 
_refine_ls_shell.R_factor_R_work                  0.2119 
_refine_ls_shell.percent_reflns_obs               98.28 
_refine_ls_shell.R_factor_R_free                  0.2802 
_refine_ls_shell.R_factor_R_free_error            ? 
_refine_ls_shell.percent_reflns_R_free            4.99 
_refine_ls_shell.number_reflns_R_free             134 
_refine_ls_shell.number_reflns_all                2684 
_refine_ls_shell.R_factor_all                     0.2155 
_refine_ls_shell.R_factor_obs                     ? 
_refine_ls_shell.number_reflns_obs                ? 
# 
_struct.entry_id                     5EVO 
_struct.title                        
;Structure of Dehydroascrobate Reductase from Pennisetum Americanum in complex with two non-native ligands, Acetate in the G-site and Glycerol in the H-site
;
_struct.pdbx_model_details           ? 
_struct.pdbx_formula_weight          ? 
_struct.pdbx_formula_weight_method   ? 
_struct.pdbx_model_type_details      ? 
_struct.pdbx_CASP_flag               ? 
# 
_struct_keywords.entry_id        5EVO 
_struct_keywords.text            'APO(NATIVE), DHAR, OXIDOREDUCTASE, Non-Native ligands, Acetate (G-site), Glycerol (H-site)' 
_struct_keywords.pdbx_keywords   OXIDOREDUCTASE 
# 
loop_
_struct_asym.id 
_struct_asym.pdbx_blank_PDB_chainid_flag 
_struct_asym.pdbx_modified 
_struct_asym.entity_id 
_struct_asym.details 
A N N 1 ? 
B N N 2 ? 
C N N 3 ? 
D N N 4 ? 
# 
_struct_ref.db_code                    U5XYA0_PENAM 
_struct_ref.db_name                    UNP 
_struct_ref.details                    ? 
_struct_ref.entity_id                  1 
_struct_ref.id                         1 
_struct_ref.seq_align                  ? 
_struct_ref.seq_dif                    ? 
_struct_ref.pdbx_db_accession          U5XYA0 
_struct_ref.pdbx_db_isoform            ? 
_struct_ref.pdbx_seq_one_letter_code   
;MAVEVCVKAAVGAPDILGDCPFSQRVLLTLEEKKITYEMKLVDLSNKPEWFLKISPEGKVPVFNSGDGKWIADSDVITQV
IEEKFPTPSLVTPPEYASVGSKIFPSFVKFLKSKDASDGSEKALLDELQALDEHLKAHGPYISGENVSAADLSLGPKLFH
LQVALEHFKGWKIPENLTSVHAYTKALFSRESFVKTKPANQYLIAGWAPKVNA
;
_struct_ref.pdbx_align_begin           1 
_struct_ref.pdbx_align_end             ? 
# 
_struct_ref_seq.align_id                      1 
_struct_ref_seq.ref_id                        1 
_struct_ref_seq.pdbx_PDB_id_code              5EVO 
_struct_ref_seq.pdbx_strand_id                A 
_struct_ref_seq.seq_align_beg                 4 
_struct_ref_seq.pdbx_seq_align_beg_ins_code   ? 
_struct_ref_seq.seq_align_end                 216 
_struct_ref_seq.pdbx_seq_align_end_ins_code   ? 
_struct_ref_seq.pdbx_db_accession             U5XYA0 
_struct_ref_seq.db_align_beg                  1 
_struct_ref_seq.pdbx_db_align_beg_ins_code    ? 
_struct_ref_seq.db_align_end                  213 
_struct_ref_seq.pdbx_db_align_end_ins_code    ? 
_struct_ref_seq.pdbx_auth_seq_align_beg       1 
_struct_ref_seq.pdbx_auth_seq_align_end       213 
# 
loop_
_struct_ref_seq_dif.align_id 
_struct_ref_seq_dif.pdbx_pdb_id_code 
_struct_ref_seq_dif.mon_id 
_struct_ref_seq_dif.pdbx_pdb_strand_id 
_struct_ref_seq_dif.seq_num 
_struct_ref_seq_dif.pdbx_pdb_ins_code 
_struct_ref_seq_dif.pdbx_seq_db_name 
_struct_ref_seq_dif.pdbx_seq_db_accession_code 
_struct_ref_seq_dif.db_mon_id 
_struct_ref_seq_dif.pdbx_seq_db_seq_num 
_struct_ref_seq_dif.details 
_struct_ref_seq_dif.pdbx_auth_seq_num 
_struct_ref_seq_dif.pdbx_ordinal 
1 5EVO GLY A 1 ? UNP U5XYA0 ? ? 'expression tag' -2 1 
1 5EVO SER A 2 ? UNP U5XYA0 ? ? 'expression tag' -1 2 
1 5EVO HIS A 3 ? UNP U5XYA0 ? ? 'expression tag' 0  3 
# 
_pdbx_struct_assembly.id                   1 
_pdbx_struct_assembly.details              author_and_software_defined_assembly 
_pdbx_struct_assembly.method_details       PISA 
_pdbx_struct_assembly.oligomeric_details   dimeric 
_pdbx_struct_assembly.oligomeric_count     2 
# 
loop_
_pdbx_struct_assembly_prop.biol_id 
_pdbx_struct_assembly_prop.type 
_pdbx_struct_assembly_prop.value 
_pdbx_struct_assembly_prop.details 
1 'ABSA (A^2)' 2250  ? 
1 MORE         -12   ? 
1 'SSA (A^2)'  19690 ? 
# 
_pdbx_struct_assembly_gen.assembly_id       1 
_pdbx_struct_assembly_gen.oper_expression   1,2 
_pdbx_struct_assembly_gen.asym_id_list      A,B,C,D 
# 
loop_
_pdbx_struct_oper_list.id 
_pdbx_struct_oper_list.type 
_pdbx_struct_oper_list.name 
_pdbx_struct_oper_list.symmetry_operation 
_pdbx_struct_oper_list.matrix[1][1] 
_pdbx_struct_oper_list.matrix[1][2] 
_pdbx_struct_oper_list.matrix[1][3] 
_pdbx_struct_oper_list.vector[1] 
_pdbx_struct_oper_list.matrix[2][1] 
_pdbx_struct_oper_list.matrix[2][2] 
_pdbx_struct_oper_list.matrix[2][3] 
_pdbx_struct_oper_list.vector[2] 
_pdbx_struct_oper_list.matrix[3][1] 
_pdbx_struct_oper_list.matrix[3][2] 
_pdbx_struct_oper_list.matrix[3][3] 
_pdbx_struct_oper_list.vector[3] 
1 'identity operation'         1_555 x,y,z   1.0000000000 0.0000000000  0.0000000000 0.0000000000  0.0000000000  1.0000000000  0.0000000000  0.0000000000   0.0000000000 0.0000000000  1.0000000000  0.0000000000  
2 'crystal symmetry operation' 5_555 -x,y,-z 0.7336481918 -0.4696179735 0.4911408043 -4.8418818505 -0.4696179735 -0.8727878920 -0.1330423037 -27.4394456886 0.4911408043 -0.1330423037 -0.8608602998 -9.1459254133 
# 
loop_
_struct_conf.conf_type_id 
_struct_conf.id 
_struct_conf.pdbx_PDB_helix_id 
_struct_conf.beg_label_comp_id 
_struct_conf.beg_label_asym_id 
_struct_conf.beg_label_seq_id 
_struct_conf.pdbx_beg_PDB_ins_code 
_struct_conf.end_label_comp_id 
_struct_conf.end_label_asym_id 
_struct_conf.end_label_seq_id 
_struct_conf.pdbx_end_PDB_ins_code 
_struct_conf.beg_auth_comp_id 
_struct_conf.beg_auth_asym_id 
_struct_conf.beg_auth_seq_id 
_struct_conf.end_auth_comp_id 
_struct_conf.end_auth_asym_id 
_struct_conf.end_auth_seq_id 
_struct_conf.pdbx_PDB_helix_class 
_struct_conf.details 
_struct_conf.pdbx_PDB_helix_length 
HELX_P HELX_P1  AA1 CYS A 23  ? LYS A 36  ? CYS A 20  LYS A 33  1 ? 14 
HELX_P HELX_P2  AA2 ASP A 46  ? LYS A 50  ? ASP A 43  LYS A 47  5 ? 5  
HELX_P HELX_P3  AA3 PRO A 51  ? SER A 58  ? PRO A 48  SER A 55  1 ? 8  
HELX_P HELX_P4  AA4 ASP A 76  ? PHE A 88  ? ASP A 73  PHE A 85  1 ? 13 
HELX_P HELX_P5  AA5 PRO A 96  ? ALA A 100 ? PRO A 93  ALA A 97  5 ? 5  
HELX_P HELX_P6  AA6 LYS A 105 ? SER A 116 ? LYS A 102 SER A 113 1 ? 12 
HELX_P HELX_P7  AA7 GLY A 122 ? GLY A 142 ? GLY A 119 GLY A 139 1 ? 21 
HELX_P HELX_P8  AA8 SER A 151 ? GLY A 173 ? SER A 148 GLY A 170 1 ? 23 
HELX_P HELX_P9  AA9 LEU A 180 ? ARG A 193 ? LEU A 177 ARG A 190 1 ? 14 
HELX_P HELX_P10 AB1 ARG A 193 ? LYS A 200 ? ARG A 190 LYS A 197 1 ? 8  
HELX_P HELX_P11 AB2 ALA A 202 ? ASN A 215 ? ALA A 199 ASN A 212 1 ? 14 
# 
_struct_conf_type.id          HELX_P 
_struct_conf_type.criteria    ? 
_struct_conf_type.reference   ? 
# 
loop_
_struct_mon_prot_cis.pdbx_id 
_struct_mon_prot_cis.label_comp_id 
_struct_mon_prot_cis.label_seq_id 
_struct_mon_prot_cis.label_asym_id 
_struct_mon_prot_cis.label_alt_id 
_struct_mon_prot_cis.pdbx_PDB_ins_code 
_struct_mon_prot_cis.auth_comp_id 
_struct_mon_prot_cis.auth_seq_id 
_struct_mon_prot_cis.auth_asym_id 
_struct_mon_prot_cis.pdbx_label_comp_id_2 
_struct_mon_prot_cis.pdbx_label_seq_id_2 
_struct_mon_prot_cis.pdbx_label_asym_id_2 
_struct_mon_prot_cis.pdbx_PDB_ins_code_2 
_struct_mon_prot_cis.pdbx_auth_comp_id_2 
_struct_mon_prot_cis.pdbx_auth_seq_id_2 
_struct_mon_prot_cis.pdbx_auth_asym_id_2 
_struct_mon_prot_cis.pdbx_PDB_model_num 
_struct_mon_prot_cis.pdbx_omega_angle 
1 VAL 63  A . ? VAL 60  A PRO 64  A ? PRO 61  A 1 1.03  
2 THR 90  A . ? THR 87  A PRO 91  A ? PRO 88  A 1 -0.49 
3 GLY 142 A . ? GLY 139 A PRO 143 A ? PRO 140 A 1 2.48  
# 
loop_
_struct_sheet.id 
_struct_sheet.type 
_struct_sheet.number_strands 
_struct_sheet.details 
AA1 ? 3 ? 
AA2 ? 4 ? 
# 
loop_
_struct_sheet_order.sheet_id 
_struct_sheet_order.range_id_1 
_struct_sheet_order.range_id_2 
_struct_sheet_order.offset 
_struct_sheet_order.sense 
AA1 1 2 ? anti-parallel 
AA1 2 3 ? parallel      
AA2 1 2 ? anti-parallel 
AA2 2 3 ? anti-parallel 
AA2 3 4 ? anti-parallel 
# 
loop_
_struct_sheet_range.sheet_id 
_struct_sheet_range.id 
_struct_sheet_range.beg_label_comp_id 
_struct_sheet_range.beg_label_asym_id 
_struct_sheet_range.beg_label_seq_id 
_struct_sheet_range.pdbx_beg_PDB_ins_code 
_struct_sheet_range.end_label_comp_id 
_struct_sheet_range.end_label_asym_id 
_struct_sheet_range.end_label_seq_id 
_struct_sheet_range.pdbx_end_PDB_ins_code 
_struct_sheet_range.beg_auth_comp_id 
_struct_sheet_range.beg_auth_asym_id 
_struct_sheet_range.beg_auth_seq_id 
_struct_sheet_range.end_auth_comp_id 
_struct_sheet_range.end_auth_asym_id 
_struct_sheet_range.end_auth_seq_id 
AA1 1 ALA A 16 ? LEU A 20 ? ALA A 13 LEU A 17 
AA1 2 GLU A 7  ? ALA A 13 ? GLU A 4  ALA A 10 
AA1 3 GLU A 41 ? VAL A 45 ? GLU A 38 VAL A 42 
AA2 1 ALA A 16 ? LEU A 20 ? ALA A 13 LEU A 17 
AA2 2 GLU A 7  ? ALA A 13 ? GLU A 4  ALA A 10 
AA2 3 VAL A 65 ? ASN A 67 ? VAL A 62 ASN A 64 
AA2 4 ILE A 74 ? ALA A 75 ? ILE A 71 ALA A 72 
# 
loop_
_pdbx_struct_sheet_hbond.sheet_id 
_pdbx_struct_sheet_hbond.range_id_1 
_pdbx_struct_sheet_hbond.range_id_2 
_pdbx_struct_sheet_hbond.range_1_label_atom_id 
_pdbx_struct_sheet_hbond.range_1_label_comp_id 
_pdbx_struct_sheet_hbond.range_1_label_asym_id 
_pdbx_struct_sheet_hbond.range_1_label_seq_id 
_pdbx_struct_sheet_hbond.range_1_PDB_ins_code 
_pdbx_struct_sheet_hbond.range_1_auth_atom_id 
_pdbx_struct_sheet_hbond.range_1_auth_comp_id 
_pdbx_struct_sheet_hbond.range_1_auth_asym_id 
_pdbx_struct_sheet_hbond.range_1_auth_seq_id 
_pdbx_struct_sheet_hbond.range_2_label_atom_id 
_pdbx_struct_sheet_hbond.range_2_label_comp_id 
_pdbx_struct_sheet_hbond.range_2_label_asym_id 
_pdbx_struct_sheet_hbond.range_2_label_seq_id 
_pdbx_struct_sheet_hbond.range_2_PDB_ins_code 
_pdbx_struct_sheet_hbond.range_2_auth_atom_id 
_pdbx_struct_sheet_hbond.range_2_auth_comp_id 
_pdbx_struct_sheet_hbond.range_2_auth_asym_id 
_pdbx_struct_sheet_hbond.range_2_auth_seq_id 
AA1 1 2 O ILE A 19 ? O ILE A 16 N ALA A 13 ? N ALA A 10 
AA1 2 3 N VAL A 8  ? N VAL A 5  O LYS A 43 ? O LYS A 40 
AA2 1 2 O ILE A 19 ? O ILE A 16 N ALA A 13 ? N ALA A 10 
AA2 2 3 N GLU A 7  ? N GLU A 4  O ASN A 67 ? O ASN A 64 
AA2 3 4 N PHE A 66 ? N PHE A 63 O ILE A 74 ? O ILE A 71 
# 
loop_
_struct_site.id 
_struct_site.pdbx_evidence_code 
_struct_site.pdbx_auth_asym_id 
_struct_site.pdbx_auth_comp_id 
_struct_site.pdbx_auth_seq_id 
_struct_site.pdbx_auth_ins_code 
_struct_site.pdbx_num_residues 
_struct_site.details 
AC1 Software A ACT 301 ? 4 'binding site for residue ACT A 301' 
AC2 Software A GOL 302 ? 8 'binding site for residue GOL A 302' 
# 
loop_
_struct_site_gen.id 
_struct_site_gen.site_id 
_struct_site_gen.pdbx_num_res 
_struct_site_gen.label_comp_id 
_struct_site_gen.label_asym_id 
_struct_site_gen.label_seq_id 
_struct_site_gen.pdbx_auth_ins_code 
_struct_site_gen.auth_comp_id 
_struct_site_gen.auth_asym_id 
_struct_site_gen.auth_seq_id 
_struct_site_gen.label_atom_id 
_struct_site_gen.label_alt_id 
_struct_site_gen.symmetry 
_struct_site_gen.details 
1  AC1 4 PHE A 25  ? PHE A 22  . ? 1_555 ? 
2  AC1 4 PRO A 64  ? PRO A 61  . ? 1_555 ? 
3  AC1 4 ASP A 76  ? ASP A 73  . ? 1_555 ? 
4  AC1 4 SER A 77  ? SER A 74  . ? 1_555 ? 
5  AC2 8 LYS A 11  ? LYS A 8   . ? 1_555 ? 
6  AC2 8 ASP A 22  ? ASP A 19  . ? 1_555 ? 
7  AC2 8 PRO A 24  ? PRO A 21  . ? 1_555 ? 
8  AC2 8 GLY A 209 ? GLY A 206 . ? 1_555 ? 
9  AC2 8 TRP A 210 ? TRP A 207 . ? 1_555 ? 
10 AC2 8 LYS A 213 ? LYS A 210 . ? 1_555 ? 
11 AC2 8 HOH D .   ? HOH A 473 . ? 1_555 ? 
12 AC2 8 HOH D .   ? HOH A 465 . ? 1_555 ? 
# 
loop_
_pdbx_validate_torsion.id 
_pdbx_validate_torsion.PDB_model_num 
_pdbx_validate_torsion.auth_comp_id 
_pdbx_validate_torsion.auth_asym_id 
_pdbx_validate_torsion.auth_seq_id 
_pdbx_validate_torsion.PDB_ins_code 
_pdbx_validate_torsion.label_alt_id 
_pdbx_validate_torsion.phi 
_pdbx_validate_torsion.psi 
1 1 ASN A 46  ? ? -148.07 56.70  
2 1 ASP A 73  ? ? 74.30   115.35 
3 1 SER A 143 ? ? -117.28 55.67  
# 
loop_
_pdbx_unobs_or_zero_occ_residues.id 
_pdbx_unobs_or_zero_occ_residues.PDB_model_num 
_pdbx_unobs_or_zero_occ_residues.polymer_flag 
_pdbx_unobs_or_zero_occ_residues.occupancy_flag 
_pdbx_unobs_or_zero_occ_residues.auth_asym_id 
_pdbx_unobs_or_zero_occ_residues.auth_comp_id 
_pdbx_unobs_or_zero_occ_residues.auth_seq_id 
_pdbx_unobs_or_zero_occ_residues.PDB_ins_code 
_pdbx_unobs_or_zero_occ_residues.label_asym_id 
_pdbx_unobs_or_zero_occ_residues.label_comp_id 
_pdbx_unobs_or_zero_occ_residues.label_seq_id 
1 1 Y 1 A GLY -2  ? A GLY 1   
2 1 Y 1 A SER -1  ? A SER 2   
3 1 Y 1 A ALA 213 ? A ALA 216 
# 
loop_
_chem_comp_atom.comp_id 
_chem_comp_atom.atom_id 
_chem_comp_atom.type_symbol 
_chem_comp_atom.pdbx_aromatic_flag 
_chem_comp_atom.pdbx_stereo_config 
_chem_comp_atom.pdbx_ordinal 
ACT C    C N N 1   
ACT O    O N N 2   
ACT OXT  O N N 3   
ACT CH3  C N N 4   
ACT H1   H N N 5   
ACT H2   H N N 6   
ACT H3   H N N 7   
ALA N    N N N 8   
ALA CA   C N S 9   
ALA C    C N N 10  
ALA O    O N N 11  
ALA CB   C N N 12  
ALA OXT  O N N 13  
ALA H    H N N 14  
ALA H2   H N N 15  
ALA HA   H N N 16  
ALA HB1  H N N 17  
ALA HB2  H N N 18  
ALA HB3  H N N 19  
ALA HXT  H N N 20  
ARG N    N N N 21  
ARG CA   C N S 22  
ARG C    C N N 23  
ARG O    O N N 24  
ARG CB   C N N 25  
ARG CG   C N N 26  
ARG CD   C N N 27  
ARG NE   N N N 28  
ARG CZ   C N N 29  
ARG NH1  N N N 30  
ARG NH2  N N N 31  
ARG OXT  O N N 32  
ARG H    H N N 33  
ARG H2   H N N 34  
ARG HA   H N N 35  
ARG HB2  H N N 36  
ARG HB3  H N N 37  
ARG HG2  H N N 38  
ARG HG3  H N N 39  
ARG HD2  H N N 40  
ARG HD3  H N N 41  
ARG HE   H N N 42  
ARG HH11 H N N 43  
ARG HH12 H N N 44  
ARG HH21 H N N 45  
ARG HH22 H N N 46  
ARG HXT  H N N 47  
ASN N    N N N 48  
ASN CA   C N S 49  
ASN C    C N N 50  
ASN O    O N N 51  
ASN CB   C N N 52  
ASN CG   C N N 53  
ASN OD1  O N N 54  
ASN ND2  N N N 55  
ASN OXT  O N N 56  
ASN H    H N N 57  
ASN H2   H N N 58  
ASN HA   H N N 59  
ASN HB2  H N N 60  
ASN HB3  H N N 61  
ASN HD21 H N N 62  
ASN HD22 H N N 63  
ASN HXT  H N N 64  
ASP N    N N N 65  
ASP CA   C N S 66  
ASP C    C N N 67  
ASP O    O N N 68  
ASP CB   C N N 69  
ASP CG   C N N 70  
ASP OD1  O N N 71  
ASP OD2  O N N 72  
ASP OXT  O N N 73  
ASP H    H N N 74  
ASP H2   H N N 75  
ASP HA   H N N 76  
ASP HB2  H N N 77  
ASP HB3  H N N 78  
ASP HD2  H N N 79  
ASP HXT  H N N 80  
CYS N    N N N 81  
CYS CA   C N R 82  
CYS C    C N N 83  
CYS O    O N N 84  
CYS CB   C N N 85  
CYS SG   S N N 86  
CYS OXT  O N N 87  
CYS H    H N N 88  
CYS H2   H N N 89  
CYS HA   H N N 90  
CYS HB2  H N N 91  
CYS HB3  H N N 92  
CYS HG   H N N 93  
CYS HXT  H N N 94  
GLN N    N N N 95  
GLN CA   C N S 96  
GLN C    C N N 97  
GLN O    O N N 98  
GLN CB   C N N 99  
GLN CG   C N N 100 
GLN CD   C N N 101 
GLN OE1  O N N 102 
GLN NE2  N N N 103 
GLN OXT  O N N 104 
GLN H    H N N 105 
GLN H2   H N N 106 
GLN HA   H N N 107 
GLN HB2  H N N 108 
GLN HB3  H N N 109 
GLN HG2  H N N 110 
GLN HG3  H N N 111 
GLN HE21 H N N 112 
GLN HE22 H N N 113 
GLN HXT  H N N 114 
GLU N    N N N 115 
GLU CA   C N S 116 
GLU C    C N N 117 
GLU O    O N N 118 
GLU CB   C N N 119 
GLU CG   C N N 120 
GLU CD   C N N 121 
GLU OE1  O N N 122 
GLU OE2  O N N 123 
GLU OXT  O N N 124 
GLU H    H N N 125 
GLU H2   H N N 126 
GLU HA   H N N 127 
GLU HB2  H N N 128 
GLU HB3  H N N 129 
GLU HG2  H N N 130 
GLU HG3  H N N 131 
GLU HE2  H N N 132 
GLU HXT  H N N 133 
GLY N    N N N 134 
GLY CA   C N N 135 
GLY C    C N N 136 
GLY O    O N N 137 
GLY OXT  O N N 138 
GLY H    H N N 139 
GLY H2   H N N 140 
GLY HA2  H N N 141 
GLY HA3  H N N 142 
GLY HXT  H N N 143 
GOL C1   C N N 144 
GOL O1   O N N 145 
GOL C2   C N N 146 
GOL O2   O N N 147 
GOL C3   C N N 148 
GOL O3   O N N 149 
GOL H11  H N N 150 
GOL H12  H N N 151 
GOL HO1  H N N 152 
GOL H2   H N N 153 
GOL HO2  H N N 154 
GOL H31  H N N 155 
GOL H32  H N N 156 
GOL HO3  H N N 157 
HIS N    N N N 158 
HIS CA   C N S 159 
HIS C    C N N 160 
HIS O    O N N 161 
HIS CB   C N N 162 
HIS CG   C Y N 163 
HIS ND1  N Y N 164 
HIS CD2  C Y N 165 
HIS CE1  C Y N 166 
HIS NE2  N Y N 167 
HIS OXT  O N N 168 
HIS H    H N N 169 
HIS H2   H N N 170 
HIS HA   H N N 171 
HIS HB2  H N N 172 
HIS HB3  H N N 173 
HIS HD1  H N N 174 
HIS HD2  H N N 175 
HIS HE1  H N N 176 
HIS HE2  H N N 177 
HIS HXT  H N N 178 
HOH O    O N N 179 
HOH H1   H N N 180 
HOH H2   H N N 181 
ILE N    N N N 182 
ILE CA   C N S 183 
ILE C    C N N 184 
ILE O    O N N 185 
ILE CB   C N S 186 
ILE CG1  C N N 187 
ILE CG2  C N N 188 
ILE CD1  C N N 189 
ILE OXT  O N N 190 
ILE H    H N N 191 
ILE H2   H N N 192 
ILE HA   H N N 193 
ILE HB   H N N 194 
ILE HG12 H N N 195 
ILE HG13 H N N 196 
ILE HG21 H N N 197 
ILE HG22 H N N 198 
ILE HG23 H N N 199 
ILE HD11 H N N 200 
ILE HD12 H N N 201 
ILE HD13 H N N 202 
ILE HXT  H N N 203 
LEU N    N N N 204 
LEU CA   C N S 205 
LEU C    C N N 206 
LEU O    O N N 207 
LEU CB   C N N 208 
LEU CG   C N N 209 
LEU CD1  C N N 210 
LEU CD2  C N N 211 
LEU OXT  O N N 212 
LEU H    H N N 213 
LEU H2   H N N 214 
LEU HA   H N N 215 
LEU HB2  H N N 216 
LEU HB3  H N N 217 
LEU HG   H N N 218 
LEU HD11 H N N 219 
LEU HD12 H N N 220 
LEU HD13 H N N 221 
LEU HD21 H N N 222 
LEU HD22 H N N 223 
LEU HD23 H N N 224 
LEU HXT  H N N 225 
LYS N    N N N 226 
LYS CA   C N S 227 
LYS C    C N N 228 
LYS O    O N N 229 
LYS CB   C N N 230 
LYS CG   C N N 231 
LYS CD   C N N 232 
LYS CE   C N N 233 
LYS NZ   N N N 234 
LYS OXT  O N N 235 
LYS H    H N N 236 
LYS H2   H N N 237 
LYS HA   H N N 238 
LYS HB2  H N N 239 
LYS HB3  H N N 240 
LYS HG2  H N N 241 
LYS HG3  H N N 242 
LYS HD2  H N N 243 
LYS HD3  H N N 244 
LYS HE2  H N N 245 
LYS HE3  H N N 246 
LYS HZ1  H N N 247 
LYS HZ2  H N N 248 
LYS HZ3  H N N 249 
LYS HXT  H N N 250 
MET N    N N N 251 
MET CA   C N S 252 
MET C    C N N 253 
MET O    O N N 254 
MET CB   C N N 255 
MET CG   C N N 256 
MET SD   S N N 257 
MET CE   C N N 258 
MET OXT  O N N 259 
MET H    H N N 260 
MET H2   H N N 261 
MET HA   H N N 262 
MET HB2  H N N 263 
MET HB3  H N N 264 
MET HG2  H N N 265 
MET HG3  H N N 266 
MET HE1  H N N 267 
MET HE2  H N N 268 
MET HE3  H N N 269 
MET HXT  H N N 270 
PHE N    N N N 271 
PHE CA   C N S 272 
PHE C    C N N 273 
PHE O    O N N 274 
PHE CB   C N N 275 
PHE CG   C Y N 276 
PHE CD1  C Y N 277 
PHE CD2  C Y N 278 
PHE CE1  C Y N 279 
PHE CE2  C Y N 280 
PHE CZ   C Y N 281 
PHE OXT  O N N 282 
PHE H    H N N 283 
PHE H2   H N N 284 
PHE HA   H N N 285 
PHE HB2  H N N 286 
PHE HB3  H N N 287 
PHE HD1  H N N 288 
PHE HD2  H N N 289 
PHE HE1  H N N 290 
PHE HE2  H N N 291 
PHE HZ   H N N 292 
PHE HXT  H N N 293 
PRO N    N N N 294 
PRO CA   C N S 295 
PRO C    C N N 296 
PRO O    O N N 297 
PRO CB   C N N 298 
PRO CG   C N N 299 
PRO CD   C N N 300 
PRO OXT  O N N 301 
PRO H    H N N 302 
PRO HA   H N N 303 
PRO HB2  H N N 304 
PRO HB3  H N N 305 
PRO HG2  H N N 306 
PRO HG3  H N N 307 
PRO HD2  H N N 308 
PRO HD3  H N N 309 
PRO HXT  H N N 310 
SER N    N N N 311 
SER CA   C N S 312 
SER C    C N N 313 
SER O    O N N 314 
SER CB   C N N 315 
SER OG   O N N 316 
SER OXT  O N N 317 
SER H    H N N 318 
SER H2   H N N 319 
SER HA   H N N 320 
SER HB2  H N N 321 
SER HB3  H N N 322 
SER HG   H N N 323 
SER HXT  H N N 324 
THR N    N N N 325 
THR CA   C N S 326 
THR C    C N N 327 
THR O    O N N 328 
THR CB   C N R 329 
THR OG1  O N N 330 
THR CG2  C N N 331 
THR OXT  O N N 332 
THR H    H N N 333 
THR H2   H N N 334 
THR HA   H N N 335 
THR HB   H N N 336 
THR HG1  H N N 337 
THR HG21 H N N 338 
THR HG22 H N N 339 
THR HG23 H N N 340 
THR HXT  H N N 341 
TRP N    N N N 342 
TRP CA   C N S 343 
TRP C    C N N 344 
TRP O    O N N 345 
TRP CB   C N N 346 
TRP CG   C Y N 347 
TRP CD1  C Y N 348 
TRP CD2  C Y N 349 
TRP NE1  N Y N 350 
TRP CE2  C Y N 351 
TRP CE3  C Y N 352 
TRP CZ2  C Y N 353 
TRP CZ3  C Y N 354 
TRP CH2  C Y N 355 
TRP OXT  O N N 356 
TRP H    H N N 357 
TRP H2   H N N 358 
TRP HA   H N N 359 
TRP HB2  H N N 360 
TRP HB3  H N N 361 
TRP HD1  H N N 362 
TRP HE1  H N N 363 
TRP HE3  H N N 364 
TRP HZ2  H N N 365 
TRP HZ3  H N N 366 
TRP HH2  H N N 367 
TRP HXT  H N N 368 
TYR N    N N N 369 
TYR CA   C N S 370 
TYR C    C N N 371 
TYR O    O N N 372 
TYR CB   C N N 373 
TYR CG   C Y N 374 
TYR CD1  C Y N 375 
TYR CD2  C Y N 376 
TYR CE1  C Y N 377 
TYR CE2  C Y N 378 
TYR CZ   C Y N 379 
TYR OH   O N N 380 
TYR OXT  O N N 381 
TYR H    H N N 382 
TYR H2   H N N 383 
TYR HA   H N N 384 
TYR HB2  H N N 385 
TYR HB3  H N N 386 
TYR HD1  H N N 387 
TYR HD2  H N N 388 
TYR HE1  H N N 389 
TYR HE2  H N N 390 
TYR HH   H N N 391 
TYR HXT  H N N 392 
VAL N    N N N 393 
VAL CA   C N S 394 
VAL C    C N N 395 
VAL O    O N N 396 
VAL CB   C N N 397 
VAL CG1  C N N 398 
VAL CG2  C N N 399 
VAL OXT  O N N 400 
VAL H    H N N 401 
VAL H2   H N N 402 
VAL HA   H N N 403 
VAL HB   H N N 404 
VAL HG11 H N N 405 
VAL HG12 H N N 406 
VAL HG13 H N N 407 
VAL HG21 H N N 408 
VAL HG22 H N N 409 
VAL HG23 H N N 410 
VAL HXT  H N N 411 
# 
loop_
_chem_comp_bond.comp_id 
_chem_comp_bond.atom_id_1 
_chem_comp_bond.atom_id_2 
_chem_comp_bond.value_order 
_chem_comp_bond.pdbx_aromatic_flag 
_chem_comp_bond.pdbx_stereo_config 
_chem_comp_bond.pdbx_ordinal 
ACT C   O    doub N N 1   
ACT C   OXT  sing N N 2   
ACT C   CH3  sing N N 3   
ACT CH3 H1   sing N N 4   
ACT CH3 H2   sing N N 5   
ACT CH3 H3   sing N N 6   
ALA N   CA   sing N N 7   
ALA N   H    sing N N 8   
ALA N   H2   sing N N 9   
ALA CA  C    sing N N 10  
ALA CA  CB   sing N N 11  
ALA CA  HA   sing N N 12  
ALA C   O    doub N N 13  
ALA C   OXT  sing N N 14  
ALA CB  HB1  sing N N 15  
ALA CB  HB2  sing N N 16  
ALA CB  HB3  sing N N 17  
ALA OXT HXT  sing N N 18  
ARG N   CA   sing N N 19  
ARG N   H    sing N N 20  
ARG N   H2   sing N N 21  
ARG CA  C    sing N N 22  
ARG CA  CB   sing N N 23  
ARG CA  HA   sing N N 24  
ARG C   O    doub N N 25  
ARG C   OXT  sing N N 26  
ARG CB  CG   sing N N 27  
ARG CB  HB2  sing N N 28  
ARG CB  HB3  sing N N 29  
ARG CG  CD   sing N N 30  
ARG CG  HG2  sing N N 31  
ARG CG  HG3  sing N N 32  
ARG CD  NE   sing N N 33  
ARG CD  HD2  sing N N 34  
ARG CD  HD3  sing N N 35  
ARG NE  CZ   sing N N 36  
ARG NE  HE   sing N N 37  
ARG CZ  NH1  sing N N 38  
ARG CZ  NH2  doub N N 39  
ARG NH1 HH11 sing N N 40  
ARG NH1 HH12 sing N N 41  
ARG NH2 HH21 sing N N 42  
ARG NH2 HH22 sing N N 43  
ARG OXT HXT  sing N N 44  
ASN N   CA   sing N N 45  
ASN N   H    sing N N 46  
ASN N   H2   sing N N 47  
ASN CA  C    sing N N 48  
ASN CA  CB   sing N N 49  
ASN CA  HA   sing N N 50  
ASN C   O    doub N N 51  
ASN C   OXT  sing N N 52  
ASN CB  CG   sing N N 53  
ASN CB  HB2  sing N N 54  
ASN CB  HB3  sing N N 55  
ASN CG  OD1  doub N N 56  
ASN CG  ND2  sing N N 57  
ASN ND2 HD21 sing N N 58  
ASN ND2 HD22 sing N N 59  
ASN OXT HXT  sing N N 60  
ASP N   CA   sing N N 61  
ASP N   H    sing N N 62  
ASP N   H2   sing N N 63  
ASP CA  C    sing N N 64  
ASP CA  CB   sing N N 65  
ASP CA  HA   sing N N 66  
ASP C   O    doub N N 67  
ASP C   OXT  sing N N 68  
ASP CB  CG   sing N N 69  
ASP CB  HB2  sing N N 70  
ASP CB  HB3  sing N N 71  
ASP CG  OD1  doub N N 72  
ASP CG  OD2  sing N N 73  
ASP OD2 HD2  sing N N 74  
ASP OXT HXT  sing N N 75  
CYS N   CA   sing N N 76  
CYS N   H    sing N N 77  
CYS N   H2   sing N N 78  
CYS CA  C    sing N N 79  
CYS CA  CB   sing N N 80  
CYS CA  HA   sing N N 81  
CYS C   O    doub N N 82  
CYS C   OXT  sing N N 83  
CYS CB  SG   sing N N 84  
CYS CB  HB2  sing N N 85  
CYS CB  HB3  sing N N 86  
CYS SG  HG   sing N N 87  
CYS OXT HXT  sing N N 88  
GLN N   CA   sing N N 89  
GLN N   H    sing N N 90  
GLN N   H2   sing N N 91  
GLN CA  C    sing N N 92  
GLN CA  CB   sing N N 93  
GLN CA  HA   sing N N 94  
GLN C   O    doub N N 95  
GLN C   OXT  sing N N 96  
GLN CB  CG   sing N N 97  
GLN CB  HB2  sing N N 98  
GLN CB  HB3  sing N N 99  
GLN CG  CD   sing N N 100 
GLN CG  HG2  sing N N 101 
GLN CG  HG3  sing N N 102 
GLN CD  OE1  doub N N 103 
GLN CD  NE2  sing N N 104 
GLN NE2 HE21 sing N N 105 
GLN NE2 HE22 sing N N 106 
GLN OXT HXT  sing N N 107 
GLU N   CA   sing N N 108 
GLU N   H    sing N N 109 
GLU N   H2   sing N N 110 
GLU CA  C    sing N N 111 
GLU CA  CB   sing N N 112 
GLU CA  HA   sing N N 113 
GLU C   O    doub N N 114 
GLU C   OXT  sing N N 115 
GLU CB  CG   sing N N 116 
GLU CB  HB2  sing N N 117 
GLU CB  HB3  sing N N 118 
GLU CG  CD   sing N N 119 
GLU CG  HG2  sing N N 120 
GLU CG  HG3  sing N N 121 
GLU CD  OE1  doub N N 122 
GLU CD  OE2  sing N N 123 
GLU OE2 HE2  sing N N 124 
GLU OXT HXT  sing N N 125 
GLY N   CA   sing N N 126 
GLY N   H    sing N N 127 
GLY N   H2   sing N N 128 
GLY CA  C    sing N N 129 
GLY CA  HA2  sing N N 130 
GLY CA  HA3  sing N N 131 
GLY C   O    doub N N 132 
GLY C   OXT  sing N N 133 
GLY OXT HXT  sing N N 134 
GOL C1  O1   sing N N 135 
GOL C1  C2   sing N N 136 
GOL C1  H11  sing N N 137 
GOL C1  H12  sing N N 138 
GOL O1  HO1  sing N N 139 
GOL C2  O2   sing N N 140 
GOL C2  C3   sing N N 141 
GOL C2  H2   sing N N 142 
GOL O2  HO2  sing N N 143 
GOL C3  O3   sing N N 144 
GOL C3  H31  sing N N 145 
GOL C3  H32  sing N N 146 
GOL O3  HO3  sing N N 147 
HIS N   CA   sing N N 148 
HIS N   H    sing N N 149 
HIS N   H2   sing N N 150 
HIS CA  C    sing N N 151 
HIS CA  CB   sing N N 152 
HIS CA  HA   sing N N 153 
HIS C   O    doub N N 154 
HIS C   OXT  sing N N 155 
HIS CB  CG   sing N N 156 
HIS CB  HB2  sing N N 157 
HIS CB  HB3  sing N N 158 
HIS CG  ND1  sing Y N 159 
HIS CG  CD2  doub Y N 160 
HIS ND1 CE1  doub Y N 161 
HIS ND1 HD1  sing N N 162 
HIS CD2 NE2  sing Y N 163 
HIS CD2 HD2  sing N N 164 
HIS CE1 NE2  sing Y N 165 
HIS CE1 HE1  sing N N 166 
HIS NE2 HE2  sing N N 167 
HIS OXT HXT  sing N N 168 
HOH O   H1   sing N N 169 
HOH O   H2   sing N N 170 
ILE N   CA   sing N N 171 
ILE N   H    sing N N 172 
ILE N   H2   sing N N 173 
ILE CA  C    sing N N 174 
ILE CA  CB   sing N N 175 
ILE CA  HA   sing N N 176 
ILE C   O    doub N N 177 
ILE C   OXT  sing N N 178 
ILE CB  CG1  sing N N 179 
ILE CB  CG2  sing N N 180 
ILE CB  HB   sing N N 181 
ILE CG1 CD1  sing N N 182 
ILE CG1 HG12 sing N N 183 
ILE CG1 HG13 sing N N 184 
ILE CG2 HG21 sing N N 185 
ILE CG2 HG22 sing N N 186 
ILE CG2 HG23 sing N N 187 
ILE CD1 HD11 sing N N 188 
ILE CD1 HD12 sing N N 189 
ILE CD1 HD13 sing N N 190 
ILE OXT HXT  sing N N 191 
LEU N   CA   sing N N 192 
LEU N   H    sing N N 193 
LEU N   H2   sing N N 194 
LEU CA  C    sing N N 195 
LEU CA  CB   sing N N 196 
LEU CA  HA   sing N N 197 
LEU C   O    doub N N 198 
LEU C   OXT  sing N N 199 
LEU CB  CG   sing N N 200 
LEU CB  HB2  sing N N 201 
LEU CB  HB3  sing N N 202 
LEU CG  CD1  sing N N 203 
LEU CG  CD2  sing N N 204 
LEU CG  HG   sing N N 205 
LEU CD1 HD11 sing N N 206 
LEU CD1 HD12 sing N N 207 
LEU CD1 HD13 sing N N 208 
LEU CD2 HD21 sing N N 209 
LEU CD2 HD22 sing N N 210 
LEU CD2 HD23 sing N N 211 
LEU OXT HXT  sing N N 212 
LYS N   CA   sing N N 213 
LYS N   H    sing N N 214 
LYS N   H2   sing N N 215 
LYS CA  C    sing N N 216 
LYS CA  CB   sing N N 217 
LYS CA  HA   sing N N 218 
LYS C   O    doub N N 219 
LYS C   OXT  sing N N 220 
LYS CB  CG   sing N N 221 
LYS CB  HB2  sing N N 222 
LYS CB  HB3  sing N N 223 
LYS CG  CD   sing N N 224 
LYS CG  HG2  sing N N 225 
LYS CG  HG3  sing N N 226 
LYS CD  CE   sing N N 227 
LYS CD  HD2  sing N N 228 
LYS CD  HD3  sing N N 229 
LYS CE  NZ   sing N N 230 
LYS CE  HE2  sing N N 231 
LYS CE  HE3  sing N N 232 
LYS NZ  HZ1  sing N N 233 
LYS NZ  HZ2  sing N N 234 
LYS NZ  HZ3  sing N N 235 
LYS OXT HXT  sing N N 236 
MET N   CA   sing N N 237 
MET N   H    sing N N 238 
MET N   H2   sing N N 239 
MET CA  C    sing N N 240 
MET CA  CB   sing N N 241 
MET CA  HA   sing N N 242 
MET C   O    doub N N 243 
MET C   OXT  sing N N 244 
MET CB  CG   sing N N 245 
MET CB  HB2  sing N N 246 
MET CB  HB3  sing N N 247 
MET CG  SD   sing N N 248 
MET CG  HG2  sing N N 249 
MET CG  HG3  sing N N 250 
MET SD  CE   sing N N 251 
MET CE  HE1  sing N N 252 
MET CE  HE2  sing N N 253 
MET CE  HE3  sing N N 254 
MET OXT HXT  sing N N 255 
PHE N   CA   sing N N 256 
PHE N   H    sing N N 257 
PHE N   H2   sing N N 258 
PHE CA  C    sing N N 259 
PHE CA  CB   sing N N 260 
PHE CA  HA   sing N N 261 
PHE C   O    doub N N 262 
PHE C   OXT  sing N N 263 
PHE CB  CG   sing N N 264 
PHE CB  HB2  sing N N 265 
PHE CB  HB3  sing N N 266 
PHE CG  CD1  doub Y N 267 
PHE CG  CD2  sing Y N 268 
PHE CD1 CE1  sing Y N 269 
PHE CD1 HD1  sing N N 270 
PHE CD2 CE2  doub Y N 271 
PHE CD2 HD2  sing N N 272 
PHE CE1 CZ   doub Y N 273 
PHE CE1 HE1  sing N N 274 
PHE CE2 CZ   sing Y N 275 
PHE CE2 HE2  sing N N 276 
PHE CZ  HZ   sing N N 277 
PHE OXT HXT  sing N N 278 
PRO N   CA   sing N N 279 
PRO N   CD   sing N N 280 
PRO N   H    sing N N 281 
PRO CA  C    sing N N 282 
PRO CA  CB   sing N N 283 
PRO CA  HA   sing N N 284 
PRO C   O    doub N N 285 
PRO C   OXT  sing N N 286 
PRO CB  CG   sing N N 287 
PRO CB  HB2  sing N N 288 
PRO CB  HB3  sing N N 289 
PRO CG  CD   sing N N 290 
PRO CG  HG2  sing N N 291 
PRO CG  HG3  sing N N 292 
PRO CD  HD2  sing N N 293 
PRO CD  HD3  sing N N 294 
PRO OXT HXT  sing N N 295 
SER N   CA   sing N N 296 
SER N   H    sing N N 297 
SER N   H2   sing N N 298 
SER CA  C    sing N N 299 
SER CA  CB   sing N N 300 
SER CA  HA   sing N N 301 
SER C   O    doub N N 302 
SER C   OXT  sing N N 303 
SER CB  OG   sing N N 304 
SER CB  HB2  sing N N 305 
SER CB  HB3  sing N N 306 
SER OG  HG   sing N N 307 
SER OXT HXT  sing N N 308 
THR N   CA   sing N N 309 
THR N   H    sing N N 310 
THR N   H2   sing N N 311 
THR CA  C    sing N N 312 
THR CA  CB   sing N N 313 
THR CA  HA   sing N N 314 
THR C   O    doub N N 315 
THR C   OXT  sing N N 316 
THR CB  OG1  sing N N 317 
THR CB  CG2  sing N N 318 
THR CB  HB   sing N N 319 
THR OG1 HG1  sing N N 320 
THR CG2 HG21 sing N N 321 
THR CG2 HG22 sing N N 322 
THR CG2 HG23 sing N N 323 
THR OXT HXT  sing N N 324 
TRP N   CA   sing N N 325 
TRP N   H    sing N N 326 
TRP N   H2   sing N N 327 
TRP CA  C    sing N N 328 
TRP CA  CB   sing N N 329 
TRP CA  HA   sing N N 330 
TRP C   O    doub N N 331 
TRP C   OXT  sing N N 332 
TRP CB  CG   sing N N 333 
TRP CB  HB2  sing N N 334 
TRP CB  HB3  sing N N 335 
TRP CG  CD1  doub Y N 336 
TRP CG  CD2  sing Y N 337 
TRP CD1 NE1  sing Y N 338 
TRP CD1 HD1  sing N N 339 
TRP CD2 CE2  doub Y N 340 
TRP CD2 CE3  sing Y N 341 
TRP NE1 CE2  sing Y N 342 
TRP NE1 HE1  sing N N 343 
TRP CE2 CZ2  sing Y N 344 
TRP CE3 CZ3  doub Y N 345 
TRP CE3 HE3  sing N N 346 
TRP CZ2 CH2  doub Y N 347 
TRP CZ2 HZ2  sing N N 348 
TRP CZ3 CH2  sing Y N 349 
TRP CZ3 HZ3  sing N N 350 
TRP CH2 HH2  sing N N 351 
TRP OXT HXT  sing N N 352 
TYR N   CA   sing N N 353 
TYR N   H    sing N N 354 
TYR N   H2   sing N N 355 
TYR CA  C    sing N N 356 
TYR CA  CB   sing N N 357 
TYR CA  HA   sing N N 358 
TYR C   O    doub N N 359 
TYR C   OXT  sing N N 360 
TYR CB  CG   sing N N 361 
TYR CB  HB2  sing N N 362 
TYR CB  HB3  sing N N 363 
TYR CG  CD1  doub Y N 364 
TYR CG  CD2  sing Y N 365 
TYR CD1 CE1  sing Y N 366 
TYR CD1 HD1  sing N N 367 
TYR CD2 CE2  doub Y N 368 
TYR CD2 HD2  sing N N 369 
TYR CE1 CZ   doub Y N 370 
TYR CE1 HE1  sing N N 371 
TYR CE2 CZ   sing Y N 372 
TYR CE2 HE2  sing N N 373 
TYR CZ  OH   sing N N 374 
TYR OH  HH   sing N N 375 
TYR OXT HXT  sing N N 376 
VAL N   CA   sing N N 377 
VAL N   H    sing N N 378 
VAL N   H2   sing N N 379 
VAL CA  C    sing N N 380 
VAL CA  CB   sing N N 381 
VAL CA  HA   sing N N 382 
VAL C   O    doub N N 383 
VAL C   OXT  sing N N 384 
VAL CB  CG1  sing N N 385 
VAL CB  CG2  sing N N 386 
VAL CB  HB   sing N N 387 
VAL CG1 HG11 sing N N 388 
VAL CG1 HG12 sing N N 389 
VAL CG1 HG13 sing N N 390 
VAL CG2 HG21 sing N N 391 
VAL CG2 HG22 sing N N 392 
VAL CG2 HG23 sing N N 393 
VAL OXT HXT  sing N N 394 
# 
_atom_sites.entry_id                    5EVO 
_atom_sites.fract_transf_matrix[1][1]   -0.00253055 
_atom_sites.fract_transf_matrix[1][2]   -0.01357512 
_atom_sites.fract_transf_matrix[1][3]   -0.00404780 
_atom_sites.fract_transf_matrix[2][1]   0.01339758 
_atom_sites.fract_transf_matrix[2][2]   -0.00362919 
_atom_sites.fract_transf_matrix[2][3]   0.00379552 
_atom_sites.fract_transf_matrix[3][1]   -0.00286639 
_atom_sites.fract_transf_matrix[3][2]   -0.00193183 
_atom_sites.fract_transf_matrix[3][3]   0.00827074 
_atom_sites.fract_transf_vector[1]      -0.210884 
_atom_sites.fract_transf_vector[2]      0.460527 
_atom_sites.fract_transf_vector[3]      0.004378 
# 
loop_
_atom_type.symbol 
C 
N 
O 
S 
# 
loop_
_atom_site.group_PDB 
_atom_site.id 
_atom_site.type_symbol 
_atom_site.label_atom_id 
_atom_site.label_alt_id 
_atom_site.label_comp_id 
_atom_site.label_asym_id 
_atom_site.label_entity_id 
_atom_site.label_seq_id 
_atom_site.pdbx_PDB_ins_code 
_atom_site.Cartn_x 
_atom_site.Cartn_y 
_atom_site.Cartn_z 
_atom_site.occupancy 
_atom_site.B_iso_or_equiv 
_atom_site.pdbx_formal_charge 
_atom_site.auth_seq_id 
_atom_site.auth_comp_id 
_atom_site.auth_asym_id 
_atom_site.auth_atom_id 
_atom_site.pdbx_PDB_model_num 
ATOM   1    N N   . HIS A 1 3   ? 27.011  -11.760 -9.235  1.00 90.97  ? 0   HIS A N   1 
ATOM   2    C CA  . HIS A 1 3   ? 25.599  -11.852 -9.611  1.00 90.65  ? 0   HIS A CA  1 
ATOM   3    C C   . HIS A 1 3   ? 24.815  -10.522 -9.435  1.00 90.64  ? 0   HIS A C   1 
ATOM   4    O O   . HIS A 1 3   ? 25.313  -9.574  -8.818  1.00 89.70  ? 0   HIS A O   1 
ATOM   5    C CB  . HIS A 1 3   ? 24.895  -13.024 -8.892  1.00 92.14  ? 0   HIS A CB  1 
ATOM   6    C CG  . HIS A 1 3   ? 25.127  -13.071 -7.414  1.00 96.07  ? 0   HIS A CG  1 
ATOM   7    N ND1 . HIS A 1 3   ? 26.117  -13.868 -6.865  1.00 98.07  ? 0   HIS A ND1 1 
ATOM   8    C CD2 . HIS A 1 3   ? 24.483  -12.420 -6.416  1.00 98.23  ? 0   HIS A CD2 1 
ATOM   9    C CE1 . HIS A 1 3   ? 26.046  -13.679 -5.556  1.00 97.68  ? 0   HIS A CE1 1 
ATOM   10   N NE2 . HIS A 1 3   ? 25.079  -12.815 -5.238  1.00 98.05  ? 0   HIS A NE2 1 
ATOM   11   N N   . MET A 1 4   ? 23.585  -10.486 -10.000 1.00 84.17  ? 1   MET A N   1 
ATOM   12   C CA  . MET A 1 4   ? 22.624  -9.378  -10.080 1.00 82.25  ? 1   MET A CA  1 
ATOM   13   C C   . MET A 1 4   ? 22.260  -8.673  -8.750  1.00 79.89  ? 1   MET A C   1 
ATOM   14   O O   . MET A 1 4   ? 22.391  -9.236  -7.659  1.00 79.70  ? 1   MET A O   1 
ATOM   15   C CB  . MET A 1 4   ? 21.340  -9.869  -10.772 1.00 84.95  ? 1   MET A CB  1 
ATOM   16   C CG  . MET A 1 4   ? 20.768  -8.889  -11.767 1.00 89.03  ? 1   MET A CG  1 
ATOM   17   S SD  . MET A 1 4   ? 19.417  -9.598  -12.743 1.00 93.31  ? 1   MET A SD  1 
ATOM   18   C CE  . MET A 1 4   ? 19.427  -8.508  -14.118 1.00 89.98  ? 1   MET A CE  1 
ATOM   19   N N   . ALA A 1 5   ? 21.783  -7.420  -8.885  1.00 70.76  ? 2   ALA A N   1 
ATOM   20   C CA  . ALA A 1 5   ? 21.341  -6.536  -7.809  1.00 67.48  ? 2   ALA A CA  1 
ATOM   21   C C   . ALA A 1 5   ? 19.868  -6.789  -7.467  1.00 64.85  ? 2   ALA A C   1 
ATOM   22   O O   . ALA A 1 5   ? 19.127  -7.331  -8.293  1.00 64.76  ? 2   ALA A O   1 
ATOM   23   C CB  . ALA A 1 5   ? 21.515  -5.089  -8.247  1.00 67.75  ? 2   ALA A CB  1 
ATOM   24   N N   . VAL A 1 6   ? 19.440  -6.372  -6.264  1.00 55.47  ? 3   VAL A N   1 
ATOM   25   C CA  . VAL A 1 6   ? 18.047  -6.468  -5.838  1.00 53.12  ? 3   VAL A CA  1 
ATOM   26   C C   . VAL A 1 6   ? 17.307  -5.319  -6.540  1.00 55.14  ? 3   VAL A C   1 
ATOM   27   O O   . VAL A 1 6   ? 17.777  -4.169  -6.548  1.00 53.71  ? 3   VAL A O   1 
ATOM   28   C CB  . VAL A 1 6   ? 17.876  -6.460  -4.299  1.00 56.34  ? 3   VAL A CB  1 
ATOM   29   C CG1 . VAL A 1 6   ? 16.413  -6.651  -3.902  1.00 55.84  ? 3   VAL A CG1 1 
ATOM   30   C CG2 . VAL A 1 6   ? 18.748  -7.532  -3.644  1.00 55.83  ? 3   VAL A CG2 1 
ATOM   31   N N   . GLU A 1 7   ? 16.194  -5.657  -7.214  1.00 50.95  ? 4   GLU A N   1 
ATOM   32   C CA  . GLU A 1 7   ? 15.433  -4.694  -8.012  1.00 49.92  ? 4   GLU A CA  1 
ATOM   33   C C   . GLU A 1 7   ? 13.927  -4.818  -7.845  1.00 52.92  ? 4   GLU A C   1 
ATOM   34   O O   . GLU A 1 7   ? 13.399  -5.917  -7.687  1.00 53.29  ? 4   GLU A O   1 
ATOM   35   C CB  . GLU A 1 7   ? 15.765  -4.867  -9.510  1.00 50.89  ? 4   GLU A CB  1 
ATOM   36   C CG  . GLU A 1 7   ? 17.244  -4.961  -9.844  1.00 55.96  ? 4   GLU A CG  1 
ATOM   37   C CD  . GLU A 1 7   ? 17.581  -5.062  -11.312 1.00 61.14  ? 4   GLU A CD  1 
ATOM   38   O OE1 . GLU A 1 7   ? 16.765  -4.607  -12.144 1.00 52.43  ? 4   GLU A OE1 1 
ATOM   39   O OE2 . GLU A 1 7   ? 18.679  -5.567  -11.633 1.00 62.53  ? 4   GLU A OE2 1 
ATOM   40   N N   . VAL A 1 8   ? 13.238  -3.685  -7.975  1.00 47.21  ? 5   VAL A N   1 
ATOM   41   C CA  . VAL A 1 8   ? 11.788  -3.597  -7.947  1.00 45.69  ? 5   VAL A CA  1 
ATOM   42   C C   . VAL A 1 8   ? 11.306  -2.578  -8.994  1.00 48.32  ? 5   VAL A C   1 
ATOM   43   O O   . VAL A 1 8   ? 11.806  -1.446  -9.025  1.00 47.74  ? 5   VAL A O   1 
ATOM   44   C CB  . VAL A 1 8   ? 11.206  -3.323  -6.526  1.00 48.41  ? 5   VAL A CB  1 
ATOM   45   C CG1 . VAL A 1 8   ? 11.613  -1.944  -5.988  1.00 47.60  ? 5   VAL A CG1 1 
ATOM   46   C CG2 . VAL A 1 8   ? 9.685   -3.492  -6.513  1.00 47.92  ? 5   VAL A CG2 1 
ATOM   47   N N   . CYS A 1 9   ? 10.352  -2.993  -9.847  1.00 43.27  ? 6   CYS A N   1 
ATOM   48   C CA  . CYS A 1 9   ? 9.720   -2.110  -10.808 1.00 43.66  ? 6   CYS A CA  1 
ATOM   49   C C   . CYS A 1 9   ? 8.392   -1.717  -10.232 1.00 47.68  ? 6   CYS A C   1 
ATOM   50   O O   . CYS A 1 9   ? 7.608   -2.583  -9.840  1.00 48.25  ? 6   CYS A O   1 
ATOM   51   C CB  . CYS A 1 9   ? 9.549   -2.767  -12.171 1.00 44.80  ? 6   CYS A CB  1 
ATOM   52   S SG  . CYS A 1 9   ? 11.098  -3.142  -13.005 1.00 49.11  ? 6   CYS A SG  1 
ATOM   53   N N   . VAL A 1 10  ? 8.138   -0.414  -10.169 1.00 43.25  ? 7   VAL A N   1 
ATOM   54   C CA  . VAL A 1 10  ? 6.893   0.139   -9.623  1.00 42.54  ? 7   VAL A CA  1 
ATOM   55   C C   . VAL A 1 10  ? 6.284   1.168   -10.601 1.00 46.57  ? 7   VAL A C   1 
ATOM   56   O O   . VAL A 1 10  ? 6.934   1.564   -11.571 1.00 45.53  ? 7   VAL A O   1 
ATOM   57   C CB  . VAL A 1 10  ? 7.089   0.721   -8.186  1.00 45.20  ? 7   VAL A CB  1 
ATOM   58   C CG1 . VAL A 1 10  ? 7.558   -0.345  -7.202  1.00 44.68  ? 7   VAL A CG1 1 
ATOM   59   C CG2 . VAL A 1 10  ? 8.047   1.901   -8.190  1.00 44.91  ? 7   VAL A CG2 1 
ATOM   60   N N   . LYS A 1 11  ? 5.048   1.600   -10.328 1.00 43.94  ? 8   LYS A N   1 
ATOM   61   C CA  . LYS A 1 11  ? 4.326   2.579   -11.134 1.00 44.10  ? 8   LYS A CA  1 
ATOM   62   C C   . LYS A 1 11  ? 4.871   3.993   -10.895 1.00 48.12  ? 8   LYS A C   1 
ATOM   63   O O   . LYS A 1 11  ? 5.058   4.423   -9.748  1.00 46.50  ? 8   LYS A O   1 
ATOM   64   C CB  . LYS A 1 11  ? 2.816   2.510   -10.833 1.00 47.08  ? 8   LYS A CB  1 
ATOM   65   C CG  . LYS A 1 11  ? 1.954   3.438   -11.672 1.00 61.20  ? 8   LYS A CG  1 
ATOM   66   C CD  . LYS A 1 11  ? 0.517   3.529   -11.177 1.00 70.63  ? 8   LYS A CD  1 
ATOM   67   C CE  . LYS A 1 11  ? -0.192  4.700   -11.827 1.00 77.67  ? 8   LYS A CE  1 
ATOM   68   N NZ  . LYS A 1 11  ? -1.645  4.740   -11.505 1.00 79.94  ? 8   LYS A NZ  1 
ATOM   69   N N   . ALA A 1 12  ? 5.148   4.692   -12.000 1.00 45.14  ? 9   ALA A N   1 
ATOM   70   C CA  . ALA A 1 12  ? 5.579   6.078   -12.010 1.00 44.94  ? 9   ALA A CA  1 
ATOM   71   C C   . ALA A 1 12  ? 4.330   6.938   -12.209 1.00 48.03  ? 9   ALA A C   1 
ATOM   72   O O   . ALA A 1 12  ? 3.268   6.417   -12.592 1.00 46.60  ? 9   ALA A O   1 
ATOM   73   C CB  . ALA A 1 12  ? 6.556   6.316   -13.155 1.00 45.76  ? 9   ALA A CB  1 
ATOM   74   N N   . ALA A 1 13  ? 4.447   8.254   -11.926 1.00 44.49  ? 10  ALA A N   1 
ATOM   75   C CA  . ALA A 1 13  ? 3.374   9.225   -12.166 1.00 43.75  ? 10  ALA A CA  1 
ATOM   76   C C   . ALA A 1 13  ? 3.166   9.275   -13.707 1.00 48.17  ? 10  ALA A C   1 
ATOM   77   O O   . ALA A 1 13  ? 4.151   9.174   -14.459 1.00 47.10  ? 10  ALA A O   1 
ATOM   78   C CB  . ALA A 1 13  ? 3.806   10.591  -11.660 1.00 44.17  ? 10  ALA A CB  1 
ATOM   79   N N   . VAL A 1 14  ? 1.903   9.350   -14.175 1.00 45.47  ? 11  VAL A N   1 
ATOM   80   C CA  . VAL A 1 14  ? 1.605   9.417   -15.620 1.00 45.78  ? 11  VAL A CA  1 
ATOM   81   C C   . VAL A 1 14  ? 2.284   10.680  -16.202 1.00 50.39  ? 11  VAL A C   1 
ATOM   82   O O   . VAL A 1 14  ? 2.146   11.773  -15.637 1.00 49.91  ? 11  VAL A O   1 
ATOM   83   C CB  . VAL A 1 14  ? 0.077   9.378   -15.919 1.00 49.76  ? 11  VAL A CB  1 
ATOM   84   C CG1 . VAL A 1 14  ? -0.197  9.280   -17.414 1.00 49.62  ? 11  VAL A CG1 1 
ATOM   85   C CG2 . VAL A 1 14  ? -0.602  8.229   -15.183 1.00 49.59  ? 11  VAL A CG2 1 
ATOM   86   N N   . GLY A 1 15  ? 3.074   10.485  -17.258 1.00 47.96  ? 12  GLY A N   1 
ATOM   87   C CA  . GLY A 1 15  ? 3.805   11.549  -17.939 1.00 48.16  ? 12  GLY A CA  1 
ATOM   88   C C   . GLY A 1 15  ? 5.029   12.087  -17.219 1.00 53.49  ? 12  GLY A C   1 
ATOM   89   O O   . GLY A 1 15  ? 5.587   13.107  -17.635 1.00 54.40  ? 12  GLY A O   1 
ATOM   90   N N   . ALA A 1 16  ? 5.466   11.412  -16.145 1.00 49.63  ? 13  ALA A N   1 
ATOM   91   C CA  . ALA A 1 16  ? 6.642   11.796  -15.364 1.00 48.93  ? 13  ALA A CA  1 
ATOM   92   C C   . ALA A 1 16  ? 7.413   10.532  -14.916 1.00 52.31  ? 13  ALA A C   1 
ATOM   93   O O   . ALA A 1 16  ? 7.245   10.057  -13.785 1.00 51.76  ? 13  ALA A O   1 
ATOM   94   C CB  . ALA A 1 16  ? 6.224   12.635  -14.181 1.00 49.59  ? 13  ALA A CB  1 
ATOM   95   N N   . PRO A 1 17  ? 8.261   9.973   -15.817 1.00 48.17  ? 14  PRO A N   1 
ATOM   96   C CA  . PRO A 1 17  ? 8.981   8.722   -15.500 1.00 48.01  ? 14  PRO A CA  1 
ATOM   97   C C   . PRO A 1 17  ? 9.936   8.748   -14.308 1.00 51.56  ? 14  PRO A C   1 
ATOM   98   O O   . PRO A 1 17  ? 10.336  7.688   -13.819 1.00 51.68  ? 14  PRO A O   1 
ATOM   99   C CB  . PRO A 1 17  ? 9.741   8.409   -16.796 1.00 49.63  ? 14  PRO A CB  1 
ATOM   100  C CG  . PRO A 1 17  ? 9.046   9.169   -17.846 1.00 54.02  ? 14  PRO A CG  1 
ATOM   101  C CD  . PRO A 1 17  ? 8.552   10.414  -17.194 1.00 49.36  ? 14  PRO A CD  1 
ATOM   102  N N   . ASP A 1 18  ? 10.319  9.940   -13.863 1.00 46.95  ? 15  ASP A N   1 
ATOM   103  C CA  . ASP A 1 18  ? 11.226  10.123  -12.736 1.00 46.07  ? 15  ASP A CA  1 
ATOM   104  C C   . ASP A 1 18  ? 10.466  10.405  -11.428 1.00 48.64  ? 15  ASP A C   1 
ATOM   105  O O   . ASP A 1 18  ? 11.085  10.659  -10.391 1.00 47.19  ? 15  ASP A O   1 
ATOM   106  C CB  . ASP A 1 18  ? 12.250  11.215  -13.079 1.00 47.70  ? 15  ASP A CB  1 
ATOM   107  C CG  . ASP A 1 18  ? 13.000  10.921  -14.368 1.00 60.13  ? 15  ASP A CG  1 
ATOM   108  O OD1 . ASP A 1 18  ? 13.391  9.756   -14.574 1.00 60.78  ? 15  ASP A OD1 1 
ATOM   109  O OD2 . ASP A 1 18  ? 13.162  11.848  -15.188 1.00 69.27  ? 15  ASP A OD2 1 
ATOM   110  N N   . ILE A 1 19  ? 9.114   10.319  -11.474 1.00 44.83  ? 16  ILE A N   1 
ATOM   111  C CA  . ILE A 1 19  ? 8.279   10.572  -10.301 1.00 44.59  ? 16  ILE A CA  1 
ATOM   112  C C   . ILE A 1 19  ? 7.537   9.318   -9.890  1.00 49.02  ? 16  ILE A C   1 
ATOM   113  O O   . ILE A 1 19  ? 6.942   8.648   -10.723 1.00 48.02  ? 16  ILE A O   1 
ATOM   114  C CB  . ILE A 1 19  ? 7.347   11.813  -10.460 1.00 47.45  ? 16  ILE A CB  1 
ATOM   115  C CG1 . ILE A 1 19  ? 8.166   13.061  -10.904 1.00 47.73  ? 16  ILE A CG1 1 
ATOM   116  C CG2 . ILE A 1 19  ? 6.606   12.089  -9.149  1.00 46.90  ? 16  ILE A CG2 1 
ATOM   117  C CD1 . ILE A 1 19  ? 7.428   14.284  -11.173 1.00 53.36  ? 16  ILE A CD1 1 
ATOM   118  N N   . LEU A 1 20  ? 7.580   9.013   -8.592  1.00 47.60  ? 17  LEU A N   1 
ATOM   119  C CA  . LEU A 1 20  ? 6.921   7.853   -7.997  1.00 47.98  ? 17  LEU A CA  1 
ATOM   120  C C   . LEU A 1 20  ? 5.401   8.002   -8.075  1.00 51.27  ? 17  LEU A C   1 
ATOM   121  O O   . LEU A 1 20  ? 4.865   9.025   -7.660  1.00 51.47  ? 17  LEU A O   1 
ATOM   122  C CB  . LEU A 1 20  ? 7.414   7.660   -6.542  1.00 48.00  ? 17  LEU A CB  1 
ATOM   123  C CG  . LEU A 1 20  ? 6.887   6.462   -5.739  1.00 52.42  ? 17  LEU A CG  1 
ATOM   124  C CD1 . LEU A 1 20  ? 7.211   5.130   -6.427  1.00 52.56  ? 17  LEU A CD1 1 
ATOM   125  C CD2 . LEU A 1 20  ? 7.454   6.479   -4.337  1.00 53.29  ? 17  LEU A CD2 1 
ATOM   126  N N   . GLY A 1 21  ? 4.749   6.993   -8.645  1.00 47.82  ? 18  GLY A N   1 
ATOM   127  C CA  . GLY A 1 21  ? 3.303   6.936   -8.824  1.00 48.04  ? 18  GLY A CA  1 
ATOM   128  C C   . GLY A 1 21  ? 2.554   6.527   -7.577  1.00 54.42  ? 18  GLY A C   1 
ATOM   129  O O   . GLY A 1 21  ? 3.140   6.467   -6.488  1.00 54.50  ? 18  GLY A O   1 
ATOM   130  N N   . ASP A 1 22  ? 1.257   6.202   -7.734  1.00 52.14  ? 19  ASP A N   1 
ATOM   131  C CA  . ASP A 1 22  ? 0.374   5.878   -6.608  1.00 52.04  ? 19  ASP A CA  1 
ATOM   132  C C   . ASP A 1 22  ? 0.041   4.379   -6.381  1.00 56.86  ? 19  ASP A C   1 
ATOM   133  O O   . ASP A 1 22  ? -1.007  4.100   -5.806  1.00 59.45  ? 19  ASP A O   1 
ATOM   134  C CB  . ASP A 1 22  ? -0.932  6.679   -6.760  1.00 53.28  ? 19  ASP A CB  1 
ATOM   135  C CG  . ASP A 1 22  ? -1.884  6.174   -7.828  1.00 61.19  ? 19  ASP A CG  1 
ATOM   136  O OD1 . ASP A 1 22  ? -1.403  5.697   -8.879  1.00 60.02  ? 19  ASP A OD1 1 
ATOM   137  O OD2 . ASP A 1 22  ? -3.101  6.234   -7.604  1.00 70.25  ? 19  ASP A OD2 1 
ATOM   138  N N   . CYS A 1 23  ? 0.880   3.424   -6.803  1.00 49.91  ? 20  CYS A N   1 
ATOM   139  C CA  . CYS A 1 23  ? 0.505   2.021   -6.587  1.00 48.11  ? 20  CYS A CA  1 
ATOM   140  C C   . CYS A 1 23  ? 0.648   1.594   -5.110  1.00 49.14  ? 20  CYS A C   1 
ATOM   141  O O   . CYS A 1 23  ? 1.753   1.672   -4.569  1.00 48.54  ? 20  CYS A O   1 
ATOM   142  C CB  . CYS A 1 23  ? 1.241   1.082   -7.537  1.00 48.47  ? 20  CYS A CB  1 
ATOM   143  S SG  . CYS A 1 23  ? 0.698   -0.640  -7.434  1.00 52.47  ? 20  CYS A SG  1 
ATOM   144  N N   . PRO A 1 24  ? -0.457  1.202   -4.415  1.00 43.60  ? 21  PRO A N   1 
ATOM   145  C CA  . PRO A 1 24  ? -0.327  0.835   -2.993  1.00 42.31  ? 21  PRO A CA  1 
ATOM   146  C C   . PRO A 1 24  ? 0.255   -0.563  -2.755  1.00 43.20  ? 21  PRO A C   1 
ATOM   147  O O   . PRO A 1 24  ? 0.623   -0.889  -1.627  1.00 41.26  ? 21  PRO A O   1 
ATOM   148  C CB  . PRO A 1 24  ? -1.753  1.002   -2.448  1.00 44.15  ? 21  PRO A CB  1 
ATOM   149  C CG  . PRO A 1 24  ? -2.632  0.769   -3.624  1.00 49.09  ? 21  PRO A CG  1 
ATOM   150  C CD  . PRO A 1 24  ? -1.855  1.061   -4.883  1.00 44.68  ? 21  PRO A CD  1 
ATOM   151  N N   . PHE A 1 25  ? 0.320   -1.386  -3.814  1.00 39.96  ? 22  PHE A N   1 
ATOM   152  C CA  . PHE A 1 25  ? 0.886   -2.738  -3.787  1.00 40.42  ? 22  PHE A CA  1 
ATOM   153  C C   . PHE A 1 25  ? 2.399   -2.636  -3.993  1.00 43.61  ? 22  PHE A C   1 
ATOM   154  O O   . PHE A 1 25  ? 3.167   -3.348  -3.347  1.00 43.30  ? 22  PHE A O   1 
ATOM   155  C CB  . PHE A 1 25  ? 0.206   -3.647  -4.831  1.00 42.49  ? 22  PHE A CB  1 
ATOM   156  C CG  . PHE A 1 25  ? -1.294  -3.666  -4.646  1.00 44.59  ? 22  PHE A CG  1 
ATOM   157  C CD1 . PHE A 1 25  ? -1.871  -4.348  -3.577  1.00 47.61  ? 22  PHE A CD1 1 
ATOM   158  C CD2 . PHE A 1 25  ? -2.125  -2.941  -5.490  1.00 47.32  ? 22  PHE A CD2 1 
ATOM   159  C CE1 . PHE A 1 25  ? -3.255  -4.329  -3.381  1.00 48.46  ? 22  PHE A CE1 1 
ATOM   160  C CE2 . PHE A 1 25  ? -3.507  -2.923  -5.291  1.00 50.05  ? 22  PHE A CE2 1 
ATOM   161  C CZ  . PHE A 1 25  ? -4.061  -3.609  -4.230  1.00 47.86  ? 22  PHE A CZ  1 
ATOM   162  N N   . SER A 1 26  ? 2.812   -1.687  -4.840  1.00 39.16  ? 23  SER A N   1 
ATOM   163  C CA  . SER A 1 26  ? 4.200   -1.339  -5.089  1.00 38.95  ? 23  SER A CA  1 
ATOM   164  C C   . SER A 1 26  ? 4.806   -0.695  -3.820  1.00 41.94  ? 23  SER A C   1 
ATOM   165  O O   . SER A 1 26  ? 5.952   -0.986  -3.474  1.00 41.88  ? 23  SER A O   1 
ATOM   166  C CB  . SER A 1 26  ? 4.280   -0.359  -6.254  1.00 42.39  ? 23  SER A CB  1 
ATOM   167  O OG  . SER A 1 26  ? 4.099   -0.999  -7.505  1.00 50.85  ? 23  SER A OG  1 
ATOM   168  N N   . GLN A 1 27  ? 4.029   0.169   -3.127  1.00 37.82  ? 24  GLN A N   1 
ATOM   169  C CA  . GLN A 1 27  ? 4.451   0.851   -1.899  1.00 36.76  ? 24  GLN A CA  1 
ATOM   170  C C   . GLN A 1 27  ? 4.648   -0.131  -0.756  1.00 41.48  ? 24  GLN A C   1 
ATOM   171  O O   . GLN A 1 27  ? 5.509   0.109   0.085   1.00 42.71  ? 24  GLN A O   1 
ATOM   172  C CB  . GLN A 1 27  ? 3.483   1.965   -1.484  1.00 37.24  ? 24  GLN A CB  1 
ATOM   173  C CG  . GLN A 1 27  ? 4.160   2.960   -0.540  1.00 42.51  ? 24  GLN A CG  1 
ATOM   174  C CD  . GLN A 1 27  ? 3.214   3.802   0.276   1.00 49.14  ? 24  GLN A CD  1 
ATOM   175  O OE1 . GLN A 1 27  ? 2.026   3.950   -0.052  1.00 41.56  ? 24  GLN A OE1 1 
ATOM   176  N NE2 . GLN A 1 27  ? 3.755   4.423   1.337   1.00 31.70  ? 24  GLN A NE2 1 
ATOM   177  N N   . ARG A 1 28  ? 3.858   -1.222  -0.720  1.00 36.48  ? 25  ARG A N   1 
ATOM   178  C CA  . ARG A 1 28  ? 3.975   -2.275  0.288   1.00 35.79  ? 25  ARG A CA  1 
ATOM   179  C C   . ARG A 1 28  ? 5.352   -2.958  0.148   1.00 39.43  ? 25  ARG A C   1 
ATOM   180  O O   . ARG A 1 28  ? 6.050   -3.172  1.150   1.00 38.75  ? 25  ARG A O   1 
ATOM   181  C CB  . ARG A 1 28  ? 2.844   -3.297  0.100   1.00 35.54  ? 25  ARG A CB  1 
ATOM   182  C CG  . ARG A 1 28  ? 2.979   -4.550  0.964   1.00 42.50  ? 25  ARG A CG  1 
ATOM   183  C CD  . ARG A 1 28  ? 2.140   -5.642  0.372   1.00 48.53  ? 25  ARG A CD  1 
ATOM   184  N NE  . ARG A 1 28  ? 2.065   -6.812  1.239   1.00 48.43  ? 25  ARG A NE  1 
ATOM   185  C CZ  . ARG A 1 28  ? 1.274   -7.848  1.008   1.00 48.42  ? 25  ARG A CZ  1 
ATOM   186  N NH1 . ARG A 1 28  ? 0.472   -7.856  -0.049  1.00 27.86  ? 25  ARG A NH1 1 
ATOM   187  N NH2 . ARG A 1 28  ? 1.263   -8.876  1.837   1.00 40.46  ? 25  ARG A NH2 1 
ATOM   188  N N   . VAL A 1 29  ? 5.741   -3.262  -1.115  1.00 35.51  ? 26  VAL A N   1 
ATOM   189  C CA  . VAL A 1 29  ? 7.016   -3.890  -1.465  1.00 34.55  ? 26  VAL A CA  1 
ATOM   190  C C   . VAL A 1 29  ? 8.141   -2.933  -1.133  1.00 40.89  ? 26  VAL A C   1 
ATOM   191  O O   . VAL A 1 29  ? 9.123   -3.376  -0.541  1.00 43.58  ? 26  VAL A O   1 
ATOM   192  C CB  . VAL A 1 29  ? 7.062   -4.343  -2.933  1.00 37.30  ? 26  VAL A CB  1 
ATOM   193  C CG1 . VAL A 1 29  ? 8.459   -4.856  -3.314  1.00 36.41  ? 26  VAL A CG1 1 
ATOM   194  C CG2 . VAL A 1 29  ? 5.981   -5.388  -3.216  1.00 36.70  ? 26  VAL A CG2 1 
ATOM   195  N N   . LEU A 1 30  ? 7.991   -1.619  -1.464  1.00 35.76  ? 27  LEU A N   1 
ATOM   196  C CA  . LEU A 1 30  ? 9.003   -0.608  -1.146  1.00 35.21  ? 27  LEU A CA  1 
ATOM   197  C C   . LEU A 1 30  ? 9.155   -0.479  0.373   1.00 40.04  ? 27  LEU A C   1 
ATOM   198  O O   . LEU A 1 30  ? 10.280  -0.368  0.854   1.00 40.87  ? 27  LEU A O   1 
ATOM   199  C CB  . LEU A 1 30  ? 8.672   0.771   -1.748  1.00 35.02  ? 27  LEU A CB  1 
ATOM   200  C CG  . LEU A 1 30  ? 8.698   0.967   -3.276  1.00 39.57  ? 27  LEU A CG  1 
ATOM   201  C CD1 . LEU A 1 30  ? 8.225   2.374   -3.638  1.00 39.28  ? 27  LEU A CD1 1 
ATOM   202  C CD2 . LEU A 1 30  ? 10.077  0.735   -3.861  1.00 39.55  ? 27  LEU A CD2 1 
ATOM   203  N N   . LEU A 1 31  ? 8.034   -0.510  1.126   1.00 36.17  ? 28  LEU A N   1 
ATOM   204  C CA  . LEU A 1 31  ? 8.049   -0.418  2.587   1.00 36.15  ? 28  LEU A CA  1 
ATOM   205  C C   . LEU A 1 31  ? 8.825   -1.584  3.212   1.00 43.44  ? 28  LEU A C   1 
ATOM   206  O O   . LEU A 1 31  ? 9.612   -1.361  4.131   1.00 42.93  ? 28  LEU A O   1 
ATOM   207  C CB  . LEU A 1 31  ? 6.627   -0.326  3.174   1.00 35.23  ? 28  LEU A CB  1 
ATOM   208  C CG  . LEU A 1 31  ? 5.896   1.018   3.045   1.00 38.33  ? 28  LEU A CG  1 
ATOM   209  C CD1 . LEU A 1 31  ? 4.423   0.858   3.324   1.00 38.07  ? 28  LEU A CD1 1 
ATOM   210  C CD2 . LEU A 1 31  ? 6.479   2.083   3.960   1.00 36.65  ? 28  LEU A CD2 1 
ATOM   211  N N   . THR A 1 32  ? 8.632   -2.810  2.659   1.00 41.17  ? 29  THR A N   1 
ATOM   212  C CA  . THR A 1 32  ? 9.290   -4.055  3.063   1.00 41.08  ? 29  THR A CA  1 
ATOM   213  C C   . THR A 1 32  ? 10.815  -3.935  2.843   1.00 45.03  ? 29  THR A C   1 
ATOM   214  O O   . THR A 1 32  ? 11.587  -4.187  3.771   1.00 45.29  ? 29  THR A O   1 
ATOM   215  C CB  . THR A 1 32  ? 8.643   -5.260  2.319   1.00 48.45  ? 29  THR A CB  1 
ATOM   216  O OG1 . THR A 1 32  ? 7.228   -5.235  2.501   1.00 48.30  ? 29  THR A OG1 1 
ATOM   217  C CG2 . THR A 1 32  ? 9.166   -6.601  2.795   1.00 47.02  ? 29  THR A CG2 1 
ATOM   218  N N   . LEU A 1 33  ? 11.234  -3.548  1.621   1.00 40.60  ? 30  LEU A N   1 
ATOM   219  C CA  . LEU A 1 33  ? 12.645  -3.368  1.259   1.00 40.12  ? 30  LEU A CA  1 
ATOM   220  C C   . LEU A 1 33  ? 13.344  -2.302  2.147   1.00 48.27  ? 30  LEU A C   1 
ATOM   221  O O   . LEU A 1 33  ? 14.490  -2.515  2.544   1.00 51.14  ? 30  LEU A O   1 
ATOM   222  C CB  . LEU A 1 33  ? 12.796  -3.026  -0.238  1.00 38.74  ? 30  LEU A CB  1 
ATOM   223  C CG  . LEU A 1 33  ? 12.354  -4.095  -1.253  1.00 41.48  ? 30  LEU A CG  1 
ATOM   224  C CD1 . LEU A 1 33  ? 12.220  -3.496  -2.618  1.00 40.62  ? 30  LEU A CD1 1 
ATOM   225  C CD2 . LEU A 1 33  ? 13.337  -5.279  -1.324  1.00 41.81  ? 30  LEU A CD2 1 
ATOM   226  N N   . GLU A 1 34  ? 12.648  -1.200  2.499   1.00 43.16  ? 31  GLU A N   1 
ATOM   227  C CA  . GLU A 1 34  ? 13.200  -0.152  3.360   1.00 43.36  ? 31  GLU A CA  1 
ATOM   228  C C   . GLU A 1 34  ? 13.395  -0.629  4.790   1.00 50.15  ? 31  GLU A C   1 
ATOM   229  O O   . GLU A 1 34  ? 14.488  -0.453  5.334   1.00 50.94  ? 31  GLU A O   1 
ATOM   230  C CB  . GLU A 1 34  ? 12.315  1.106   3.358   1.00 44.62  ? 31  GLU A CB  1 
ATOM   231  C CG  . GLU A 1 34  ? 12.368  1.915   2.075   1.00 48.29  ? 31  GLU A CG  1 
ATOM   232  C CD  . GLU A 1 34  ? 13.685  2.599   1.783   1.00 56.05  ? 31  GLU A CD  1 
ATOM   233  O OE1 . GLU A 1 34  ? 14.284  3.184   2.715   1.00 47.27  ? 31  GLU A OE1 1 
ATOM   234  O OE2 . GLU A 1 34  ? 14.097  2.583   0.601   1.00 47.77  ? 31  GLU A OE2 1 
ATOM   235  N N   . GLU A 1 35  ? 12.334  -1.236  5.393   1.00 46.86  ? 32  GLU A N   1 
ATOM   236  C CA  . GLU A 1 35  ? 12.304  -1.747  6.772   1.00 45.81  ? 32  GLU A CA  1 
ATOM   237  C C   . GLU A 1 35  ? 13.348  -2.829  7.035   1.00 50.96  ? 32  GLU A C   1 
ATOM   238  O O   . GLU A 1 35  ? 13.908  -2.891  8.137   1.00 51.20  ? 32  GLU A O   1 
ATOM   239  C CB  . GLU A 1 35  ? 10.898  -2.245  7.155   1.00 46.54  ? 32  GLU A CB  1 
ATOM   240  C CG  . GLU A 1 35  ? 9.877   -1.148  7.420   1.00 49.60  ? 32  GLU A CG  1 
ATOM   241  C CD  . GLU A 1 35  ? 10.092  -0.231  8.611   1.00 61.56  ? 32  GLU A CD  1 
ATOM   242  O OE1 . GLU A 1 35  ? 10.697  -0.669  9.618   1.00 62.09  ? 32  GLU A OE1 1 
ATOM   243  O OE2 . GLU A 1 35  ? 9.608   0.921   8.552   1.00 45.00  ? 32  GLU A OE2 1 
ATOM   244  N N   . LYS A 1 36  ? 13.626  -3.662  6.019   1.00 47.97  ? 33  LYS A N   1 
ATOM   245  C CA  . LYS A 1 36  ? 14.618  -4.733  6.115   1.00 47.86  ? 33  LYS A CA  1 
ATOM   246  C C   . LYS A 1 36  ? 16.032  -4.256  5.817   1.00 53.36  ? 33  LYS A C   1 
ATOM   247  O O   . LYS A 1 36  ? 16.965  -5.064  5.801   1.00 53.84  ? 33  LYS A O   1 
ATOM   248  C CB  . LYS A 1 36  ? 14.225  -5.936  5.255   1.00 49.26  ? 33  LYS A CB  1 
ATOM   249  C CG  . LYS A 1 36  ? 13.197  -6.809  5.949   1.00 53.48  ? 33  LYS A CG  1 
ATOM   250  C CD  . LYS A 1 36  ? 12.929  -8.066  5.197   1.00 54.62  ? 33  LYS A CD  1 
ATOM   251  C CE  . LYS A 1 36  ? 11.808  -8.832  5.843   1.00 55.77  ? 33  LYS A CE  1 
ATOM   252  N NZ  . LYS A 1 36  ? 12.259  -9.608  7.026   1.00 53.04  ? 33  LYS A NZ  1 
ATOM   253  N N   . LYS A 1 37  ? 16.182  -2.933  5.596   1.00 49.97  ? 34  LYS A N   1 
ATOM   254  C CA  . LYS A 1 37  ? 17.428  -2.210  5.318   1.00 50.02  ? 34  LYS A CA  1 
ATOM   255  C C   . LYS A 1 37  ? 18.264  -2.834  4.173   1.00 53.82  ? 34  LYS A C   1 
ATOM   256  O O   . LYS A 1 37  ? 19.479  -2.650  4.126   1.00 54.09  ? 34  LYS A O   1 
ATOM   257  C CB  . LYS A 1 37  ? 18.256  -2.012  6.608   1.00 52.20  ? 34  LYS A CB  1 
ATOM   258  C CG  . LYS A 1 37  ? 17.636  -1.035  7.606   1.00 59.19  ? 34  LYS A CG  1 
ATOM   259  C CD  . LYS A 1 37  ? 17.378  -1.696  8.959   1.00 66.83  ? 34  LYS A CD  1 
ATOM   260  N N   . ILE A 1 38  ? 17.586  -3.520  3.232   1.00 49.82  ? 35  ILE A N   1 
ATOM   261  C CA  . ILE A 1 38  ? 18.138  -4.171  2.040   1.00 49.23  ? 35  ILE A CA  1 
ATOM   262  C C   . ILE A 1 38  ? 18.547  -3.093  1.044   1.00 54.12  ? 35  ILE A C   1 
ATOM   263  O O   . ILE A 1 38  ? 17.832  -2.106  0.881   1.00 55.40  ? 35  ILE A O   1 
ATOM   264  C CB  . ILE A 1 38  ? 17.065  -5.112  1.402   1.00 52.07  ? 35  ILE A CB  1 
ATOM   265  C CG1 . ILE A 1 38  ? 16.593  -6.197  2.383   1.00 52.53  ? 35  ILE A CG1 1 
ATOM   266  C CG2 . ILE A 1 38  ? 17.523  -5.721  0.058   1.00 52.33  ? 35  ILE A CG2 1 
ATOM   267  C CD1 . ILE A 1 38  ? 15.266  -6.929  1.975   1.00 58.89  ? 35  ILE A CD1 1 
ATOM   268  N N   . THR A 1 39  ? 19.686  -3.291  0.370   1.00 49.87  ? 36  THR A N   1 
ATOM   269  C CA  . THR A 1 39  ? 20.149  -2.403  -0.682  1.00 48.78  ? 36  THR A CA  1 
ATOM   270  C C   . THR A 1 39  ? 19.466  -2.878  -1.956  1.00 51.52  ? 36  THR A C   1 
ATOM   271  O O   . THR A 1 39  ? 19.527  -4.066  -2.311  1.00 51.90  ? 36  THR A O   1 
ATOM   272  C CB  . THR A 1 39  ? 21.679  -2.365  -0.735  1.00 53.75  ? 36  THR A CB  1 
ATOM   273  O OG1 . THR A 1 39  ? 22.142  -1.693  0.443   1.00 57.96  ? 36  THR A OG1 1 
ATOM   274  C CG2 . THR A 1 39  ? 22.219  -1.659  -1.991  1.00 46.85  ? 36  THR A CG2 1 
ATOM   275  N N   . TYR A 1 40  ? 18.775  -1.959  -2.621  1.00 45.16  ? 37  TYR A N   1 
ATOM   276  C CA  . TYR A 1 40  ? 18.019  -2.309  -3.815  1.00 43.28  ? 37  TYR A CA  1 
ATOM   277  C C   . TYR A 1 40  ? 17.949  -1.118  -4.708  1.00 46.38  ? 37  TYR A C   1 
ATOM   278  O O   . TYR A 1 40  ? 18.363  -0.027  -4.307  1.00 46.12  ? 37  TYR A O   1 
ATOM   279  C CB  . TYR A 1 40  ? 16.585  -2.761  -3.420  1.00 42.59  ? 37  TYR A CB  1 
ATOM   280  C CG  . TYR A 1 40  ? 15.686  -1.634  -2.952  1.00 41.02  ? 37  TYR A CG  1 
ATOM   281  C CD1 . TYR A 1 40  ? 15.742  -1.167  -1.643  1.00 41.93  ? 37  TYR A CD1 1 
ATOM   282  C CD2 . TYR A 1 40  ? 14.757  -1.051  -3.812  1.00 40.77  ? 37  TYR A CD2 1 
ATOM   283  C CE1 . TYR A 1 40  ? 14.919  -0.127  -1.210  1.00 41.30  ? 37  TYR A CE1 1 
ATOM   284  C CE2 . TYR A 1 40  ? 13.929  -0.014  -3.389  1.00 40.38  ? 37  TYR A CE2 1 
ATOM   285  C CZ  . TYR A 1 40  ? 14.009  0.440   -2.086  1.00 44.63  ? 37  TYR A CZ  1 
ATOM   286  O OH  . TYR A 1 40  ? 13.193  1.465   -1.672  1.00 45.40  ? 37  TYR A OH  1 
ATOM   287  N N   . GLU A 1 41  ? 17.366  -1.306  -5.896  1.00 41.55  ? 38  GLU A N   1 
ATOM   288  C CA  . GLU A 1 41  ? 17.164  -0.210  -6.814  1.00 40.42  ? 38  GLU A CA  1 
ATOM   289  C C   . GLU A 1 41  ? 15.720  -0.160  -7.275  1.00 44.70  ? 38  GLU A C   1 
ATOM   290  O O   . GLU A 1 41  ? 15.161  -1.163  -7.716  1.00 44.00  ? 38  GLU A O   1 
ATOM   291  C CB  . GLU A 1 41  ? 18.168  -0.231  -7.979  1.00 41.34  ? 38  GLU A CB  1 
ATOM   292  C CG  . GLU A 1 41  ? 17.974  -1.348  -8.976  1.00 47.58  ? 38  GLU A CG  1 
ATOM   293  C CD  . GLU A 1 41  ? 18.962  -1.379  -10.117 1.00 58.53  ? 38  GLU A CD  1 
ATOM   294  O OE1 . GLU A 1 41  ? 19.185  -0.324  -10.758 1.00 47.99  ? 38  GLU A OE1 1 
ATOM   295  O OE2 . GLU A 1 41  ? 19.463  -2.488  -10.409 1.00 41.97  ? 38  GLU A OE2 1 
ATOM   296  N N   . MET A 1 42  ? 15.107  1.008   -7.146  1.00 42.26  ? 39  MET A N   1 
ATOM   297  C CA  . MET A 1 42  ? 13.740  1.184   -7.592  1.00 41.88  ? 39  MET A CA  1 
ATOM   298  C C   . MET A 1 42  ? 13.772  1.626   -9.058  1.00 46.22  ? 39  MET A C   1 
ATOM   299  O O   . MET A 1 42  ? 14.413  2.620   -9.392  1.00 45.43  ? 39  MET A O   1 
ATOM   300  C CB  . MET A 1 42  ? 13.007  2.182   -6.687  1.00 44.06  ? 39  MET A CB  1 
ATOM   301  C CG  . MET A 1 42  ? 11.542  2.319   -7.021  1.00 48.16  ? 39  MET A CG  1 
ATOM   302  S SD  . MET A 1 42  ? 10.772  3.687   -6.144  1.00 52.96  ? 39  MET A SD  1 
ATOM   303  C CE  . MET A 1 42  ? 11.399  5.029   -7.040  1.00 49.74  ? 39  MET A CE  1 
ATOM   304  N N   . LYS A 1 43  ? 13.128  0.852   -9.937  1.00 43.70  ? 40  LYS A N   1 
ATOM   305  C CA  . LYS A 1 43  ? 13.038  1.164   -11.364 1.00 42.70  ? 40  LYS A CA  1 
ATOM   306  C C   . LYS A 1 43  ? 11.619  1.639   -11.615 1.00 47.04  ? 40  LYS A C   1 
ATOM   307  O O   . LYS A 1 43  ? 10.678  0.923   -11.284 1.00 47.58  ? 40  LYS A O   1 
ATOM   308  C CB  . LYS A 1 43  ? 13.409  -0.058  -12.226 1.00 43.82  ? 40  LYS A CB  1 
ATOM   309  C CG  . LYS A 1 43  ? 14.917  -0.282  -12.301 1.00 49.39  ? 40  LYS A CG  1 
ATOM   310  C CD  . LYS A 1 43  ? 15.331  -1.482  -13.137 1.00 55.07  ? 40  LYS A CD  1 
ATOM   311  C CE  . LYS A 1 43  ? 16.842  -1.582  -13.188 1.00 62.69  ? 40  LYS A CE  1 
ATOM   312  N NZ  . LYS A 1 43  ? 17.323  -2.662  -14.088 1.00 63.87  ? 40  LYS A NZ  1 
ATOM   313  N N   . LEU A 1 44  ? 11.451  2.877   -12.094 1.00 43.44  ? 41  LEU A N   1 
ATOM   314  C CA  . LEU A 1 44  ? 10.117  3.452   -12.330 1.00 42.89  ? 41  LEU A CA  1 
ATOM   315  C C   . LEU A 1 44  ? 9.610   3.203   -13.726 1.00 46.32  ? 41  LEU A C   1 
ATOM   316  O O   . LEU A 1 44  ? 10.335  3.393   -14.702 1.00 46.23  ? 41  LEU A O   1 
ATOM   317  C CB  . LEU A 1 44  ? 10.075  4.961   -12.018 1.00 42.99  ? 41  LEU A CB  1 
ATOM   318  C CG  . LEU A 1 44  ? 10.067  5.343   -10.542 1.00 47.82  ? 41  LEU A CG  1 
ATOM   319  C CD1 . LEU A 1 44  ? 10.447  6.788   -10.352 1.00 47.46  ? 41  LEU A CD1 1 
ATOM   320  C CD2 . LEU A 1 44  ? 8.724   5.059   -9.913  1.00 50.82  ? 41  LEU A CD2 1 
ATOM   321  N N   . VAL A 1 45  ? 8.347   2.796   -13.822 1.00 43.11  ? 42  VAL A N   1 
ATOM   322  C CA  . VAL A 1 45  ? 7.687   2.527   -15.096 1.00 42.97  ? 42  VAL A CA  1 
ATOM   323  C C   . VAL A 1 45  ? 6.427   3.385   -15.228 1.00 48.16  ? 42  VAL A C   1 
ATOM   324  O O   . VAL A 1 45  ? 5.556   3.321   -14.357 1.00 47.17  ? 42  VAL A O   1 
ATOM   325  C CB  . VAL A 1 45  ? 7.326   1.027   -15.248 1.00 46.30  ? 42  VAL A CB  1 
ATOM   326  C CG1 . VAL A 1 45  ? 6.769   0.737   -16.638 1.00 45.82  ? 42  VAL A CG1 1 
ATOM   327  C CG2 . VAL A 1 45  ? 8.514   0.126   -14.931 1.00 46.04  ? 42  VAL A CG2 1 
ATOM   328  N N   . ASP A 1 46  ? 6.319   4.151   -16.332 1.00 46.23  ? 43  ASP A N   1 
ATOM   329  C CA  . ASP A 1 46  ? 5.115   4.911   -16.663 1.00 46.89  ? 43  ASP A CA  1 
ATOM   330  C C   . ASP A 1 46  ? 4.283   3.943   -17.528 1.00 52.65  ? 43  ASP A C   1 
ATOM   331  O O   . ASP A 1 46  ? 4.621   3.697   -18.694 1.00 51.30  ? 43  ASP A O   1 
ATOM   332  C CB  . ASP A 1 46  ? 5.453   6.224   -17.410 1.00 48.84  ? 43  ASP A CB  1 
ATOM   333  C CG  . ASP A 1 46  ? 4.272   7.095   -17.851 1.00 58.34  ? 43  ASP A CG  1 
ATOM   334  O OD1 . ASP A 1 46  ? 3.114   6.644   -17.733 1.00 59.78  ? 43  ASP A OD1 1 
ATOM   335  O OD2 . ASP A 1 46  ? 4.511   8.218   -18.323 1.00 62.70  ? 43  ASP A OD2 1 
ATOM   336  N N   . LEU A 1 47  ? 3.226   3.352   -16.924 1.00 50.93  ? 44  LEU A N   1 
ATOM   337  C CA  . LEU A 1 47  ? 2.371   2.346   -17.570 1.00 51.28  ? 44  LEU A CA  1 
ATOM   338  C C   . LEU A 1 47  ? 1.615   2.856   -18.817 1.00 56.27  ? 44  LEU A C   1 
ATOM   339  O O   . LEU A 1 47  ? 1.283   2.035   -19.678 1.00 56.37  ? 44  LEU A O   1 
ATOM   340  C CB  . LEU A 1 47  ? 1.410   1.683   -16.569 1.00 51.28  ? 44  LEU A CB  1 
ATOM   341  C CG  . LEU A 1 47  ? 2.058   0.989   -15.356 1.00 55.27  ? 44  LEU A CG  1 
ATOM   342  C CD1 . LEU A 1 47  ? 1.056   0.790   -14.261 1.00 55.04  ? 44  LEU A CD1 1 
ATOM   343  C CD2 . LEU A 1 47  ? 2.738   -0.321  -15.738 1.00 56.17  ? 44  LEU A CD2 1 
ATOM   344  N N   . SER A 1 48  ? 1.413   4.191   -18.958 1.00 52.85  ? 45  SER A N   1 
ATOM   345  C CA  . SER A 1 48  ? 0.801   4.782   -20.161 1.00 53.05  ? 45  SER A CA  1 
ATOM   346  C C   . SER A 1 48  ? 1.813   4.866   -21.335 1.00 58.53  ? 45  SER A C   1 
ATOM   347  O O   . SER A 1 48  ? 1.438   5.203   -22.456 1.00 59.00  ? 45  SER A O   1 
ATOM   348  C CB  . SER A 1 48  ? 0.230   6.165   -19.857 1.00 55.54  ? 45  SER A CB  1 
ATOM   349  O OG  . SER A 1 48  ? 1.247   7.113   -19.584 1.00 62.53  ? 45  SER A OG  1 
ATOM   350  N N   . ASN A 1 49  ? 3.096   4.572   -21.068 1.00 55.57  ? 46  ASN A N   1 
ATOM   351  C CA  . ASN A 1 49  ? 4.170   4.628   -22.057 1.00 55.08  ? 46  ASN A CA  1 
ATOM   352  C C   . ASN A 1 49  ? 5.211   3.559   -21.720 1.00 57.47  ? 46  ASN A C   1 
ATOM   353  O O   . ASN A 1 49  ? 6.389   3.868   -21.515 1.00 55.16  ? 46  ASN A O   1 
ATOM   354  C CB  . ASN A 1 49  ? 4.791   6.034   -22.049 1.00 54.35  ? 46  ASN A CB  1 
ATOM   355  C CG  . ASN A 1 49  ? 5.687   6.342   -23.218 1.00 65.20  ? 46  ASN A CG  1 
ATOM   356  O OD1 . ASN A 1 49  ? 5.581   5.756   -24.303 1.00 55.42  ? 46  ASN A OD1 1 
ATOM   357  N ND2 . ASN A 1 49  ? 6.593   7.283   -23.009 1.00 53.76  ? 46  ASN A ND2 1 
ATOM   358  N N   . LYS A 1 50  ? 4.750   2.296   -21.643 1.00 55.24  ? 47  LYS A N   1 
ATOM   359  C CA  . LYS A 1 50  ? 5.557   1.140   -21.257 1.00 55.91  ? 47  LYS A CA  1 
ATOM   360  C C   . LYS A 1 50  ? 6.831   0.971   -22.092 1.00 63.44  ? 47  LYS A C   1 
ATOM   361  O O   . LYS A 1 50  ? 6.750   0.723   -23.302 1.00 63.39  ? 47  LYS A O   1 
ATOM   362  C CB  . LYS A 1 50  ? 4.722   -0.144  -21.235 1.00 57.85  ? 47  LYS A CB  1 
ATOM   363  C CG  . LYS A 1 50  ? 3.882   -0.297  -19.966 1.00 60.78  ? 47  LYS A CG  1 
ATOM   364  C CD  . LYS A 1 50  ? 2.976   -1.522  -20.044 1.00 65.80  ? 47  LYS A CD  1 
ATOM   365  C CE  . LYS A 1 50  ? 1.610   -1.223  -20.617 1.00 75.58  ? 47  LYS A CE  1 
ATOM   366  N NZ  . LYS A 1 50  ? 0.677   -0.704  -19.584 1.00 84.30  ? 47  LYS A NZ  1 
ATOM   367  N N   . PRO A 1 51  ? 8.021   1.149   -21.460 1.00 61.58  ? 48  PRO A N   1 
ATOM   368  C CA  . PRO A 1 51  ? 9.275   1.005   -22.214 1.00 61.63  ? 48  PRO A CA  1 
ATOM   369  C C   . PRO A 1 51  ? 9.587   -0.437  -22.614 1.00 68.02  ? 48  PRO A C   1 
ATOM   370  O O   . PRO A 1 51  ? 8.967   -1.392  -22.136 1.00 67.01  ? 48  PRO A O   1 
ATOM   371  C CB  . PRO A 1 51  ? 10.338  1.585   -21.271 1.00 63.03  ? 48  PRO A CB  1 
ATOM   372  C CG  . PRO A 1 51  ? 9.778   1.442   -19.921 1.00 67.53  ? 48  PRO A CG  1 
ATOM   373  C CD  . PRO A 1 51  ? 8.277   1.465   -20.036 1.00 63.19  ? 48  PRO A CD  1 
ATOM   374  N N   . GLU A 1 52  ? 10.557  -0.562  -23.527 1.00 66.77  ? 49  GLU A N   1 
ATOM   375  C CA  . GLU A 1 52  ? 11.103  -1.784  -24.115 1.00 67.13  ? 49  GLU A CA  1 
ATOM   376  C C   . GLU A 1 52  ? 11.607  -2.789  -23.059 1.00 70.40  ? 49  GLU A C   1 
ATOM   377  O O   . GLU A 1 52  ? 11.128  -3.923  -23.010 1.00 69.45  ? 49  GLU A O   1 
ATOM   378  C CB  . GLU A 1 52  ? 12.197  -1.439  -25.165 1.00 68.68  ? 49  GLU A CB  1 
ATOM   379  C CG  . GLU A 1 52  ? 13.259  -0.421  -24.732 1.00 79.23  ? 49  GLU A CG  1 
ATOM   380  C CD  . GLU A 1 52  ? 12.855  1.040   -24.579 1.00 98.37  ? 49  GLU A CD  1 
ATOM   381  O OE1 . GLU A 1 52  ? 13.482  1.737   -23.746 1.00 83.79  ? 49  GLU A OE1 1 
ATOM   382  O OE2 . GLU A 1 52  ? 11.903  1.483   -25.268 1.00 89.68  ? 49  GLU A OE2 1 
ATOM   383  N N   . TRP A 1 53  ? 12.534  -2.341  -22.196 1.00 67.17  ? 50  TRP A N   1 
ATOM   384  C CA  . TRP A 1 53  ? 13.138  -3.116  -21.122 1.00 67.11  ? 50  TRP A CA  1 
ATOM   385  C C   . TRP A 1 53  ? 12.094  -3.656  -20.151 1.00 70.16  ? 50  TRP A C   1 
ATOM   386  O O   . TRP A 1 53  ? 12.227  -4.791  -19.695 1.00 70.47  ? 50  TRP A O   1 
ATOM   387  C CB  . TRP A 1 53  ? 14.214  -2.288  -20.390 1.00 66.11  ? 50  TRP A CB  1 
ATOM   388  C CG  . TRP A 1 53  ? 13.698  -1.059  -19.698 1.00 67.23  ? 50  TRP A CG  1 
ATOM   389  C CD1 . TRP A 1 53  ? 13.627  0.201   -20.211 1.00 70.13  ? 50  TRP A CD1 1 
ATOM   390  C CD2 . TRP A 1 53  ? 13.202  -0.976  -18.352 1.00 67.20  ? 50  TRP A CD2 1 
ATOM   391  N NE1 . TRP A 1 53  ? 13.123  1.070   -19.269 1.00 69.51  ? 50  TRP A NE1 1 
ATOM   392  C CE2 . TRP A 1 53  ? 12.828  0.369   -18.126 1.00 71.00  ? 50  TRP A CE2 1 
ATOM   393  C CE3 . TRP A 1 53  ? 13.013  -1.913  -17.318 1.00 68.37  ? 50  TRP A CE3 1 
ATOM   394  C CZ2 . TRP A 1 53  ? 12.293  0.802   -16.905 1.00 70.14  ? 50  TRP A CZ2 1 
ATOM   395  C CZ3 . TRP A 1 53  ? 12.465  -1.487  -16.119 1.00 69.74  ? 50  TRP A CZ3 1 
ATOM   396  C CH2 . TRP A 1 53  ? 12.125  -0.143  -15.916 1.00 70.38  ? 50  TRP A CH2 1 
ATOM   397  N N   . PHE A 1 54  ? 11.048  -2.853  -19.853 1.00 64.97  ? 51  PHE A N   1 
ATOM   398  C CA  . PHE A 1 54  ? 9.979   -3.248  -18.940 1.00 63.80  ? 51  PHE A CA  1 
ATOM   399  C C   . PHE A 1 54  ? 9.154   -4.405  -19.491 1.00 69.26  ? 51  PHE A C   1 
ATOM   400  O O   . PHE A 1 54  ? 8.900   -5.364  -18.766 1.00 69.42  ? 51  PHE A O   1 
ATOM   401  C CB  . PHE A 1 54  ? 9.078   -2.058  -18.549 1.00 64.27  ? 51  PHE A CB  1 
ATOM   402  C CG  . PHE A 1 54  ? 7.892   -2.458  -17.698 1.00 64.34  ? 51  PHE A CG  1 
ATOM   403  C CD1 . PHE A 1 54  ? 8.074   -2.975  -16.417 1.00 66.18  ? 51  PHE A CD1 1 
ATOM   404  C CD2 . PHE A 1 54  ? 6.599   -2.377  -18.199 1.00 65.00  ? 51  PHE A CD2 1 
ATOM   405  C CE1 . PHE A 1 54  ? 6.980   -3.367  -15.642 1.00 66.48  ? 51  PHE A CE1 1 
ATOM   406  C CE2 . PHE A 1 54  ? 5.505   -2.746  -17.413 1.00 67.23  ? 51  PHE A CE2 1 
ATOM   407  C CZ  . PHE A 1 54  ? 5.702   -3.253  -16.147 1.00 65.24  ? 51  PHE A CZ  1 
ATOM   408  N N   . LEU A 1 55  ? 8.753   -4.321  -20.769 1.00 65.99  ? 52  LEU A N   1 
ATOM   409  C CA  . LEU A 1 55  ? 7.955   -5.345  -21.438 1.00 65.60  ? 52  LEU A CA  1 
ATOM   410  C C   . LEU A 1 55  ? 8.705   -6.676  -21.590 1.00 69.52  ? 52  LEU A C   1 
ATOM   411  O O   . LEU A 1 55  ? 8.069   -7.722  -21.706 1.00 68.49  ? 52  LEU A O   1 
ATOM   412  C CB  . LEU A 1 55  ? 7.403   -4.824  -22.771 1.00 65.52  ? 52  LEU A CB  1 
ATOM   413  C CG  . LEU A 1 55  ? 6.339   -3.725  -22.630 1.00 70.09  ? 52  LEU A CG  1 
ATOM   414  C CD1 . LEU A 1 55  ? 6.291   -2.853  -23.860 1.00 70.26  ? 52  LEU A CD1 1 
ATOM   415  C CD2 . LEU A 1 55  ? 4.957   -4.303  -22.264 1.00 71.10  ? 52  LEU A CD2 1 
ATOM   416  N N   . LYS A 1 56  ? 10.052  -6.636  -21.525 1.00 66.59  ? 53  LYS A N   1 
ATOM   417  C CA  . LYS A 1 56  ? 10.906  -7.824  -21.548 1.00 66.44  ? 53  LYS A CA  1 
ATOM   418  C C   . LYS A 1 56  ? 10.770  -8.526  -20.177 1.00 70.66  ? 53  LYS A C   1 
ATOM   419  O O   . LYS A 1 56  ? 10.417  -9.703  -20.126 1.00 71.43  ? 53  LYS A O   1 
ATOM   420  C CB  . LYS A 1 56  ? 12.372  -7.428  -21.816 1.00 68.48  ? 53  LYS A CB  1 
ATOM   421  N N   . ILE A 1 57  ? 10.965  -7.756  -19.081 1.00 65.67  ? 54  ILE A N   1 
ATOM   422  C CA  . ILE A 1 57  ? 10.911  -8.142  -17.666 1.00 64.51  ? 54  ILE A CA  1 
ATOM   423  C C   . ILE A 1 57  ? 9.496   -8.594  -17.205 1.00 67.79  ? 54  ILE A C   1 
ATOM   424  O O   . ILE A 1 57  ? 9.385   -9.581  -16.478 1.00 67.30  ? 54  ILE A O   1 
ATOM   425  C CB  . ILE A 1 57  ? 11.494  -6.952  -16.841 1.00 67.29  ? 54  ILE A CB  1 
ATOM   426  C CG1 . ILE A 1 57  ? 13.039  -7.012  -16.821 1.00 68.00  ? 54  ILE A CG1 1 
ATOM   427  C CG2 . ILE A 1 57  ? 10.914  -6.831  -15.432 1.00 67.06  ? 54  ILE A CG2 1 
ATOM   428  C CD1 . ILE A 1 57  ? 13.791  -5.649  -16.668 1.00 77.40  ? 54  ILE A CD1 1 
ATOM   429  N N   . SER A 1 58  ? 8.445   -7.862  -17.605 1.00 64.15  ? 55  SER A N   1 
ATOM   430  C CA  . SER A 1 58  ? 7.046   -8.127  -17.260 1.00 63.84  ? 55  SER A CA  1 
ATOM   431  C C   . SER A 1 58  ? 6.214   -7.888  -18.525 1.00 70.65  ? 55  SER A C   1 
ATOM   432  O O   . SER A 1 58  ? 5.772   -6.754  -18.757 1.00 70.59  ? 55  SER A O   1 
ATOM   433  C CB  . SER A 1 58  ? 6.591   -7.209  -16.126 1.00 65.22  ? 55  SER A CB  1 
ATOM   434  O OG  . SER A 1 58  ? 5.200   -7.317  -15.863 1.00 68.94  ? 55  SER A OG  1 
ATOM   435  N N   . PRO A 1 59  ? 6.037   -8.938  -19.379 1.00 68.25  ? 56  PRO A N   1 
ATOM   436  C CA  . PRO A 1 59  ? 5.310   -8.757  -20.655 1.00 67.54  ? 56  PRO A CA  1 
ATOM   437  C C   . PRO A 1 59  ? 3.829   -8.422  -20.536 1.00 69.57  ? 56  PRO A C   1 
ATOM   438  O O   . PRO A 1 59  ? 3.282   -7.792  -21.444 1.00 69.60  ? 56  PRO A O   1 
ATOM   439  C CB  . PRO A 1 59  ? 5.540   -10.085 -21.388 1.00 69.42  ? 56  PRO A CB  1 
ATOM   440  C CG  . PRO A 1 59  ? 6.741   -10.706 -20.699 1.00 74.00  ? 56  PRO A CG  1 
ATOM   441  C CD  . PRO A 1 59  ? 6.559   -10.313 -19.268 1.00 69.74  ? 56  PRO A CD  1 
ATOM   442  N N   . GLU A 1 60  ? 3.196   -8.800  -19.422 1.00 64.79  ? 57  GLU A N   1 
ATOM   443  C CA  . GLU A 1 60  ? 1.777   -8.516  -19.168 1.00 64.47  ? 57  GLU A CA  1 
ATOM   444  C C   . GLU A 1 60  ? 1.580   -7.089  -18.569 1.00 66.72  ? 57  GLU A C   1 
ATOM   445  O O   . GLU A 1 60  ? 0.467   -6.738  -18.151 1.00 66.04  ? 57  GLU A O   1 
ATOM   446  C CB  . GLU A 1 60  ? 1.150   -9.607  -18.267 1.00 66.12  ? 57  GLU A CB  1 
ATOM   447  C CG  . GLU A 1 60  ? 1.277   -11.029 -18.804 1.00 76.38  ? 57  GLU A CG  1 
ATOM   448  N N   . GLY A 1 61  ? 2.668   -6.305  -18.542 1.00 61.24  ? 58  GLY A N   1 
ATOM   449  C CA  . GLY A 1 61  ? 2.721   -4.928  -18.066 1.00 60.42  ? 58  GLY A CA  1 
ATOM   450  C C   . GLY A 1 61  ? 2.269   -4.657  -16.644 1.00 64.27  ? 58  GLY A C   1 
ATOM   451  O O   . GLY A 1 61  ? 1.898   -3.521  -16.327 1.00 65.23  ? 58  GLY A O   1 
ATOM   452  N N   . LYS A 1 62  ? 2.296   -5.678  -15.768 1.00 58.87  ? 59  LYS A N   1 
ATOM   453  C CA  . LYS A 1 62  ? 1.852   -5.542  -14.375 1.00 57.04  ? 59  LYS A CA  1 
ATOM   454  C C   . LYS A 1 62  ? 2.973   -5.055  -13.452 1.00 55.84  ? 59  LYS A C   1 
ATOM   455  O O   . LYS A 1 62  ? 4.148   -5.368  -13.673 1.00 53.36  ? 59  LYS A O   1 
ATOM   456  C CB  . LYS A 1 62  ? 1.271   -6.869  -13.844 1.00 60.38  ? 59  LYS A CB  1 
ATOM   457  C CG  . LYS A 1 62  ? 0.004   -7.341  -14.555 1.00 76.93  ? 59  LYS A CG  1 
ATOM   458  N N   . VAL A 1 63  ? 2.585   -4.276  -12.417 1.00 50.51  ? 60  VAL A N   1 
ATOM   459  C CA  . VAL A 1 63  ? 3.459   -3.739  -11.361 1.00 48.41  ? 60  VAL A CA  1 
ATOM   460  C C   . VAL A 1 63  ? 2.844   -4.019  -9.959  1.00 49.45  ? 60  VAL A C   1 
ATOM   461  O O   . VAL A 1 63  ? 1.619   -3.985  -9.815  1.00 48.45  ? 60  VAL A O   1 
ATOM   462  C CB  . VAL A 1 63  ? 3.914   -2.251  -11.536 1.00 51.40  ? 60  VAL A CB  1 
ATOM   463  C CG1 . VAL A 1 63  ? 4.888   -2.090  -12.695 1.00 50.71  ? 60  VAL A CG1 1 
ATOM   464  C CG2 . VAL A 1 63  ? 2.737   -1.286  -11.649 1.00 51.11  ? 60  VAL A CG2 1 
ATOM   465  N N   . PRO A 1 64  ? 3.658   -4.322  -8.922  1.00 44.36  ? 61  PRO A N   1 
ATOM   466  C CA  . PRO A 1 64  ? 5.127   -4.408  -8.937  1.00 43.11  ? 61  PRO A CA  1 
ATOM   467  C C   . PRO A 1 64  ? 5.669   -5.737  -9.464  1.00 45.55  ? 61  PRO A C   1 
ATOM   468  O O   . PRO A 1 64  ? 4.964   -6.749  -9.496  1.00 45.61  ? 61  PRO A O   1 
ATOM   469  C CB  . PRO A 1 64  ? 5.487   -4.172  -7.469  1.00 44.64  ? 61  PRO A CB  1 
ATOM   470  C CG  . PRO A 1 64  ? 4.338   -4.798  -6.705  1.00 48.55  ? 61  PRO A CG  1 
ATOM   471  C CD  . PRO A 1 64  ? 3.113   -4.597  -7.571  1.00 44.47  ? 61  PRO A CD  1 
ATOM   472  N N   . VAL A 1 65  ? 6.913   -5.704  -9.919  1.00 40.73  ? 62  VAL A N   1 
ATOM   473  C CA  . VAL A 1 65  ? 7.687   -6.870  -10.320 1.00 40.55  ? 62  VAL A CA  1 
ATOM   474  C C   . VAL A 1 65  ? 9.011   -6.764  -9.569  1.00 44.68  ? 62  VAL A C   1 
ATOM   475  O O   . VAL A 1 65  ? 9.508   -5.648  -9.358  1.00 44.97  ? 62  VAL A O   1 
ATOM   476  C CB  . VAL A 1 65  ? 7.803   -7.193  -11.840 1.00 44.64  ? 62  VAL A CB  1 
ATOM   477  C CG1 . VAL A 1 65  ? 6.458   -7.610  -12.420 1.00 44.11  ? 62  VAL A CG1 1 
ATOM   478  C CG2 . VAL A 1 65  ? 8.408   -6.041  -12.636 1.00 44.59  ? 62  VAL A CG2 1 
ATOM   479  N N   . PHE A 1 66  ? 9.521   -7.895  -9.074  1.00 40.65  ? 63  PHE A N   1 
ATOM   480  C CA  . PHE A 1 66  ? 10.705  -7.904  -8.226  1.00 40.49  ? 63  PHE A CA  1 
ATOM   481  C C   . PHE A 1 66  ? 11.746  -8.946  -8.603  1.00 46.56  ? 63  PHE A C   1 
ATOM   482  O O   . PHE A 1 66  ? 11.421  -10.057 -9.023  1.00 45.95  ? 63  PHE A O   1 
ATOM   483  C CB  . PHE A 1 66  ? 10.261  -8.057  -6.761  1.00 41.75  ? 63  PHE A CB  1 
ATOM   484  C CG  . PHE A 1 66  ? 11.300  -8.398  -5.724  1.00 42.50  ? 63  PHE A CG  1 
ATOM   485  C CD1 . PHE A 1 66  ? 12.062  -7.399  -5.124  1.00 44.66  ? 63  PHE A CD1 1 
ATOM   486  C CD2 . PHE A 1 66  ? 11.454  -9.705  -5.275  1.00 43.16  ? 63  PHE A CD2 1 
ATOM   487  C CE1 . PHE A 1 66  ? 12.996  -7.711  -4.139  1.00 45.11  ? 63  PHE A CE1 1 
ATOM   488  C CE2 . PHE A 1 66  ? 12.384  -10.012 -4.277  1.00 45.33  ? 63  PHE A CE2 1 
ATOM   489  C CZ  . PHE A 1 66  ? 13.160  -9.018  -3.730  1.00 43.34  ? 63  PHE A CZ  1 
ATOM   490  N N   . ASN A 1 67  ? 13.011  -8.555  -8.436  1.00 45.67  ? 64  ASN A N   1 
ATOM   491  C CA  . ASN A 1 67  ? 14.185  -9.371  -8.672  1.00 46.66  ? 64  ASN A CA  1 
ATOM   492  C C   . ASN A 1 67  ? 14.967  -9.406  -7.367  1.00 53.12  ? 64  ASN A C   1 
ATOM   493  O O   . ASN A 1 67  ? 15.401  -8.358  -6.887  1.00 53.64  ? 64  ASN A O   1 
ATOM   494  C CB  . ASN A 1 67  ? 15.035  -8.759  -9.783  1.00 48.45  ? 64  ASN A CB  1 
ATOM   495  C CG  . ASN A 1 67  ? 16.145  -9.654  -10.274 1.00 66.23  ? 64  ASN A CG  1 
ATOM   496  O OD1 . ASN A 1 67  ? 16.712  -10.470 -9.544  1.00 63.15  ? 64  ASN A OD1 1 
ATOM   497  N ND2 . ASN A 1 67  ? 16.499  -9.497  -11.527 1.00 56.18  ? 64  ASN A ND2 1 
ATOM   498  N N   . SER A 1 68  ? 15.148  -10.605 -6.792  1.00 51.24  ? 65  SER A N   1 
ATOM   499  C CA  . SER A 1 68  ? 15.895  -10.796 -5.536  1.00 51.63  ? 65  SER A CA  1 
ATOM   500  C C   . SER A 1 68  ? 17.417  -10.848 -5.744  1.00 56.96  ? 65  SER A C   1 
ATOM   501  O O   . SER A 1 68  ? 18.159  -11.046 -4.785  1.00 56.60  ? 65  SER A O   1 
ATOM   502  C CB  . SER A 1 68  ? 15.408  -12.046 -4.807  1.00 53.94  ? 65  SER A CB  1 
ATOM   503  O OG  . SER A 1 68  ? 15.630  -13.216 -5.577  1.00 59.37  ? 65  SER A OG  1 
ATOM   504  N N   . GLY A 1 69  ? 17.858  -10.651 -6.987  1.00 55.30  ? 66  GLY A N   1 
ATOM   505  C CA  . GLY A 1 69  ? 19.261  -10.696 -7.379  1.00 55.84  ? 66  GLY A CA  1 
ATOM   506  C C   . GLY A 1 69  ? 19.635  -11.950 -8.149  1.00 62.02  ? 66  GLY A C   1 
ATOM   507  O O   . GLY A 1 69  ? 20.807  -12.127 -8.492  1.00 63.58  ? 66  GLY A O   1 
ATOM   508  N N   . ASP A 1 70  ? 18.650  -12.838 -8.425  1.00 58.01  ? 67  ASP A N   1 
ATOM   509  C CA  . ASP A 1 70  ? 18.847  -14.105 -9.152  1.00 57.35  ? 67  ASP A CA  1 
ATOM   510  C C   . ASP A 1 70  ? 18.491  -14.050 -10.658 1.00 60.93  ? 67  ASP A C   1 
ATOM   511  O O   . ASP A 1 70  ? 18.671  -15.045 -11.360 1.00 61.00  ? 67  ASP A O   1 
ATOM   512  C CB  . ASP A 1 70  ? 18.089  -15.262 -8.458  1.00 58.57  ? 67  ASP A CB  1 
ATOM   513  C CG  . ASP A 1 70  ? 16.577  -15.103 -8.355  1.00 67.35  ? 67  ASP A CG  1 
ATOM   514  O OD1 . ASP A 1 70  ? 16.030  -14.157 -8.971  1.00 67.74  ? 67  ASP A OD1 1 
ATOM   515  O OD2 . ASP A 1 70  ? 15.940  -15.921 -7.650  1.00 70.90  ? 67  ASP A OD2 1 
ATOM   516  N N   . GLY A 1 71  ? 17.963  -12.920 -11.122 1.00 57.36  ? 68  GLY A N   1 
ATOM   517  C CA  . GLY A 1 71  ? 17.548  -12.727 -12.512 1.00 57.01  ? 68  GLY A CA  1 
ATOM   518  C C   . GLY A 1 71  ? 16.122  -13.147 -12.834 1.00 60.01  ? 68  GLY A C   1 
ATOM   519  O O   . GLY A 1 71  ? 15.631  -12.862 -13.927 1.00 60.24  ? 68  GLY A O   1 
ATOM   520  N N   . LYS A 1 72  ? 15.448  -13.831 -11.898 1.00 54.95  ? 69  LYS A N   1 
ATOM   521  C CA  . LYS A 1 72  ? 14.078  -14.321 -12.063 1.00 54.11  ? 69  LYS A CA  1 
ATOM   522  C C   . LYS A 1 72  ? 13.072  -13.281 -11.556 1.00 55.84  ? 69  LYS A C   1 
ATOM   523  O O   . LYS A 1 72  ? 12.991  -13.053 -10.354 1.00 56.47  ? 69  LYS A O   1 
ATOM   524  C CB  . LYS A 1 72  ? 13.896  -15.673 -11.333 1.00 56.90  ? 69  LYS A CB  1 
ATOM   525  C CG  . LYS A 1 72  ? 14.803  -16.805 -11.834 1.00 70.49  ? 69  LYS A CG  1 
ATOM   526  N N   . TRP A 1 73  ? 12.315  -12.644 -12.468 1.00 50.05  ? 70  TRP A N   1 
ATOM   527  C CA  . TRP A 1 73  ? 11.323  -11.621 -12.121 1.00 48.66  ? 70  TRP A CA  1 
ATOM   528  C C   . TRP A 1 73  ? 10.006  -12.220 -11.654 1.00 51.76  ? 70  TRP A C   1 
ATOM   529  O O   . TRP A 1 73  ? 9.446   -13.086 -12.330 1.00 52.82  ? 70  TRP A O   1 
ATOM   530  C CB  . TRP A 1 73  ? 11.099  -10.647 -13.288 1.00 46.95  ? 70  TRP A CB  1 
ATOM   531  C CG  . TRP A 1 73  ? 12.249  -9.704  -13.489 1.00 47.32  ? 70  TRP A CG  1 
ATOM   532  C CD1 . TRP A 1 73  ? 13.343  -9.901  -14.281 1.00 49.93  ? 70  TRP A CD1 1 
ATOM   533  C CD2 . TRP A 1 73  ? 12.466  -8.463  -12.807 1.00 46.86  ? 70  TRP A CD2 1 
ATOM   534  N NE1 . TRP A 1 73  ? 14.203  -8.836  -14.172 1.00 49.04  ? 70  TRP A NE1 1 
ATOM   535  C CE2 . TRP A 1 73  ? 13.679  -7.926  -13.292 1.00 50.43  ? 70  TRP A CE2 1 
ATOM   536  C CE3 . TRP A 1 73  ? 11.719  -7.719  -11.875 1.00 47.81  ? 70  TRP A CE3 1 
ATOM   537  C CZ2 . TRP A 1 73  ? 14.184  -6.697  -12.848 1.00 49.60  ? 70  TRP A CZ2 1 
ATOM   538  C CZ3 . TRP A 1 73  ? 12.214  -6.501  -11.443 1.00 49.15  ? 70  TRP A CZ3 1 
ATOM   539  C CH2 . TRP A 1 73  ? 13.429  -5.997  -11.933 1.00 49.83  ? 70  TRP A CH2 1 
ATOM   540  N N   . ILE A 1 74  ? 9.513   -11.759 -10.492 1.00 45.34  ? 71  ILE A N   1 
ATOM   541  C CA  . ILE A 1 74  ? 8.264   -12.249 -9.904  1.00 43.66  ? 71  ILE A CA  1 
ATOM   542  C C   . ILE A 1 74  ? 7.277   -11.111 -9.636  1.00 45.64  ? 71  ILE A C   1 
ATOM   543  O O   . ILE A 1 74  ? 7.674   -10.027 -9.219  1.00 45.64  ? 71  ILE A O   1 
ATOM   544  C CB  . ILE A 1 74  ? 8.499   -13.138 -8.648  1.00 46.00  ? 71  ILE A CB  1 
ATOM   545  C CG1 . ILE A 1 74  ? 9.251   -12.369 -7.523  1.00 45.43  ? 71  ILE A CG1 1 
ATOM   546  C CG2 . ILE A 1 74  ? 9.218   -14.449 -9.034  1.00 45.34  ? 71  ILE A CG2 1 
ATOM   547  C CD1 . ILE A 1 74  ? 9.057   -12.888 -6.137  1.00 47.81  ? 71  ILE A CD1 1 
ATOM   548  N N   . ALA A 1 75  ? 5.996   -11.384 -9.875  1.00 39.80  ? 72  ALA A N   1 
ATOM   549  C CA  . ALA A 1 75  ? 4.871   -10.484 -9.701  1.00 38.61  ? 72  ALA A CA  1 
ATOM   550  C C   . ALA A 1 75  ? 4.058   -10.831 -8.425  1.00 42.27  ? 72  ALA A C   1 
ATOM   551  O O   . ALA A 1 75  ? 4.344   -11.826 -7.761  1.00 41.91  ? 72  ALA A O   1 
ATOM   552  C CB  . ALA A 1 75  ? 3.985   -10.562 -10.934 1.00 39.09  ? 72  ALA A CB  1 
ATOM   553  N N   . ASP A 1 76  ? 3.055   -9.992  -8.093  1.00 39.34  ? 73  ASP A N   1 
ATOM   554  C CA  . ASP A 1 76  ? 2.133   -10.073 -6.944  1.00 38.59  ? 73  ASP A CA  1 
ATOM   555  C C   . ASP A 1 76  ? 2.806   -9.684  -5.618  1.00 41.76  ? 73  ASP A C   1 
ATOM   556  O O   . ASP A 1 76  ? 3.705   -10.387 -5.163  1.00 41.41  ? 73  ASP A O   1 
ATOM   557  C CB  . ASP A 1 76  ? 1.437   -11.445 -6.874  1.00 40.70  ? 73  ASP A CB  1 
ATOM   558  C CG  . ASP A 1 76  ? 0.268   -11.535 -5.915  1.00 50.79  ? 73  ASP A CG  1 
ATOM   559  O OD1 . ASP A 1 76  ? 0.485   -11.366 -4.696  1.00 52.98  ? 73  ASP A OD1 1 
ATOM   560  O OD2 . ASP A 1 76  ? -0.852  -11.834 -6.378  1.00 53.60  ? 73  ASP A OD2 1 
ATOM   561  N N   . SER A 1 77  ? 2.346   -8.573  -4.988  1.00 38.61  ? 74  SER A N   1 
ATOM   562  C CA  . SER A 1 77  ? 2.894   -8.051  -3.725  1.00 38.06  ? 74  SER A CA  1 
ATOM   563  C C   . SER A 1 77  ? 2.783   -9.018  -2.552  1.00 42.29  ? 74  SER A C   1 
ATOM   564  O O   . SER A 1 77  ? 3.614   -8.931  -1.657  1.00 41.92  ? 74  SER A O   1 
ATOM   565  C CB  . SER A 1 77  ? 2.304   -6.687  -3.363  1.00 41.48  ? 74  SER A CB  1 
ATOM   566  O OG  . SER A 1 77  ? 0.946   -6.730  -2.959  1.00 48.89  ? 74  SER A OG  1 
ATOM   567  N N   . ASP A 1 78  ? 1.785   -9.941  -2.544  1.00 40.22  ? 75  ASP A N   1 
ATOM   568  C CA  . ASP A 1 78  ? 1.665   -10.955 -1.478  1.00 39.75  ? 75  ASP A CA  1 
ATOM   569  C C   . ASP A 1 78  ? 2.814   -11.944 -1.652  1.00 40.67  ? 75  ASP A C   1 
ATOM   570  O O   . ASP A 1 78  ? 3.463   -12.314 -0.682  1.00 40.48  ? 75  ASP A O   1 
ATOM   571  C CB  . ASP A 1 78  ? 0.347   -11.749 -1.585  1.00 42.27  ? 75  ASP A CB  1 
ATOM   572  C CG  . ASP A 1 78  ? -0.950  -10.988 -1.449  1.00 61.43  ? 75  ASP A CG  1 
ATOM   573  O OD1 . ASP A 1 78  ? -1.056  -10.151 -0.516  1.00 62.57  ? 75  ASP A OD1 1 
ATOM   574  O OD2 . ASP A 1 78  ? -1.908  -11.315 -2.198  1.00 71.82  ? 75  ASP A OD2 1 
ATOM   575  N N   . VAL A 1 79  ? 3.058   -12.361 -2.912  1.00 35.06  ? 76  VAL A N   1 
ATOM   576  C CA  . VAL A 1 79  ? 4.111   -13.294 -3.291  1.00 34.36  ? 76  VAL A CA  1 
ATOM   577  C C   . VAL A 1 79  ? 5.460   -12.659 -2.971  1.00 42.59  ? 76  VAL A C   1 
ATOM   578  O O   . VAL A 1 79  ? 6.256   -13.266 -2.253  1.00 44.20  ? 76  VAL A O   1 
ATOM   579  C CB  . VAL A 1 79  ? 3.997   -13.706 -4.795  1.00 35.91  ? 76  VAL A CB  1 
ATOM   580  C CG1 . VAL A 1 79  ? 5.227   -14.464 -5.260  1.00 34.86  ? 76  VAL A CG1 1 
ATOM   581  C CG2 . VAL A 1 79  ? 2.726   -14.510 -5.074  1.00 35.06  ? 76  VAL A CG2 1 
ATOM   582  N N   . ILE A 1 80  ? 5.695   -11.422 -3.485  1.00 39.06  ? 77  ILE A N   1 
ATOM   583  C CA  . ILE A 1 80  ? 6.940   -10.668 -3.349  1.00 37.87  ? 77  ILE A CA  1 
ATOM   584  C C   . ILE A 1 80  ? 7.358   -10.463 -1.892  1.00 41.11  ? 77  ILE A C   1 
ATOM   585  O O   . ILE A 1 80  ? 8.488   -10.807 -1.545  1.00 39.70  ? 77  ILE A O   1 
ATOM   586  C CB  . ILE A 1 80  ? 6.915   -9.338  -4.142  1.00 39.68  ? 77  ILE A CB  1 
ATOM   587  C CG1 . ILE A 1 80  ? 6.947   -9.588  -5.671  1.00 38.30  ? 77  ILE A CG1 1 
ATOM   588  C CG2 . ILE A 1 80  ? 8.084   -8.443  -3.721  1.00 40.39  ? 77  ILE A CG2 1 
ATOM   589  C CD1 . ILE A 1 80  ? 6.420   -8.398  -6.517  1.00 37.79  ? 77  ILE A CD1 1 
ATOM   590  N N   . THR A 1 81  ? 6.462   -9.925  -1.050  1.00 38.38  ? 78  THR A N   1 
ATOM   591  C CA  . THR A 1 81  ? 6.784   -9.650  0.358   1.00 38.46  ? 78  THR A CA  1 
ATOM   592  C C   . THR A 1 81  ? 7.078   -10.921 1.149   1.00 43.23  ? 78  THR A C   1 
ATOM   593  O O   . THR A 1 81  ? 7.854   -10.863 2.092   1.00 44.22  ? 78  THR A O   1 
ATOM   594  C CB  . THR A 1 81  ? 5.719   -8.773  1.027   1.00 39.20  ? 78  THR A CB  1 
ATOM   595  O OG1 . THR A 1 81  ? 4.466   -9.432  0.940   1.00 38.26  ? 78  THR A OG1 1 
ATOM   596  C CG2 . THR A 1 81  ? 5.636   -7.377  0.410   1.00 36.21  ? 78  THR A CG2 1 
ATOM   597  N N   . GLN A 1 82  ? 6.488   -12.058 0.758   1.00 39.66  ? 79  GLN A N   1 
ATOM   598  C CA  . GLN A 1 82  ? 6.752   -13.344 1.394   1.00 39.35  ? 79  GLN A CA  1 
ATOM   599  C C   . GLN A 1 82  ? 8.054   -13.971 0.877   1.00 43.21  ? 79  GLN A C   1 
ATOM   600  O O   . GLN A 1 82  ? 8.751   -14.643 1.642   1.00 43.14  ? 79  GLN A O   1 
ATOM   601  C CB  . GLN A 1 82  ? 5.559   -14.294 1.268   1.00 40.47  ? 79  GLN A CB  1 
ATOM   602  C CG  . GLN A 1 82  ? 4.377   -13.902 2.178   1.00 53.44  ? 79  GLN A CG  1 
ATOM   603  C CD  . GLN A 1 82  ? 4.460   -14.439 3.596   1.00 68.11  ? 79  GLN A CD  1 
ATOM   604  O OE1 . GLN A 1 82  ? 5.537   -14.613 4.192   1.00 65.74  ? 79  GLN A OE1 1 
ATOM   605  N NE2 . GLN A 1 82  ? 3.305   -14.676 4.190   1.00 57.96  ? 79  GLN A NE2 1 
ATOM   606  N N   . VAL A 1 83  ? 8.406   -13.715 -0.400  1.00 39.29  ? 80  VAL A N   1 
ATOM   607  C CA  . VAL A 1 83  ? 9.670   -14.177 -0.976  1.00 39.38  ? 80  VAL A CA  1 
ATOM   608  C C   . VAL A 1 83  ? 10.811  -13.388 -0.289  1.00 44.05  ? 80  VAL A C   1 
ATOM   609  O O   . VAL A 1 83  ? 11.826  -13.985 0.080   1.00 44.62  ? 80  VAL A O   1 
ATOM   610  C CB  . VAL A 1 83  ? 9.674   -14.124 -2.536  1.00 43.45  ? 80  VAL A CB  1 
ATOM   611  C CG1 . VAL A 1 83  ? 11.084  -14.149 -3.115  1.00 43.48  ? 80  VAL A CG1 1 
ATOM   612  C CG2 . VAL A 1 83  ? 8.849   -15.261 -3.121  1.00 42.98  ? 80  VAL A CG2 1 
ATOM   613  N N   . ILE A 1 84  ? 10.592  -12.074 -0.038  1.00 40.10  ? 81  ILE A N   1 
ATOM   614  C CA  . ILE A 1 84  ? 11.525  -11.202 0.669   1.00 40.09  ? 81  ILE A CA  1 
ATOM   615  C C   . ILE A 1 84  ? 11.707  -11.686 2.123   1.00 47.94  ? 81  ILE A C   1 
ATOM   616  O O   . ILE A 1 84  ? 12.843  -11.720 2.606   1.00 48.73  ? 81  ILE A O   1 
ATOM   617  C CB  . ILE A 1 84  ? 11.127  -9.700  0.572   1.00 42.32  ? 81  ILE A CB  1 
ATOM   618  C CG1 . ILE A 1 84  ? 11.280  -9.181  -0.865  1.00 41.74  ? 81  ILE A CG1 1 
ATOM   619  C CG2 . ILE A 1 84  ? 11.941  -8.822  1.540   1.00 42.89  ? 81  ILE A CG2 1 
ATOM   620  C CD1 . ILE A 1 84  ? 10.639  -7.789  -1.158  1.00 41.62  ? 81  ILE A CD1 1 
ATOM   621  N N   . GLU A 1 85  ? 10.609  -12.074 2.808   1.00 45.10  ? 82  GLU A N   1 
ATOM   622  C CA  . GLU A 1 85  ? 10.672  -12.549 4.201   1.00 44.95  ? 82  GLU A CA  1 
ATOM   623  C C   . GLU A 1 85  ? 11.516  -13.823 4.339   1.00 50.36  ? 82  GLU A C   1 
ATOM   624  O O   . GLU A 1 85  ? 12.235  -13.968 5.321   1.00 48.63  ? 82  GLU A O   1 
ATOM   625  C CB  . GLU A 1 85  ? 9.265   -12.754 4.785   1.00 45.90  ? 82  GLU A CB  1 
ATOM   626  C CG  . GLU A 1 85  ? 9.229   -12.794 6.307   1.00 50.74  ? 82  GLU A CG  1 
ATOM   627  C CD  . GLU A 1 85  ? 9.616   -11.503 7.007   1.00 71.28  ? 82  GLU A CD  1 
ATOM   628  O OE1 . GLU A 1 85  ? 9.089   -10.436 6.620   1.00 72.81  ? 82  GLU A OE1 1 
ATOM   629  O OE2 . GLU A 1 85  ? 10.445  -11.559 7.944   1.00 59.84  ? 82  GLU A OE2 1 
ATOM   630  N N   . GLU A 1 86  ? 11.440  -14.731 3.343   1.00 49.56  ? 83  GLU A N   1 
ATOM   631  C CA  . GLU A 1 86  ? 12.203  -15.979 3.304   1.00 49.89  ? 83  GLU A CA  1 
ATOM   632  C C   . GLU A 1 86  ? 13.687  -15.709 3.010   1.00 54.93  ? 83  GLU A C   1 
ATOM   633  O O   . GLU A 1 86  ? 14.538  -16.196 3.750   1.00 55.50  ? 83  GLU A O   1 
ATOM   634  C CB  . GLU A 1 86  ? 11.549  -16.976 2.314   1.00 51.66  ? 83  GLU A CB  1 
ATOM   635  C CG  . GLU A 1 86  ? 12.463  -17.950 1.565   1.00 66.72  ? 83  GLU A CG  1 
ATOM   636  C CD  . GLU A 1 86  ? 13.322  -18.936 2.345   1.00 92.17  ? 83  GLU A CD  1 
ATOM   637  O OE1 . GLU A 1 86  ? 14.494  -19.135 1.945   1.00 90.14  ? 83  GLU A OE1 1 
ATOM   638  O OE2 . GLU A 1 86  ? 12.829  -19.511 3.344   1.00 80.14  ? 83  GLU A OE2 1 
ATOM   639  N N   . LYS A 1 87  ? 13.998  -14.944 1.941   1.00 51.81  ? 84  LYS A N   1 
ATOM   640  C CA  . LYS A 1 87  ? 15.375  -14.643 1.537   1.00 51.14  ? 84  LYS A CA  1 
ATOM   641  C C   . LYS A 1 87  ? 16.079  -13.664 2.498   1.00 55.89  ? 84  LYS A C   1 
ATOM   642  O O   . LYS A 1 87  ? 17.296  -13.744 2.662   1.00 56.91  ? 84  LYS A O   1 
ATOM   643  C CB  . LYS A 1 87  ? 15.427  -14.165 0.069   1.00 52.54  ? 84  LYS A CB  1 
ATOM   644  C CG  . LYS A 1 87  ? 16.843  -14.068 -0.516  1.00 61.54  ? 84  LYS A CG  1 
ATOM   645  C CD  . LYS A 1 87  ? 16.878  -14.073 -2.041  1.00 67.28  ? 84  LYS A CD  1 
ATOM   646  C CE  . LYS A 1 87  ? 18.291  -13.983 -2.579  1.00 76.71  ? 84  LYS A CE  1 
ATOM   647  N NZ  . LYS A 1 87  ? 18.345  -14.136 -4.063  1.00 83.45  ? 84  LYS A NZ  1 
ATOM   648  N N   . PHE A 1 88  ? 15.320  -12.773 3.157   1.00 51.29  ? 85  PHE A N   1 
ATOM   649  C CA  . PHE A 1 88  ? 15.864  -11.787 4.105   1.00 50.08  ? 85  PHE A CA  1 
ATOM   650  C C   . PHE A 1 88  ? 15.077  -11.828 5.435   1.00 52.42  ? 85  PHE A C   1 
ATOM   651  O O   . PHE A 1 88  ? 14.363  -10.882 5.736   1.00 51.18  ? 85  PHE A O   1 
ATOM   652  C CB  . PHE A 1 88  ? 15.848  -10.376 3.474   1.00 51.60  ? 85  PHE A CB  1 
ATOM   653  C CG  . PHE A 1 88  ? 16.448  -10.283 2.088   1.00 52.88  ? 85  PHE A CG  1 
ATOM   654  C CD1 . PHE A 1 88  ? 17.800  -10.005 1.916   1.00 55.53  ? 85  PHE A CD1 1 
ATOM   655  C CD2 . PHE A 1 88  ? 15.659  -10.461 0.956   1.00 55.51  ? 85  PHE A CD2 1 
ATOM   656  C CE1 . PHE A 1 88  ? 18.351  -9.900  0.635   1.00 56.20  ? 85  PHE A CE1 1 
ATOM   657  C CE2 . PHE A 1 88  ? 16.214  -10.371 -0.326  1.00 58.33  ? 85  PHE A CE2 1 
ATOM   658  C CZ  . PHE A 1 88  ? 17.553  -10.078 -0.477  1.00 56.17  ? 85  PHE A CZ  1 
ATOM   659  N N   . PRO A 1 89  ? 15.196  -12.908 6.247   1.00 49.52  ? 86  PRO A N   1 
ATOM   660  C CA  . PRO A 1 89  ? 14.378  -13.012 7.474   1.00 49.01  ? 86  PRO A CA  1 
ATOM   661  C C   . PRO A 1 89  ? 14.635  -12.008 8.598   1.00 52.61  ? 86  PRO A C   1 
ATOM   662  O O   . PRO A 1 89  ? 13.749  -11.824 9.440   1.00 51.16  ? 86  PRO A O   1 
ATOM   663  C CB  . PRO A 1 89  ? 14.654  -14.437 7.960   1.00 50.97  ? 86  PRO A CB  1 
ATOM   664  C CG  . PRO A 1 89  ? 15.969  -14.794 7.377   1.00 55.67  ? 86  PRO A CG  1 
ATOM   665  C CD  . PRO A 1 89  ? 15.990  -14.138 6.035   1.00 51.39  ? 86  PRO A CD  1 
ATOM   666  N N   . THR A 1 90  ? 15.827  -11.390 8.641   1.00 49.71  ? 87  THR A N   1 
ATOM   667  C CA  . THR A 1 90  ? 16.164  -10.430 9.688   1.00 49.40  ? 87  THR A CA  1 
ATOM   668  C C   . THR A 1 90  ? 16.326  -9.021  9.087   1.00 51.94  ? 87  THR A C   1 
ATOM   669  O O   . THR A 1 90  ? 17.068  -8.859  8.115   1.00 51.69  ? 87  THR A O   1 
ATOM   670  C CB  . THR A 1 90  ? 17.367  -10.933 10.528  1.00 60.94  ? 87  THR A CB  1 
ATOM   671  O OG1 . THR A 1 90  ? 17.009  -12.179 11.135  1.00 59.34  ? 87  THR A OG1 1 
ATOM   672  C CG2 . THR A 1 90  ? 17.770  -9.956  11.638  1.00 61.19  ? 87  THR A CG2 1 
ATOM   673  N N   . PRO A 1 91  ? 15.637  -7.988  9.630   1.00 47.19  ? 88  PRO A N   1 
ATOM   674  C CA  . PRO A 1 91  ? 14.697  -8.023  10.768  1.00 46.63  ? 88  PRO A CA  1 
ATOM   675  C C   . PRO A 1 91  ? 13.335  -8.605  10.398  1.00 50.75  ? 88  PRO A C   1 
ATOM   676  O O   . PRO A 1 91  ? 12.784  -8.254  9.362   1.00 50.24  ? 88  PRO A O   1 
ATOM   677  C CB  . PRO A 1 91  ? 14.627  -6.553  11.206  1.00 48.17  ? 88  PRO A CB  1 
ATOM   678  C CG  . PRO A 1 91  ? 14.899  -5.767  9.953   1.00 52.60  ? 88  PRO A CG  1 
ATOM   679  C CD  . PRO A 1 91  ? 15.786  -6.624  9.082   1.00 48.01  ? 88  PRO A CD  1 
ATOM   680  N N   . SER A 1 92  ? 12.800  -9.503  11.245  1.00 48.04  ? 89  SER A N   1 
ATOM   681  C CA  . SER A 1 92  ? 11.502  -10.142 11.028  1.00 47.61  ? 89  SER A CA  1 
ATOM   682  C C   . SER A 1 92  ? 10.367  -9.137  10.903  1.00 52.63  ? 89  SER A C   1 
ATOM   683  O O   . SER A 1 92  ? 10.329  -8.133  11.628  1.00 54.23  ? 89  SER A O   1 
ATOM   684  C CB  . SER A 1 92  ? 11.190  -11.133 12.138  1.00 50.03  ? 89  SER A CB  1 
ATOM   685  O OG  . SER A 1 92  ? 9.970   -11.811 11.891  1.00 59.12  ? 89  SER A OG  1 
ATOM   686  N N   . LEU A 1 93  ? 9.458   -9.398  9.954   1.00 46.73  ? 90  LEU A N   1 
ATOM   687  C CA  . LEU A 1 93  ? 8.265   -8.580  9.732   1.00 44.86  ? 90  LEU A CA  1 
ATOM   688  C C   . LEU A 1 93  ? 7.064   -9.509  9.706   1.00 48.69  ? 90  LEU A C   1 
ATOM   689  O O   . LEU A 1 93  ? 5.982   -9.116  9.299   1.00 48.04  ? 90  LEU A O   1 
ATOM   690  C CB  . LEU A 1 93  ? 8.367   -7.757  8.426   1.00 44.04  ? 90  LEU A CB  1 
ATOM   691  C CG  . LEU A 1 93  ? 9.302   -6.540  8.433   1.00 46.99  ? 90  LEU A CG  1 
ATOM   692  C CD1 . LEU A 1 93  ? 9.481   -6.009  7.039   1.00 46.86  ? 90  LEU A CD1 1 
ATOM   693  C CD2 . LEU A 1 93  ? 8.796   -5.439  9.369   1.00 46.87  ? 90  LEU A CD2 1 
ATOM   694  N N   . VAL A 1 94  ? 7.251   -10.746 10.180  1.00 45.70  ? 91  VAL A N   1 
ATOM   695  C CA  . VAL A 1 94  ? 6.192   -11.753 10.219  1.00 45.12  ? 91  VAL A CA  1 
ATOM   696  C C   . VAL A 1 94  ? 5.018   -11.279 11.078  1.00 52.20  ? 91  VAL A C   1 
ATOM   697  O O   . VAL A 1 94  ? 5.222   -10.845 12.216  1.00 53.34  ? 91  VAL A O   1 
ATOM   698  C CB  . VAL A 1 94  ? 6.717   -13.156 10.653  1.00 46.10  ? 91  VAL A CB  1 
ATOM   699  C CG1 . VAL A 1 94  ? 5.572   -14.145 10.837  1.00 45.50  ? 91  VAL A CG1 1 
ATOM   700  C CG2 . VAL A 1 94  ? 7.728   -13.703 9.650   1.00 44.87  ? 91  VAL A CG2 1 
ATOM   701  N N   . THR A 1 95  ? 3.808   -11.313 10.501  1.00 48.82  ? 92  THR A N   1 
ATOM   702  C CA  . THR A 1 95  ? 2.583   -11.019 11.223  1.00 49.09  ? 92  THR A CA  1 
ATOM   703  C C   . THR A 1 95  ? 2.005   -12.392 11.637  1.00 55.60  ? 92  THR A C   1 
ATOM   704  O O   . THR A 1 95  ? 1.893   -13.280 10.777  1.00 55.67  ? 92  THR A O   1 
ATOM   705  C CB  . THR A 1 95  ? 1.577   -10.238 10.345  1.00 53.65  ? 92  THR A CB  1 
ATOM   706  O OG1 . THR A 1 95  ? 2.170   -9.031  9.874   1.00 53.70  ? 92  THR A OG1 1 
ATOM   707  C CG2 . THR A 1 95  ? 0.265   -9.919  11.077  1.00 48.76  ? 92  THR A CG2 1 
ATOM   708  N N   . PRO A 1 96  ? 1.619   -12.592 12.921  1.00 53.38  ? 93  PRO A N   1 
ATOM   709  C CA  . PRO A 1 96  ? 0.987   -13.868 13.307  1.00 53.70  ? 93  PRO A CA  1 
ATOM   710  C C   . PRO A 1 96  ? -0.293  -14.108 12.488  1.00 59.10  ? 93  PRO A C   1 
ATOM   711  O O   . PRO A 1 96  ? -1.010  -13.142 12.196  1.00 59.43  ? 93  PRO A O   1 
ATOM   712  C CB  . PRO A 1 96  ? 0.678   -13.675 14.799  1.00 55.18  ? 93  PRO A CB  1 
ATOM   713  C CG  . PRO A 1 96  ? 1.578   -12.593 15.245  1.00 59.47  ? 93  PRO A CG  1 
ATOM   714  C CD  . PRO A 1 96  ? 1.685   -11.673 14.070  1.00 54.98  ? 93  PRO A CD  1 
ATOM   715  N N   . PRO A 1 97  ? -0.581  -15.365 12.061  1.00 55.73  ? 94  PRO A N   1 
ATOM   716  C CA  . PRO A 1 97  ? -1.773  -15.608 11.215  1.00 55.45  ? 94  PRO A CA  1 
ATOM   717  C C   . PRO A 1 97  ? -3.119  -15.233 11.846  1.00 58.91  ? 94  PRO A C   1 
ATOM   718  O O   . PRO A 1 97  ? -4.098  -15.009 11.127  1.00 57.67  ? 94  PRO A O   1 
ATOM   719  C CB  . PRO A 1 97  ? -1.680  -17.104 10.886  1.00 57.22  ? 94  PRO A CB  1 
ATOM   720  C CG  . PRO A 1 97  ? -0.825  -17.679 11.959  1.00 61.79  ? 94  PRO A CG  1 
ATOM   721  C CD  . PRO A 1 97  ? 0.175   -16.613 12.290  1.00 57.11  ? 94  PRO A CD  1 
ATOM   722  N N   . GLU A 1 98  ? -3.153  -15.141 13.184  1.00 55.92  ? 95  GLU A N   1 
ATOM   723  C CA  . GLU A 1 98  ? -4.330  -14.743 13.955  1.00 56.33  ? 95  GLU A CA  1 
ATOM   724  C C   . GLU A 1 98  ? -4.739  -13.298 13.631  1.00 61.50  ? 95  GLU A C   1 
ATOM   725  O O   . GLU A 1 98  ? -5.915  -12.949 13.755  1.00 60.84  ? 95  GLU A O   1 
ATOM   726  C CB  . GLU A 1 98  ? -4.092  -14.925 15.470  1.00 57.46  ? 95  GLU A CB  1 
ATOM   727  C CG  . GLU A 1 98  ? -2.763  -14.390 15.976  1.00 65.45  ? 95  GLU A CG  1 
ATOM   728  C CD  . GLU A 1 98  ? -2.561  -14.369 17.478  1.00 91.35  ? 95  GLU A CD  1 
ATOM   729  O OE1 . GLU A 1 98  ? -1.385  -14.417 17.909  1.00 91.20  ? 95  GLU A OE1 1 
ATOM   730  O OE2 . GLU A 1 98  ? -3.562  -14.264 18.225  1.00 84.74  ? 95  GLU A OE2 1 
ATOM   731  N N   . TYR A 1 99  ? -3.761  -12.474 13.187  1.00 58.46  ? 96  TYR A N   1 
ATOM   732  C CA  . TYR A 1 99  ? -3.943  -11.065 12.842  1.00 57.78  ? 96  TYR A CA  1 
ATOM   733  C C   . TYR A 1 99  ? -3.752  -10.776 11.348  1.00 60.40  ? 96  TYR A C   1 
ATOM   734  O O   . TYR A 1 99  ? -3.814  -9.621  10.944  1.00 59.33  ? 96  TYR A O   1 
ATOM   735  C CB  . TYR A 1 99  ? -3.034  -10.176 13.724  1.00 58.91  ? 96  TYR A CB  1 
ATOM   736  C CG  . TYR A 1 99  ? -3.220  -10.367 15.220  1.00 60.78  ? 96  TYR A CG  1 
ATOM   737  C CD1 . TYR A 1 99  ? -4.482  -10.610 15.762  1.00 62.29  ? 96  TYR A CD1 1 
ATOM   738  C CD2 . TYR A 1 99  ? -2.142  -10.268 16.096  1.00 61.88  ? 96  TYR A CD2 1 
ATOM   739  C CE1 . TYR A 1 99  ? -4.660  -10.786 17.133  1.00 62.53  ? 96  TYR A CE1 1 
ATOM   740  C CE2 . TYR A 1 99  ? -2.312  -10.427 17.473  1.00 62.92  ? 96  TYR A CE2 1 
ATOM   741  C CZ  . TYR A 1 99  ? -3.574  -10.689 17.986  1.00 70.73  ? 96  TYR A CZ  1 
ATOM   742  O OH  . TYR A 1 99  ? -3.759  -10.860 19.340  1.00 73.87  ? 96  TYR A OH  1 
ATOM   743  N N   . ALA A 1 100 ? -3.593  -11.827 10.526  1.00 57.65  ? 97  ALA A N   1 
ATOM   744  C CA  . ALA A 1 100 ? -3.374  -11.735 9.079   1.00 57.58  ? 97  ALA A CA  1 
ATOM   745  C C   . ALA A 1 100 ? -4.472  -10.988 8.285   1.00 62.49  ? 97  ALA A C   1 
ATOM   746  O O   . ALA A 1 100 ? -4.134  -10.120 7.473   1.00 63.40  ? 97  ALA A O   1 
ATOM   747  C CB  . ALA A 1 100 ? -3.152  -13.122 8.495   1.00 58.16  ? 97  ALA A CB  1 
ATOM   748  N N   . SER A 1 101 ? -5.769  -11.323 8.515   1.00 57.54  ? 98  SER A N   1 
ATOM   749  C CA  . SER A 1 101 ? -6.919  -10.728 7.811   1.00 55.97  ? 98  SER A CA  1 
ATOM   750  C C   . SER A 1 101 ? -7.479  -9.428  8.437   1.00 56.25  ? 98  SER A C   1 
ATOM   751  O O   . SER A 1 101 ? -8.517  -8.932  7.981   1.00 55.97  ? 98  SER A O   1 
ATOM   752  C CB  . SER A 1 101 ? -8.038  -11.756 7.643   1.00 60.27  ? 98  SER A CB  1 
ATOM   753  O OG  . SER A 1 101 ? -7.760  -12.645 6.572   1.00 74.73  ? 98  SER A OG  1 
ATOM   754  N N   . VAL A 1 102 ? -6.802  -8.872  9.459   1.00 49.96  ? 99  VAL A N   1 
ATOM   755  C CA  . VAL A 1 102 ? -7.216  -7.615  10.108  1.00 48.35  ? 99  VAL A CA  1 
ATOM   756  C C   . VAL A 1 102 ? -7.222  -6.492  9.034   1.00 52.57  ? 99  VAL A C   1 
ATOM   757  O O   . VAL A 1 102 ? -6.209  -6.281  8.351   1.00 51.90  ? 99  VAL A O   1 
ATOM   758  C CB  . VAL A 1 102 ? -6.304  -7.276  11.325  1.00 50.33  ? 99  VAL A CB  1 
ATOM   759  C CG1 . VAL A 1 102 ? -6.458  -5.826  11.756  1.00 49.95  ? 99  VAL A CG1 1 
ATOM   760  C CG2 . VAL A 1 102 ? -6.562  -8.215  12.500  1.00 49.47  ? 99  VAL A CG2 1 
ATOM   761  N N   . GLY A 1 103 ? -8.385  -5.860  8.870   1.00 48.82  ? 100 GLY A N   1 
ATOM   762  C CA  . GLY A 1 103 ? -8.620  -4.771  7.931   1.00 48.82  ? 100 GLY A CA  1 
ATOM   763  C C   . GLY A 1 103 ? -8.724  -5.151  6.467   1.00 53.26  ? 100 GLY A C   1 
ATOM   764  O O   . GLY A 1 103 ? -8.563  -4.287  5.601   1.00 53.32  ? 100 GLY A O   1 
ATOM   765  N N   . SER A 1 104 ? -9.013  -6.432  6.180   1.00 49.39  ? 101 SER A N   1 
ATOM   766  C CA  . SER A 1 104 ? -9.088  -6.992  4.825   1.00 48.94  ? 101 SER A CA  1 
ATOM   767  C C   . SER A 1 104 ? -10.157 -6.389  3.921   1.00 52.26  ? 101 SER A C   1 
ATOM   768  O O   . SER A 1 104 ? -9.961  -6.327  2.699   1.00 53.44  ? 101 SER A O   1 
ATOM   769  C CB  . SER A 1 104 ? -9.264  -8.504  4.879   1.00 52.11  ? 101 SER A CB  1 
ATOM   770  O OG  . SER A 1 104 ? -10.379 -8.834  5.691   1.00 61.93  ? 101 SER A OG  1 
ATOM   771  N N   . LYS A 1 105 ? -11.287 -5.970  4.501   1.00 46.09  ? 102 LYS A N   1 
ATOM   772  C CA  . LYS A 1 105 ? -12.396 -5.426  3.732   1.00 44.65  ? 102 LYS A CA  1 
ATOM   773  C C   . LYS A 1 105 ? -12.400 -3.893  3.642   1.00 45.05  ? 102 LYS A C   1 
ATOM   774  O O   . LYS A 1 105 ? -13.244 -3.345  2.939   1.00 45.20  ? 102 LYS A O   1 
ATOM   775  C CB  . LYS A 1 105 ? -13.736 -5.965  4.269   1.00 48.07  ? 102 LYS A CB  1 
ATOM   776  C CG  . LYS A 1 105 ? -13.912 -7.484  4.145   1.00 52.93  ? 102 LYS A CG  1 
ATOM   777  C CD  . LYS A 1 105 ? -15.203 -7.948  4.817   1.00 58.48  ? 102 LYS A CD  1 
ATOM   778  C CE  . LYS A 1 105 ? -15.731 -9.228  4.208   0.50 66.94  ? 102 LYS A CE  1 
ATOM   779  N NZ  . LYS A 1 105 ? -17.084 -9.570  4.721   0.50 74.04  ? 102 LYS A NZ  1 
ATOM   780  N N   . ILE A 1 106 ? -11.447 -3.202  4.298   1.00 39.12  ? 103 ILE A N   1 
ATOM   781  C CA  . ILE A 1 106 ? -11.354 -1.732  4.268   1.00 37.38  ? 103 ILE A CA  1 
ATOM   782  C C   . ILE A 1 106 ? -11.118 -1.196  2.837   1.00 40.70  ? 103 ILE A C   1 
ATOM   783  O O   . ILE A 1 106 ? -11.893 -0.357  2.379   1.00 41.74  ? 103 ILE A O   1 
ATOM   784  C CB  . ILE A 1 106 ? -10.318 -1.170  5.292   1.00 39.15  ? 103 ILE A CB  1 
ATOM   785  C CG1 . ILE A 1 106 ? -10.776 -1.388  6.744   1.00 37.97  ? 103 ILE A CG1 1 
ATOM   786  C CG2 . ILE A 1 106 ? -10.016 0.305   5.049   1.00 38.51  ? 103 ILE A CG2 1 
ATOM   787  C CD1 . ILE A 1 106 ? -9.630  -1.232  7.767   1.00 33.35  ? 103 ILE A CD1 1 
ATOM   788  N N   . PHE A 1 107 ? -10.085 -1.679  2.139   1.00 35.26  ? 104 PHE A N   1 
ATOM   789  C CA  . PHE A 1 107 ? -9.800  -1.196  0.795   1.00 34.82  ? 104 PHE A CA  1 
ATOM   790  C C   . PHE A 1 107 ? -10.981 -1.432  -0.200  1.00 42.04  ? 104 PHE A C   1 
ATOM   791  O O   . PHE A 1 107 ? -11.427 -0.437  -0.793  1.00 42.43  ? 104 PHE A O   1 
ATOM   792  C CB  . PHE A 1 107 ? -8.458  -1.734  0.268   1.00 36.01  ? 104 PHE A CB  1 
ATOM   793  C CG  . PHE A 1 107 ? -7.872  -0.961  -0.890  1.00 37.80  ? 104 PHE A CG  1 
ATOM   794  C CD1 . PHE A 1 107 ? -7.476  0.364   -0.738  1.00 41.22  ? 104 PHE A CD1 1 
ATOM   795  C CD2 . PHE A 1 107 ? -7.688  -1.563  -2.127  1.00 39.85  ? 104 PHE A CD2 1 
ATOM   796  C CE1 . PHE A 1 107 ? -6.898  1.065   -1.802  1.00 42.09  ? 104 PHE A CE1 1 
ATOM   797  C CE2 . PHE A 1 107 ? -7.125  -0.851  -3.193  1.00 42.64  ? 104 PHE A CE2 1 
ATOM   798  C CZ  . PHE A 1 107 ? -6.731  0.457   -3.021  1.00 40.40  ? 104 PHE A CZ  1 
ATOM   799  N N   . PRO A 1 108 ? -11.559 -2.664  -0.361  1.00 39.14  ? 105 PRO A N   1 
ATOM   800  C CA  . PRO A 1 108 ? -12.687 -2.817  -1.303  1.00 39.04  ? 105 PRO A CA  1 
ATOM   801  C C   . PRO A 1 108 ? -13.866 -1.915  -0.970  1.00 44.13  ? 105 PRO A C   1 
ATOM   802  O O   . PRO A 1 108 ? -14.419 -1.306  -1.884  1.00 44.92  ? 105 PRO A O   1 
ATOM   803  C CB  . PRO A 1 108 ? -13.044 -4.302  -1.216  1.00 40.79  ? 105 PRO A CB  1 
ATOM   804  C CG  . PRO A 1 108 ? -11.844 -4.956  -0.645  1.00 45.17  ? 105 PRO A CG  1 
ATOM   805  C CD  . PRO A 1 108 ? -11.209 -3.963  0.257   1.00 40.60  ? 105 PRO A CD  1 
ATOM   806  N N   . SER A 1 109 ? -14.186 -1.765  0.335   1.00 40.42  ? 106 SER A N   1 
ATOM   807  C CA  . SER A 1 109 ? -15.237 -0.881  0.838   1.00 40.11  ? 106 SER A CA  1 
ATOM   808  C C   . SER A 1 109 ? -14.931 0.588   0.551   1.00 47.40  ? 106 SER A C   1 
ATOM   809  O O   . SER A 1 109 ? -15.872 1.356   0.317   1.00 48.19  ? 106 SER A O   1 
ATOM   810  C CB  . SER A 1 109 ? -15.428 -1.078  2.333   1.00 42.38  ? 106 SER A CB  1 
ATOM   811  O OG  . SER A 1 109 ? -15.813 -2.416  2.608   1.00 48.16  ? 106 SER A OG  1 
ATOM   812  N N   . PHE A 1 110 ? -13.621 0.985   0.566   1.00 44.23  ? 107 PHE A N   1 
ATOM   813  C CA  . PHE A 1 110 ? -13.213 2.355   0.250   1.00 44.29  ? 107 PHE A CA  1 
ATOM   814  C C   . PHE A 1 110 ? -13.526 2.633   -1.224  1.00 51.95  ? 107 PHE A C   1 
ATOM   815  O O   . PHE A 1 110 ? -14.230 3.606   -1.513  1.00 53.85  ? 107 PHE A O   1 
ATOM   816  C CB  . PHE A 1 110 ? -11.732 2.640   0.621   1.00 45.50  ? 107 PHE A CB  1 
ATOM   817  C CG  . PHE A 1 110 ? -10.951 3.497   -0.352  1.00 46.17  ? 107 PHE A CG  1 
ATOM   818  C CD1 . PHE A 1 110 ? -11.318 4.818   -0.597  1.00 49.19  ? 107 PHE A CD1 1 
ATOM   819  C CD2 . PHE A 1 110 ? -9.853  2.981   -1.029  1.00 47.34  ? 107 PHE A CD2 1 
ATOM   820  C CE1 . PHE A 1 110 ? -10.638 5.588   -1.549  1.00 49.78  ? 107 PHE A CE1 1 
ATOM   821  C CE2 . PHE A 1 110 ? -9.168  3.755   -1.974  1.00 49.92  ? 107 PHE A CE2 1 
ATOM   822  C CZ  . PHE A 1 110 ? -9.560  5.053   -2.225  1.00 48.04  ? 107 PHE A CZ  1 
ATOM   823  N N   . VAL A 1 111 ? -13.066 1.754   -2.142  1.00 47.62  ? 108 VAL A N   1 
ATOM   824  C CA  . VAL A 1 111 ? -13.337 1.897   -3.574  1.00 46.92  ? 108 VAL A CA  1 
ATOM   825  C C   . VAL A 1 111 ? -14.854 1.905   -3.859  1.00 52.48  ? 108 VAL A C   1 
ATOM   826  O O   . VAL A 1 111 ? -15.310 2.705   -4.676  1.00 53.43  ? 108 VAL A O   1 
ATOM   827  C CB  . VAL A 1 111 ? -12.566 0.875   -4.444  1.00 50.17  ? 108 VAL A CB  1 
ATOM   828  C CG1 . VAL A 1 111 ? -12.593 1.284   -5.918  1.00 49.86  ? 108 VAL A CG1 1 
ATOM   829  C CG2 . VAL A 1 111 ? -11.120 0.731   -3.968  1.00 49.72  ? 108 VAL A CG2 1 
ATOM   830  N N   . LYS A 1 112 ? -15.633 1.072   -3.144  1.00 49.59  ? 109 LYS A N   1 
ATOM   831  C CA  . LYS A 1 112 ? -17.093 0.994   -3.283  1.00 50.00  ? 109 LYS A CA  1 
ATOM   832  C C   . LYS A 1 112 ? -17.713 2.360   -2.978  1.00 55.75  ? 109 LYS A C   1 
ATOM   833  O O   . LYS A 1 112 ? -18.396 2.915   -3.840  1.00 56.94  ? 109 LYS A O   1 
ATOM   834  C CB  . LYS A 1 112 ? -17.671 -0.111  -2.370  1.00 52.71  ? 109 LYS A CB  1 
ATOM   835  C CG  . LYS A 1 112 ? -19.030 -0.644  -2.813  1.00 64.01  ? 109 LYS A CG  1 
ATOM   836  N N   . PHE A 1 113 ? -17.387 2.947   -1.799  1.00 51.23  ? 110 PHE A N   1 
ATOM   837  C CA  . PHE A 1 113 ? -17.873 4.261   -1.363  1.00 49.69  ? 110 PHE A CA  1 
ATOM   838  C C   . PHE A 1 113 ? -17.365 5.415   -2.225  1.00 53.58  ? 110 PHE A C   1 
ATOM   839  O O   . PHE A 1 113 ? -18.085 6.393   -2.380  1.00 53.53  ? 110 PHE A O   1 
ATOM   840  C CB  . PHE A 1 113 ? -17.554 4.479   0.127   1.00 50.95  ? 110 PHE A CB  1 
ATOM   841  C CG  . PHE A 1 113 ? -17.831 5.852   0.697   1.00 51.89  ? 110 PHE A CG  1 
ATOM   842  C CD1 . PHE A 1 113 ? -19.116 6.388   0.677   1.00 54.38  ? 110 PHE A CD1 1 
ATOM   843  C CD2 . PHE A 1 113 ? -16.816 6.591   1.287   1.00 53.22  ? 110 PHE A CD2 1 
ATOM   844  C CE1 . PHE A 1 113 ? -19.366 7.661   1.191   1.00 54.64  ? 110 PHE A CE1 1 
ATOM   845  C CE2 . PHE A 1 113 ? -17.070 7.861   1.813   1.00 55.67  ? 110 PHE A CE2 1 
ATOM   846  C CZ  . PHE A 1 113 ? -18.343 8.384   1.764   1.00 53.54  ? 110 PHE A CZ  1 
ATOM   847  N N   . LEU A 1 114 ? -16.133 5.323   -2.759  1.00 51.10  ? 111 LEU A N   1 
ATOM   848  C CA  . LEU A 1 114 ? -15.545 6.369   -3.607  1.00 51.50  ? 111 LEU A CA  1 
ATOM   849  C C   . LEU A 1 114 ? -16.305 6.482   -4.945  1.00 59.03  ? 111 LEU A C   1 
ATOM   850  O O   . LEU A 1 114 ? -16.703 7.580   -5.336  1.00 57.73  ? 111 LEU A O   1 
ATOM   851  C CB  . LEU A 1 114 ? -14.031 6.117   -3.823  1.00 50.73  ? 111 LEU A CB  1 
ATOM   852  C CG  . LEU A 1 114 ? -13.286 6.977   -4.876  1.00 54.17  ? 111 LEU A CG  1 
ATOM   853  C CD1 . LEU A 1 114 ? -13.160 8.423   -4.449  1.00 53.96  ? 111 LEU A CD1 1 
ATOM   854  C CD2 . LEU A 1 114 ? -11.920 6.417   -5.164  1.00 54.34  ? 111 LEU A CD2 1 
ATOM   855  N N   . LYS A 1 115 ? -16.528 5.331   -5.603  1.00 59.23  ? 112 LYS A N   1 
ATOM   856  C CA  . LYS A 1 115 ? -17.224 5.188   -6.880  1.00 60.21  ? 112 LYS A CA  1 
ATOM   857  C C   . LYS A 1 115 ? -18.717 5.480   -6.763  1.00 68.33  ? 112 LYS A C   1 
ATOM   858  O O   . LYS A 1 115 ? -19.343 5.798   -7.776  1.00 68.45  ? 112 LYS A O   1 
ATOM   859  C CB  . LYS A 1 115 ? -17.011 3.776   -7.451  1.00 61.76  ? 112 LYS A CB  1 
ATOM   860  C CG  . LYS A 1 115 ? -15.713 3.603   -8.225  1.00 67.33  ? 112 LYS A CG  1 
ATOM   861  C CD  . LYS A 1 115 ? -15.581 2.177   -8.733  1.00 76.15  ? 112 LYS A CD  1 
ATOM   862  C CE  . LYS A 1 115 ? -14.410 1.999   -9.666  1.00 85.43  ? 112 LYS A CE  1 
ATOM   863  N N   . SER A 1 116 ? -19.287 5.373   -5.534  1.00 67.46  ? 113 SER A N   1 
ATOM   864  C CA  . SER A 1 116 ? -20.708 5.595   -5.242  1.00 68.34  ? 113 SER A CA  1 
ATOM   865  C C   . SER A 1 116 ? -21.223 6.970   -5.670  1.00 77.18  ? 113 SER A C   1 
ATOM   866  O O   . SER A 1 116 ? -20.482 7.956   -5.642  1.00 77.25  ? 113 SER A O   1 
ATOM   867  C CB  . SER A 1 116 ? -21.001 5.354   -3.764  1.00 70.32  ? 113 SER A CB  1 
ATOM   868  O OG  . SER A 1 116 ? -22.376 5.518   -3.450  1.00 74.63  ? 113 SER A OG  1 
ATOM   869  N N   . LYS A 1 117 ? -22.499 7.013   -6.086  1.00 77.10  ? 114 LYS A N   1 
ATOM   870  C CA  . LYS A 1 117 ? -23.211 8.225   -6.508  1.00 77.73  ? 114 LYS A CA  1 
ATOM   871  C C   . LYS A 1 117 ? -24.455 8.432   -5.625  1.00 83.58  ? 114 LYS A C   1 
ATOM   872  O O   . LYS A 1 117 ? -24.979 9.547   -5.543  1.00 83.62  ? 114 LYS A O   1 
ATOM   873  C CB  . LYS A 1 117 ? -23.597 8.135   -7.995  1.00 79.93  ? 114 LYS A CB  1 
ATOM   874  C CG  . LYS A 1 117 ? -22.408 8.241   -8.947  1.00 91.41  ? 114 LYS A CG  1 
ATOM   875  N N   . ASP A 1 118 ? -24.891 7.353   -4.941  1.00 81.11  ? 115 ASP A N   1 
ATOM   876  C CA  . ASP A 1 118 ? -26.053 7.287   -4.054  1.00 81.44  ? 115 ASP A CA  1 
ATOM   877  C C   . ASP A 1 118 ? -25.647 7.371   -2.579  1.00 86.45  ? 115 ASP A C   1 
ATOM   878  O O   . ASP A 1 118 ? -24.657 6.757   -2.181  1.00 87.04  ? 115 ASP A O   1 
ATOM   879  C CB  . ASP A 1 118 ? -26.792 5.956   -4.301  1.00 83.32  ? 115 ASP A CB  1 
ATOM   880  C CG  . ASP A 1 118 ? -28.226 5.872   -3.810  1.00 94.93  ? 115 ASP A CG  1 
ATOM   881  O OD1 . ASP A 1 118 ? -28.610 6.687   -2.936  1.00 95.54  ? 115 ASP A OD1 1 
ATOM   882  O OD2 . ASP A 1 118 ? -28.958 4.975   -4.279  1.00 100.90 ? 115 ASP A OD2 1 
ATOM   883  N N   . ALA A 1 119 ? -26.425 8.114   -1.768  1.00 82.96  ? 116 ALA A N   1 
ATOM   884  C CA  . ALA A 1 119 ? -26.196 8.241   -0.319  1.00 82.65  ? 116 ALA A CA  1 
ATOM   885  C C   . ALA A 1 119 ? -26.956 7.134   0.438   1.00 86.67  ? 116 ALA A C   1 
ATOM   886  O O   . ALA A 1 119 ? -26.568 6.767   1.556   1.00 86.50  ? 116 ALA A O   1 
ATOM   887  C CB  . ALA A 1 119 ? -26.625 9.611   0.176   1.00 83.28  ? 116 ALA A CB  1 
ATOM   888  N N   . SER A 1 120 ? -28.019 6.582   -0.198  1.00 82.17  ? 117 SER A N   1 
ATOM   889  C CA  . SER A 1 120 ? -28.835 5.483   0.327   1.00 81.05  ? 117 SER A CA  1 
ATOM   890  C C   . SER A 1 120 ? -28.197 4.122   -0.057  1.00 82.45  ? 117 SER A C   1 
ATOM   891  O O   . SER A 1 120 ? -28.781 3.062   0.197   1.00 82.33  ? 117 SER A O   1 
ATOM   892  C CB  . SER A 1 120 ? -30.266 5.588   -0.200  1.00 84.28  ? 117 SER A CB  1 
ATOM   893  N N   . ASP A 1 121 ? -26.974 4.180   -0.635  1.00 76.19  ? 118 ASP A N   1 
ATOM   894  C CA  . ASP A 1 121 ? -26.130 3.076   -1.108  1.00 74.37  ? 118 ASP A CA  1 
ATOM   895  C C   . ASP A 1 121 ? -25.755 2.064   -0.012  1.00 73.19  ? 118 ASP A C   1 
ATOM   896  O O   . ASP A 1 121 ? -25.680 0.864   -0.295  1.00 73.25  ? 118 ASP A O   1 
ATOM   897  C CB  . ASP A 1 121 ? -24.841 3.669   -1.717  1.00 76.52  ? 118 ASP A CB  1 
ATOM   898  C CG  . ASP A 1 121 ? -24.081 2.790   -2.688  1.00 91.02  ? 118 ASP A CG  1 
ATOM   899  O OD1 . ASP A 1 121 ? -23.628 1.699   -2.277  1.00 93.21  ? 118 ASP A OD1 1 
ATOM   900  O OD2 . ASP A 1 121 ? -23.847 3.238   -3.830  1.00 97.68  ? 118 ASP A OD2 1 
ATOM   901  N N   . GLY A 1 122 ? -25.478 2.560   1.198   1.00 65.06  ? 119 GLY A N   1 
ATOM   902  C CA  . GLY A 1 122 ? -25.022 1.749   2.326   1.00 62.68  ? 119 GLY A CA  1 
ATOM   903  C C   . GLY A 1 122 ? -23.507 1.583   2.354   1.00 61.06  ? 119 GLY A C   1 
ATOM   904  O O   . GLY A 1 122 ? -22.957 0.971   3.278   1.00 58.74  ? 119 GLY A O   1 
ATOM   905  N N   . SER A 1 123 ? -22.821 2.139   1.324   1.00 55.03  ? 120 SER A N   1 
ATOM   906  C CA  . SER A 1 123 ? -21.368 2.096   1.157   1.00 53.79  ? 120 SER A CA  1 
ATOM   907  C C   . SER A 1 123 ? -20.599 2.780   2.307   1.00 56.24  ? 120 SER A C   1 
ATOM   908  O O   . SER A 1 123 ? -19.634 2.199   2.806   1.00 56.80  ? 120 SER A O   1 
ATOM   909  C CB  . SER A 1 123 ? -20.950 2.642   -0.209  1.00 54.70  ? 120 SER A CB  1 
ATOM   910  O OG  . SER A 1 123 ? -21.495 3.919   -0.497  1.00 58.96  ? 120 SER A OG  1 
ATOM   911  N N   . GLU A 1 124 ? -21.044 3.975   2.744   1.00 50.17  ? 121 GLU A N   1 
ATOM   912  C CA  . GLU A 1 124 ? -20.425 4.733   3.836   1.00 49.27  ? 121 GLU A CA  1 
ATOM   913  C C   . GLU A 1 124 ? -20.431 3.914   5.125   1.00 52.01  ? 121 GLU A C   1 
ATOM   914  O O   . GLU A 1 124 ? -19.368 3.741   5.737   1.00 53.12  ? 121 GLU A O   1 
ATOM   915  C CB  . GLU A 1 124 ? -21.131 6.094   4.033   1.00 50.55  ? 121 GLU A CB  1 
ATOM   916  C CG  . GLU A 1 124 ? -20.479 7.033   5.040   1.00 57.30  ? 121 GLU A CG  1 
ATOM   917  C CD  . GLU A 1 124 ? -20.869 8.499   4.929   1.00 70.82  ? 121 GLU A CD  1 
ATOM   918  O OE1 . GLU A 1 124 ? -21.538 8.874   3.938   1.00 63.84  ? 121 GLU A OE1 1 
ATOM   919  O OE2 . GLU A 1 124 ? -20.459 9.285   5.811   1.00 58.79  ? 121 GLU A OE2 1 
ATOM   920  N N   . LYS A 1 125 ? -21.610 3.370   5.501   1.00 45.72  ? 122 LYS A N   1 
ATOM   921  C CA  . LYS A 1 125 ? -21.802 2.565   6.704   1.00 44.43  ? 122 LYS A CA  1 
ATOM   922  C C   . LYS A 1 125 ? -20.940 1.306   6.645   1.00 47.57  ? 122 LYS A C   1 
ATOM   923  O O   . LYS A 1 125 ? -20.245 1.005   7.614   1.00 47.08  ? 122 LYS A O   1 
ATOM   924  C CB  . LYS A 1 125 ? -23.305 2.269   6.921   1.00 46.68  ? 122 LYS A CB  1 
ATOM   925  C CG  . LYS A 1 125 ? -23.636 1.134   7.889   1.00 63.61  ? 122 LYS A CG  1 
ATOM   926  C CD  . LYS A 1 125 ? -24.144 1.618   9.241   1.00 76.68  ? 122 LYS A CD  1 
ATOM   927  C CE  . LYS A 1 125 ? -24.870 0.523   10.001  1.00 84.37  ? 122 LYS A CE  1 
ATOM   928  N NZ  . LYS A 1 125 ? -23.950 -0.483  10.601  1.00 88.08  ? 122 LYS A NZ  1 
ATOM   929  N N   . ALA A 1 126 ? -20.942 0.608   5.500   1.00 44.63  ? 123 ALA A N   1 
ATOM   930  C CA  . ALA A 1 126 ? -20.145 -0.607  5.294   1.00 44.61  ? 123 ALA A CA  1 
ATOM   931  C C   . ALA A 1 126 ? -18.646 -0.324  5.528   1.00 49.57  ? 123 ALA A C   1 
ATOM   932  O O   . ALA A 1 126 ? -17.986 -1.098  6.222   1.00 50.45  ? 123 ALA A O   1 
ATOM   933  C CB  . ALA A 1 126 ? -20.384 -1.162  3.898   1.00 45.12  ? 123 ALA A CB  1 
ATOM   934  N N   . LEU A 1 127 ? -18.145 0.826   5.029   1.00 45.14  ? 124 LEU A N   1 
ATOM   935  C CA  . LEU A 1 127 ? -16.767 1.275   5.233   1.00 45.08  ? 124 LEU A CA  1 
ATOM   936  C C   . LEU A 1 127 ? -16.530 1.626   6.708   1.00 49.18  ? 124 LEU A C   1 
ATOM   937  O O   . LEU A 1 127 ? -15.536 1.177   7.279   1.00 48.27  ? 124 LEU A O   1 
ATOM   938  C CB  . LEU A 1 127 ? -16.443 2.483   4.323   1.00 44.93  ? 124 LEU A CB  1 
ATOM   939  C CG  . LEU A 1 127 ? -15.066 3.159   4.489   1.00 48.74  ? 124 LEU A CG  1 
ATOM   940  C CD1 . LEU A 1 127 ? -13.901 2.196   4.191   1.00 48.63  ? 124 LEU A CD1 1 
ATOM   941  C CD2 . LEU A 1 127 ? -14.973 4.363   3.629   1.00 49.48  ? 124 LEU A CD2 1 
ATOM   942  N N   . LEU A 1 128 ? -17.437 2.426   7.313   1.00 46.49  ? 125 LEU A N   1 
ATOM   943  C CA  . LEU A 1 128 ? -17.356 2.818   8.718   1.00 46.77  ? 125 LEU A CA  1 
ATOM   944  C C   . LEU A 1 128 ? -17.332 1.593   9.641   1.00 50.30  ? 125 LEU A C   1 
ATOM   945  O O   . LEU A 1 128 ? -16.507 1.535   10.551  1.00 50.11  ? 125 LEU A O   1 
ATOM   946  C CB  . LEU A 1 128 ? -18.487 3.795   9.091   1.00 47.35  ? 125 LEU A CB  1 
ATOM   947  C CG  . LEU A 1 128 ? -18.533 4.264   10.564  1.00 53.33  ? 125 LEU A CG  1 
ATOM   948  C CD1 . LEU A 1 128 ? -17.346 5.147   10.908  1.00 53.39  ? 125 LEU A CD1 1 
ATOM   949  C CD2 . LEU A 1 128 ? -19.844 4.973   10.881  1.00 56.33  ? 125 LEU A CD2 1 
ATOM   950  N N   . ASP A 1 129 ? -18.179 0.590   9.364   1.00 47.09  ? 126 ASP A N   1 
ATOM   951  C CA  . ASP A 1 129 ? -18.217 -0.647  10.140  1.00 46.68  ? 126 ASP A CA  1 
ATOM   952  C C   . ASP A 1 129 ? -16.875 -1.372  10.085  1.00 49.57  ? 126 ASP A C   1 
ATOM   953  O O   . ASP A 1 129 ? -16.420 -1.886  11.113  1.00 49.83  ? 126 ASP A O   1 
ATOM   954  C CB  . ASP A 1 129 ? -19.348 -1.558  9.652   1.00 48.48  ? 126 ASP A CB  1 
ATOM   955  C CG  . ASP A 1 129 ? -20.739 -1.056  9.977   1.00 55.46  ? 126 ASP A CG  1 
ATOM   956  O OD1 . ASP A 1 129 ? -20.897 -0.356  11.006  1.00 54.21  ? 126 ASP A OD1 1 
ATOM   957  O OD2 . ASP A 1 129 ? -21.676 -1.382  9.218   1.00 60.77  ? 126 ASP A OD2 1 
ATOM   958  N N   . GLU A 1 130 ? -16.230 -1.379  8.892   1.00 44.45  ? 127 GLU A N   1 
ATOM   959  C CA  . GLU A 1 130 ? -14.921 -2.000  8.677   1.00 43.63  ? 127 GLU A CA  1 
ATOM   960  C C   . GLU A 1 130 ? -13.811 -1.288  9.479   1.00 45.99  ? 127 GLU A C   1 
ATOM   961  O O   . GLU A 1 130 ? -12.929 -1.951  10.020  1.00 45.08  ? 127 GLU A O   1 
ATOM   962  C CB  . GLU A 1 130 ? -14.576 -2.077  7.167   1.00 44.91  ? 127 GLU A CB  1 
ATOM   963  C CG  . GLU A 1 130 ? -15.343 -3.122  6.352   1.00 52.61  ? 127 GLU A CG  1 
ATOM   964  C CD  . GLU A 1 130 ? -15.603 -4.478  6.994   1.00 72.05  ? 127 GLU A CD  1 
ATOM   965  O OE1 . GLU A 1 130 ? -16.766 -4.940  6.939   1.00 69.32  ? 127 GLU A OE1 1 
ATOM   966  O OE2 . GLU A 1 130 ? -14.662 -5.061  7.580   1.00 58.40  ? 127 GLU A OE2 1 
ATOM   967  N N   . LEU A 1 131 ? -13.887 0.052   9.588   1.00 41.56  ? 128 LEU A N   1 
ATOM   968  C CA  . LEU A 1 131 ? -12.916 0.854   10.328  1.00 40.81  ? 128 LEU A CA  1 
ATOM   969  C C   . LEU A 1 131 ? -13.126 0.764   11.842  1.00 44.16  ? 128 LEU A C   1 
ATOM   970  O O   . LEU A 1 131 ? -12.158 0.805   12.603  1.00 42.79  ? 128 LEU A O   1 
ATOM   971  C CB  . LEU A 1 131 ? -12.946 2.302   9.849   1.00 40.68  ? 128 LEU A CB  1 
ATOM   972  C CG  . LEU A 1 131 ? -12.343 2.562   8.479   1.00 44.91  ? 128 LEU A CG  1 
ATOM   973  C CD1 . LEU A 1 131 ? -13.060 3.700   7.799   1.00 45.04  ? 128 LEU A CD1 1 
ATOM   974  C CD2 . LEU A 1 131 ? -10.838 2.833   8.580   1.00 46.18  ? 128 LEU A CD2 1 
ATOM   975  N N   . GLN A 1 132 ? -14.391 0.617   12.268  1.00 41.75  ? 129 GLN A N   1 
ATOM   976  C CA  . GLN A 1 132 ? -14.794 0.446   13.669  1.00 41.37  ? 129 GLN A CA  1 
ATOM   977  C C   . GLN A 1 132 ? -14.197 -0.862  14.211  1.00 43.38  ? 129 GLN A C   1 
ATOM   978  O O   . GLN A 1 132 ? -13.666 -0.873  15.325  1.00 43.88  ? 129 GLN A O   1 
ATOM   979  C CB  . GLN A 1 132 ? -16.336 0.469   13.788  1.00 42.86  ? 129 GLN A CB  1 
ATOM   980  C CG  . GLN A 1 132 ? -16.902 0.181   15.192  1.00 56.91  ? 129 GLN A CG  1 
ATOM   981  C CD  . GLN A 1 132 ? -16.495 1.186   16.240  1.00 71.35  ? 129 GLN A CD  1 
ATOM   982  O OE1 . GLN A 1 132 ? -16.765 2.391   16.136  1.00 65.40  ? 129 GLN A OE1 1 
ATOM   983  N NE2 . GLN A 1 132 ? -15.859 0.697   17.292  1.00 61.75  ? 129 GLN A NE2 1 
ATOM   984  N N   . ALA A 1 133 ? -14.228 -1.935  13.395  1.00 38.11  ? 130 ALA A N   1 
ATOM   985  C CA  . ALA A 1 133 ? -13.648 -3.245  13.724  1.00 37.84  ? 130 ALA A CA  1 
ATOM   986  C C   . ALA A 1 133 ? -12.121 -3.159  13.852  1.00 43.46  ? 130 ALA A C   1 
ATOM   987  O O   . ALA A 1 133 ? -11.555 -3.740  14.792  1.00 43.62  ? 130 ALA A O   1 
ATOM   988  C CB  . ALA A 1 133 ? -14.030 -4.270  12.672  1.00 38.57  ? 130 ALA A CB  1 
ATOM   989  N N   . LEU A 1 134 ? -11.460 -2.399  12.932  1.00 40.01  ? 131 LEU A N   1 
ATOM   990  C CA  . LEU A 1 134 ? -10.016 -2.156  12.966  1.00 39.31  ? 131 LEU A CA  1 
ATOM   991  C C   . LEU A 1 134 ? -9.673  -1.389  14.230  1.00 43.87  ? 131 LEU A C   1 
ATOM   992  O O   . LEU A 1 134 ? -8.757  -1.790  14.948  1.00 43.09  ? 131 LEU A O   1 
ATOM   993  C CB  . LEU A 1 134 ? -9.511  -1.423  11.704  1.00 38.92  ? 131 LEU A CB  1 
ATOM   994  C CG  . LEU A 1 134 ? -8.010  -1.053  11.688  1.00 42.48  ? 131 LEU A CG  1 
ATOM   995  C CD1 . LEU A 1 134 ? -7.126  -2.276  11.701  1.00 42.43  ? 131 LEU A CD1 1 
ATOM   996  C CD2 . LEU A 1 134 ? -7.664  -0.119  10.545  1.00 43.07  ? 131 LEU A CD2 1 
ATOM   997  N N   . ASP A 1 135 ? -10.451 -0.336  14.539  1.00 43.18  ? 132 ASP A N   1 
ATOM   998  C CA  . ASP A 1 135 ? -10.300 0.463   15.769  1.00 44.08  ? 132 ASP A CA  1 
ATOM   999  C C   . ASP A 1 135 ? -10.341 -0.424  17.012  1.00 48.51  ? 132 ASP A C   1 
ATOM   1000 O O   . ASP A 1 135 ? -9.446  -0.330  17.838  1.00 49.05  ? 132 ASP A O   1 
ATOM   1001 C CB  . ASP A 1 135 ? -11.372 1.570   15.869  1.00 46.09  ? 132 ASP A CB  1 
ATOM   1002 C CG  . ASP A 1 135 ? -10.958 2.696   16.793  1.00 57.41  ? 132 ASP A CG  1 
ATOM   1003 O OD1 . ASP A 1 135 ? -9.964  3.381   16.480  1.00 58.22  ? 132 ASP A OD1 1 
ATOM   1004 O OD2 . ASP A 1 135 ? -11.624 2.884   17.843  1.00 62.47  ? 132 ASP A OD2 1 
ATOM   1005 N N   . GLU A 1 136 ? -11.345 -1.313  17.112  1.00 45.62  ? 133 GLU A N   1 
ATOM   1006 C CA  . GLU A 1 136 ? -11.498 -2.248  18.226  1.00 46.01  ? 133 GLU A CA  1 
ATOM   1007 C C   . GLU A 1 136 ? -10.284 -3.152  18.364  1.00 50.35  ? 133 GLU A C   1 
ATOM   1008 O O   . GLU A 1 136 ? -9.763  -3.286  19.476  1.00 50.96  ? 133 GLU A O   1 
ATOM   1009 C CB  . GLU A 1 136 ? -12.784 -3.078  18.086  1.00 47.43  ? 133 GLU A CB  1 
ATOM   1010 C CG  . GLU A 1 136 ? -14.055 -2.311  18.412  1.00 57.80  ? 133 GLU A CG  1 
ATOM   1011 C CD  . GLU A 1 136 ? -15.328 -3.006  17.966  1.00 82.56  ? 133 GLU A CD  1 
ATOM   1012 O OE1 . GLU A 1 136 ? -15.421 -4.245  18.130  1.00 78.14  ? 133 GLU A OE1 1 
ATOM   1013 O OE2 . GLU A 1 136 ? -16.243 -2.309  17.466  1.00 73.95  ? 133 GLU A OE2 1 
ATOM   1014 N N   . HIS A 1 137 ? -9.807  -3.736  17.238  1.00 46.55  ? 134 HIS A N   1 
ATOM   1015 C CA  . HIS A 1 137 ? -8.621  -4.599  17.229  1.00 46.03  ? 134 HIS A CA  1 
ATOM   1016 C C   . HIS A 1 137 ? -7.379  -3.836  17.705  1.00 48.37  ? 134 HIS A C   1 
ATOM   1017 O O   . HIS A 1 137 ? -6.587  -4.387  18.459  1.00 48.71  ? 134 HIS A O   1 
ATOM   1018 C CB  . HIS A 1 137 ? -8.358  -5.224  15.835  1.00 46.76  ? 134 HIS A CB  1 
ATOM   1019 C CG  . HIS A 1 137 ? -6.993  -5.850  15.737  1.00 50.34  ? 134 HIS A CG  1 
ATOM   1020 N ND1 . HIS A 1 137 ? -6.733  -7.116  16.256  1.00 51.98  ? 134 HIS A ND1 1 
ATOM   1021 C CD2 . HIS A 1 137 ? -5.825  -5.313  15.306  1.00 51.62  ? 134 HIS A CD2 1 
ATOM   1022 C CE1 . HIS A 1 137 ? -5.439  -7.313  16.079  1.00 50.96  ? 134 HIS A CE1 1 
ATOM   1023 N NE2 . HIS A 1 137 ? -4.852  -6.257  15.515  1.00 51.24  ? 134 HIS A NE2 1 
ATOM   1024 N N   . LEU A 1 138 ? -7.193  -2.598  17.225  1.00 43.35  ? 135 LEU A N   1 
ATOM   1025 C CA  . LEU A 1 138 ? -6.038  -1.778  17.577  1.00 42.65  ? 135 LEU A CA  1 
ATOM   1026 C C   . LEU A 1 138 ? -6.049  -1.345  19.038  1.00 48.72  ? 135 LEU A C   1 
ATOM   1027 O O   . LEU A 1 138 ? -4.997  -1.361  19.675  1.00 48.56  ? 135 LEU A O   1 
ATOM   1028 C CB  . LEU A 1 138 ? -5.899  -0.584  16.627  1.00 42.03  ? 135 LEU A CB  1 
ATOM   1029 C CG  . LEU A 1 138 ? -5.518  -0.902  15.178  1.00 45.34  ? 135 LEU A CG  1 
ATOM   1030 C CD1 . LEU A 1 138 ? -5.773  0.270   14.288  1.00 44.43  ? 135 LEU A CD1 1 
ATOM   1031 C CD2 . LEU A 1 138 ? -4.065  -1.350  15.068  1.00 48.90  ? 135 LEU A CD2 1 
ATOM   1032 N N   . LYS A 1 139 ? -7.240  -0.995  19.576  1.00 45.67  ? 136 LYS A N   1 
ATOM   1033 C CA  . LYS A 1 139 ? -7.445  -0.611  20.974  1.00 46.00  ? 136 LYS A CA  1 
ATOM   1034 C C   . LYS A 1 139 ? -7.034  -1.771  21.900  1.00 51.62  ? 136 LYS A C   1 
ATOM   1035 O O   . LYS A 1 139 ? -6.422  -1.539  22.943  1.00 51.06  ? 136 LYS A O   1 
ATOM   1036 C CB  . LYS A 1 139 ? -8.931  -0.229  21.185  1.00 49.61  ? 136 LYS A CB  1 
ATOM   1037 C CG  . LYS A 1 139 ? -9.401  -0.059  22.646  1.00 61.89  ? 136 LYS A CG  1 
ATOM   1038 C CD  . LYS A 1 139 ? -9.469  1.395   23.086  1.00 70.36  ? 136 LYS A CD  1 
ATOM   1039 N N   . ALA A 1 140 ? -7.345  -3.012  21.483  1.00 49.38  ? 137 ALA A N   1 
ATOM   1040 C CA  . ALA A 1 140 ? -7.101  -4.240  22.223  1.00 49.68  ? 137 ALA A CA  1 
ATOM   1041 C C   . ALA A 1 140 ? -5.714  -4.862  22.043  1.00 56.90  ? 137 ALA A C   1 
ATOM   1042 O O   . ALA A 1 140 ? -5.192  -5.432  23.007  1.00 56.88  ? 137 ALA A O   1 
ATOM   1043 C CB  . ALA A 1 140 ? -8.173  -5.262  21.873  1.00 50.22  ? 137 ALA A CB  1 
ATOM   1044 N N   . HIS A 1 141 ? -5.150  -4.824  20.808  1.00 54.69  ? 138 HIS A N   1 
ATOM   1045 C CA  . HIS A 1 141 ? -3.869  -5.460  20.474  1.00 54.68  ? 138 HIS A CA  1 
ATOM   1046 C C   . HIS A 1 141 ? -2.869  -4.567  19.701  1.00 56.40  ? 138 HIS A C   1 
ATOM   1047 O O   . HIS A 1 141 ? -1.998  -5.100  19.025  1.00 55.03  ? 138 HIS A O   1 
ATOM   1048 C CB  . HIS A 1 141 ? -4.105  -6.782  19.700  1.00 56.32  ? 138 HIS A CB  1 
ATOM   1049 C CG  . HIS A 1 141 ? -5.262  -7.600  20.185  1.00 60.63  ? 138 HIS A CG  1 
ATOM   1050 N ND1 . HIS A 1 141 ? -5.232  -8.241  21.417  1.00 63.05  ? 138 HIS A ND1 1 
ATOM   1051 C CD2 . HIS A 1 141 ? -6.455  -7.844  19.593  1.00 63.16  ? 138 HIS A CD2 1 
ATOM   1052 C CE1 . HIS A 1 141 ? -6.407  -8.843  21.537  1.00 62.73  ? 138 HIS A CE1 1 
ATOM   1053 N NE2 . HIS A 1 141 ? -7.173  -8.642  20.463  1.00 63.12  ? 138 HIS A NE2 1 
ATOM   1054 N N   . GLY A 1 142 ? -2.962  -3.244  19.853  1.00 52.72  ? 139 GLY A N   1 
ATOM   1055 C CA  . GLY A 1 142 ? -2.098  -2.276  19.173  1.00 51.62  ? 139 GLY A CA  1 
ATOM   1056 C C   . GLY A 1 142 ? -0.772  -1.948  19.844  1.00 54.73  ? 139 GLY A C   1 
ATOM   1057 O O   . GLY A 1 142 ? -0.306  -2.723  20.680  1.00 55.30  ? 139 GLY A O   1 
ATOM   1058 N N   . PRO A 1 143 ? -0.096  -0.824  19.502  1.00 49.64  ? 140 PRO A N   1 
ATOM   1059 C CA  . PRO A 1 143 ? -0.472  0.241   18.552  1.00 48.83  ? 140 PRO A CA  1 
ATOM   1060 C C   . PRO A 1 143 ? -0.549  -0.179  17.079  1.00 51.34  ? 140 PRO A C   1 
ATOM   1061 O O   . PRO A 1 143 ? -1.230  0.489   16.310  1.00 50.25  ? 140 PRO A O   1 
ATOM   1062 C CB  . PRO A 1 143 ? 0.588   1.321   18.807  1.00 50.44  ? 140 PRO A CB  1 
ATOM   1063 C CG  . PRO A 1 143 ? 1.767   0.578   19.305  1.00 54.86  ? 140 PRO A CG  1 
ATOM   1064 C CD  . PRO A 1 143 ? 1.178   -0.501  20.169  1.00 50.78  ? 140 PRO A CD  1 
ATOM   1065 N N   . TYR A 1 144 ? 0.107   -1.283  16.693  1.00 48.03  ? 141 TYR A N   1 
ATOM   1066 C CA  . TYR A 1 144 ? 0.063   -1.788  15.319  1.00 47.88  ? 141 TYR A CA  1 
ATOM   1067 C C   . TYR A 1 144 ? -0.792  -3.048  15.237  1.00 51.40  ? 141 TYR A C   1 
ATOM   1068 O O   . TYR A 1 144 ? -1.313  -3.472  16.263  1.00 50.98  ? 141 TYR A O   1 
ATOM   1069 C CB  . TYR A 1 144 ? 1.481   -2.016  14.794  1.00 49.71  ? 141 TYR A CB  1 
ATOM   1070 C CG  . TYR A 1 144 ? 2.322   -0.763  14.847  1.00 52.41  ? 141 TYR A CG  1 
ATOM   1071 C CD1 . TYR A 1 144 ? 2.101   0.287   13.959  1.00 55.05  ? 141 TYR A CD1 1 
ATOM   1072 C CD2 . TYR A 1 144 ? 3.323   -0.612  15.802  1.00 53.22  ? 141 TYR A CD2 1 
ATOM   1073 C CE1 . TYR A 1 144 ? 2.859   1.458   14.018  1.00 57.85  ? 141 TYR A CE1 1 
ATOM   1074 C CE2 . TYR A 1 144 ? 4.099   0.548   15.863  1.00 54.40  ? 141 TYR A CE2 1 
ATOM   1075 C CZ  . TYR A 1 144 ? 3.868   1.580   14.964  1.00 64.52  ? 141 TYR A CZ  1 
ATOM   1076 O OH  . TYR A 1 144 ? 4.642   2.721   15.003  1.00 65.21  ? 141 TYR A OH  1 
ATOM   1077 N N   . ILE A 1 145 ? -0.958  -3.649  14.041  1.00 48.51  ? 142 ILE A N   1 
ATOM   1078 C CA  . ILE A 1 145 ? -1.785  -4.859  13.872  1.00 48.97  ? 142 ILE A CA  1 
ATOM   1079 C C   . ILE A 1 145 ? -1.324  -5.985  14.838  1.00 55.61  ? 142 ILE A C   1 
ATOM   1080 O O   . ILE A 1 145 ? -2.155  -6.619  15.475  1.00 53.97  ? 142 ILE A O   1 
ATOM   1081 C CB  . ILE A 1 145 ? -1.887  -5.297  12.372  1.00 51.55  ? 142 ILE A CB  1 
ATOM   1082 C CG1 . ILE A 1 145 ? -2.738  -4.270  11.577  1.00 50.71  ? 142 ILE A CG1 1 
ATOM   1083 C CG2 . ILE A 1 145 ? -2.464  -6.729  12.213  1.00 52.27  ? 142 ILE A CG2 1 
ATOM   1084 C CD1 . ILE A 1 145 ? -2.668  -4.355  10.077  1.00 50.56  ? 142 ILE A CD1 1 
ATOM   1085 N N   . SER A 1 146 ? -0.008  -6.145  15.012  1.00 56.22  ? 143 SER A N   1 
ATOM   1086 C CA  . SER A 1 146 ? 0.583   -7.137  15.905  1.00 57.39  ? 143 SER A CA  1 
ATOM   1087 C C   . SER A 1 146 ? 1.399   -6.495  17.051  1.00 62.80  ? 143 SER A C   1 
ATOM   1088 O O   . SER A 1 146 ? 2.589   -6.785  17.242  1.00 63.35  ? 143 SER A O   1 
ATOM   1089 C CB  . SER A 1 146 ? 1.410   -8.145  15.110  1.00 62.24  ? 143 SER A CB  1 
ATOM   1090 O OG  . SER A 1 146 ? 2.001   -9.109  15.966  1.00 75.59  ? 143 SER A OG  1 
ATOM   1091 N N   . GLY A 1 147 ? 0.739   -5.620  17.797  1.00 59.11  ? 144 GLY A N   1 
ATOM   1092 C CA  . GLY A 1 147 ? 1.304   -4.991  18.982  1.00 58.73  ? 144 GLY A CA  1 
ATOM   1093 C C   . GLY A 1 147 ? 2.241   -3.821  18.812  1.00 63.05  ? 144 GLY A C   1 
ATOM   1094 O O   . GLY A 1 147 ? 2.023   -2.937  17.979  1.00 62.45  ? 144 GLY A O   1 
ATOM   1095 N N   . GLU A 1 148 ? 3.275   -3.811  19.657  1.00 60.53  ? 145 GLU A N   1 
ATOM   1096 C CA  . GLU A 1 148 ? 4.275   -2.759  19.789  1.00 60.87  ? 145 GLU A CA  1 
ATOM   1097 C C   . GLU A 1 148 ? 5.164   -2.551  18.569  1.00 63.66  ? 145 GLU A C   1 
ATOM   1098 O O   . GLU A 1 148 ? 5.771   -1.476  18.439  1.00 64.48  ? 145 GLU A O   1 
ATOM   1099 C CB  . GLU A 1 148 ? 5.138   -3.016  21.046  1.00 62.61  ? 145 GLU A CB  1 
ATOM   1100 C CG  . GLU A 1 148 ? 5.426   -1.768  21.876  1.00 76.01  ? 145 GLU A CG  1 
ATOM   1101 C CD  . GLU A 1 148 ? 4.223   -0.981  22.374  1.00 97.22  ? 145 GLU A CD  1 
ATOM   1102 O OE1 . GLU A 1 148 ? 3.281   -1.606  22.915  1.00 90.98  ? 145 GLU A OE1 1 
ATOM   1103 O OE2 . GLU A 1 148 ? 4.225   0.263   22.225  1.00 89.28  ? 145 GLU A OE2 1 
ATOM   1104 N N   . ASN A 1 149 ? 5.259   -3.555  17.687  1.00 57.02  ? 146 ASN A N   1 
ATOM   1105 C CA  . ASN A 1 149 ? 6.140   -3.445  16.538  1.00 55.65  ? 146 ASN A CA  1 
ATOM   1106 C C   . ASN A 1 149 ? 5.460   -3.653  15.208  1.00 55.95  ? 146 ASN A C   1 
ATOM   1107 O O   . ASN A 1 149 ? 4.521   -4.437  15.099  1.00 55.68  ? 146 ASN A O   1 
ATOM   1108 C CB  . ASN A 1 149 ? 7.335   -4.379  16.694  1.00 58.95  ? 146 ASN A CB  1 
ATOM   1109 C CG  . ASN A 1 149 ? 8.275   -3.931  17.787  1.00 82.73  ? 146 ASN A CG  1 
ATOM   1110 O OD1 . ASN A 1 149 ? 9.175   -3.103  17.574  1.00 79.96  ? 146 ASN A OD1 1 
ATOM   1111 N ND2 . ASN A 1 149 ? 8.050   -4.427  18.996  1.00 71.63  ? 146 ASN A ND2 1 
ATOM   1112 N N   . VAL A 1 150 ? 5.959   -2.932  14.193  1.00 49.56  ? 147 VAL A N   1 
ATOM   1113 C CA  . VAL A 1 150 ? 5.514   -2.974  12.803  1.00 47.93  ? 147 VAL A CA  1 
ATOM   1114 C C   . VAL A 1 150 ? 5.820   -4.353  12.199  1.00 49.65  ? 147 VAL A C   1 
ATOM   1115 O O   . VAL A 1 150 ? 6.909   -4.900  12.400  1.00 49.75  ? 147 VAL A O   1 
ATOM   1116 C CB  . VAL A 1 150 ? 6.154   -1.799  12.015  1.00 52.19  ? 147 VAL A CB  1 
ATOM   1117 C CG1 . VAL A 1 150 ? 6.087   -1.995  10.509  1.00 51.90  ? 147 VAL A CG1 1 
ATOM   1118 C CG2 . VAL A 1 150 ? 5.504   -0.476  12.404  1.00 52.46  ? 147 VAL A CG2 1 
ATOM   1119 N N   . SER A 1 151 ? 4.832   -4.920  11.496  1.00 43.74  ? 148 SER A N   1 
ATOM   1120 C CA  . SER A 1 151 ? 4.943   -6.189  10.795  1.00 42.39  ? 148 SER A CA  1 
ATOM   1121 C C   . SER A 1 151 ? 4.400   -5.997  9.373   1.00 45.42  ? 148 SER A C   1 
ATOM   1122 O O   . SER A 1 151 ? 3.984   -4.885  9.018   1.00 44.72  ? 148 SER A O   1 
ATOM   1123 C CB  . SER A 1 151 ? 4.198   -7.290  11.548  1.00 45.24  ? 148 SER A CB  1 
ATOM   1124 O OG  . SER A 1 151 ? 2.800   -7.049  11.621  1.00 53.00  ? 148 SER A OG  1 
ATOM   1125 N N   . ALA A 1 152 ? 4.400   -7.081  8.578   1.00 40.92  ? 149 ALA A N   1 
ATOM   1126 C CA  . ALA A 1 152 ? 3.974   -7.177  7.185   1.00 40.38  ? 149 ALA A CA  1 
ATOM   1127 C C   . ALA A 1 152 ? 2.581   -6.630  6.952   1.00 44.82  ? 149 ALA A C   1 
ATOM   1128 O O   . ALA A 1 152 ? 2.347   -5.949  5.949   1.00 43.60  ? 149 ALA A O   1 
ATOM   1129 C CB  . ALA A 1 152 ? 4.048   -8.629  6.718   1.00 40.66  ? 149 ALA A CB  1 
ATOM   1130 N N   . ALA A 1 153 ? 1.652   -6.931  7.877   1.00 42.92  ? 150 ALA A N   1 
ATOM   1131 C CA  . ALA A 1 153 ? 0.265   -6.503  7.761   1.00 42.58  ? 150 ALA A CA  1 
ATOM   1132 C C   . ALA A 1 153 ? 0.143   -4.984  7.771   1.00 45.61  ? 150 ALA A C   1 
ATOM   1133 O O   . ALA A 1 153 ? -0.719  -4.435  7.075   1.00 46.22  ? 150 ALA A O   1 
ATOM   1134 C CB  . ALA A 1 153 ? -0.565  -7.124  8.862   1.00 43.51  ? 150 ALA A CB  1 
ATOM   1135 N N   . ASP A 1 154 ? 1.041   -4.306  8.507   1.00 40.00  ? 151 ASP A N   1 
ATOM   1136 C CA  . ASP A 1 154 ? 1.055   -2.847  8.566   1.00 39.39  ? 151 ASP A CA  1 
ATOM   1137 C C   . ASP A 1 154 ? 1.527   -2.246  7.245   1.00 42.09  ? 151 ASP A C   1 
ATOM   1138 O O   . ASP A 1 154 ? 0.956   -1.251  6.788   1.00 40.70  ? 151 ASP A O   1 
ATOM   1139 C CB  . ASP A 1 154 ? 1.908   -2.349  9.736   1.00 40.70  ? 151 ASP A CB  1 
ATOM   1140 C CG  . ASP A 1 154 ? 1.447   -2.903  11.067  1.00 46.07  ? 151 ASP A CG  1 
ATOM   1141 O OD1 . ASP A 1 154 ? 0.253   -2.780  11.374  1.00 43.77  ? 151 ASP A OD1 1 
ATOM   1142 O OD2 . ASP A 1 154 ? 2.281   -3.480  11.782  1.00 52.28  ? 151 ASP A OD2 1 
ATOM   1143 N N   . LEU A 1 155 ? 2.540   -2.879  6.622   1.00 38.24  ? 152 LEU A N   1 
ATOM   1144 C CA  . LEU A 1 155 ? 3.129   -2.464  5.347   1.00 38.16  ? 152 LEU A CA  1 
ATOM   1145 C C   . LEU A 1 155 ? 2.160   -2.673  4.190   1.00 40.20  ? 152 LEU A C   1 
ATOM   1146 O O   . LEU A 1 155 ? 2.305   -2.044  3.147   1.00 38.93  ? 152 LEU A O   1 
ATOM   1147 C CB  . LEU A 1 155 ? 4.496   -3.148  5.088   1.00 38.27  ? 152 LEU A CB  1 
ATOM   1148 C CG  . LEU A 1 155 ? 5.506   -3.098  6.254   1.00 43.41  ? 152 LEU A CG  1 
ATOM   1149 C CD1 . LEU A 1 155 ? 6.830   -3.670  5.842   1.00 43.10  ? 152 LEU A CD1 1 
ATOM   1150 C CD2 . LEU A 1 155 ? 5.697   -1.659  6.795   1.00 46.75  ? 152 LEU A CD2 1 
ATOM   1151 N N   . SER A 1 156 ? 1.154   -3.535  4.399   1.00 36.19  ? 153 SER A N   1 
ATOM   1152 C CA  . SER A 1 156 ? 0.106   -3.786  3.423   1.00 34.99  ? 153 SER A CA  1 
ATOM   1153 C C   . SER A 1 156 ? -1.040  -2.803  3.635   1.00 36.54  ? 153 SER A C   1 
ATOM   1154 O O   . SER A 1 156 ? -1.408  -2.115  2.686   1.00 36.32  ? 153 SER A O   1 
ATOM   1155 C CB  . SER A 1 156 ? -0.384  -5.230  3.503   1.00 36.66  ? 153 SER A CB  1 
ATOM   1156 O OG  . SER A 1 156 ? -1.429  -5.475  2.577   1.00 39.53  ? 153 SER A OG  1 
ATOM   1157 N N   . LEU A 1 157 ? -1.579  -2.717  4.867   1.00 32.07  ? 154 LEU A N   1 
ATOM   1158 C CA  . LEU A 1 157 ? -2.723  -1.862  5.210   1.00 32.59  ? 154 LEU A CA  1 
ATOM   1159 C C   . LEU A 1 157 ? -2.424  -0.361  5.159   1.00 39.10  ? 154 LEU A C   1 
ATOM   1160 O O   . LEU A 1 157 ? -3.274  0.394   4.679   1.00 41.20  ? 154 LEU A O   1 
ATOM   1161 C CB  . LEU A 1 157 ? -3.341  -2.257  6.575   1.00 32.77  ? 154 LEU A CB  1 
ATOM   1162 C CG  . LEU A 1 157 ? -4.705  -1.636  6.933   1.00 37.07  ? 154 LEU A CG  1 
ATOM   1163 C CD1 . LEU A 1 157 ? -5.799  -2.078  5.967   1.00 36.65  ? 154 LEU A CD1 1 
ATOM   1164 C CD2 . LEU A 1 157 ? -5.095  -1.966  8.339   1.00 40.69  ? 154 LEU A CD2 1 
ATOM   1165 N N   . GLY A 1 158 ? -1.260  0.053   5.674   1.00 35.34  ? 155 GLY A N   1 
ATOM   1166 C CA  . GLY A 1 158 ? -0.784  1.440   5.681   1.00 34.53  ? 155 GLY A CA  1 
ATOM   1167 C C   . GLY A 1 158 ? -1.024  2.168   4.372   1.00 38.94  ? 155 GLY A C   1 
ATOM   1168 O O   . GLY A 1 158 ? -1.798  3.131   4.363   1.00 38.35  ? 155 GLY A O   1 
ATOM   1169 N N   . PRO A 1 159 ? -0.463  1.667   3.222   1.00 35.67  ? 156 PRO A N   1 
ATOM   1170 C CA  . PRO A 1 159 ? -0.705  2.332   1.915   1.00 35.24  ? 156 PRO A CA  1 
ATOM   1171 C C   . PRO A 1 159 ? -2.183  2.430   1.531   1.00 39.93  ? 156 PRO A C   1 
ATOM   1172 O O   . PRO A 1 159 ? -2.606  3.450   0.987   1.00 40.88  ? 156 PRO A O   1 
ATOM   1173 C CB  . PRO A 1 159 ? 0.068   1.447   0.928   1.00 36.32  ? 156 PRO A CB  1 
ATOM   1174 C CG  . PRO A 1 159 ? 1.135   0.835   1.752   1.00 39.87  ? 156 PRO A CG  1 
ATOM   1175 C CD  . PRO A 1 159 ? 0.484   0.545   3.064   1.00 35.58  ? 156 PRO A CD  1 
ATOM   1176 N N   . LYS A 1 160 ? -2.965  1.376   1.834   1.00 35.24  ? 157 LYS A N   1 
ATOM   1177 C CA  . LYS A 1 160 ? -4.407  1.310   1.562   1.00 34.32  ? 157 LYS A CA  1 
ATOM   1178 C C   . LYS A 1 160 ? -5.161  2.408   2.355   1.00 38.23  ? 157 LYS A C   1 
ATOM   1179 O O   . LYS A 1 160 ? -5.986  3.117   1.765   1.00 37.41  ? 157 LYS A O   1 
ATOM   1180 C CB  . LYS A 1 160 ? -4.951  -0.093  1.892   1.00 35.68  ? 157 LYS A CB  1 
ATOM   1181 C CG  . LYS A 1 160 ? -4.496  -1.179  0.917   1.00 38.77  ? 157 LYS A CG  1 
ATOM   1182 C CD  . LYS A 1 160 ? -4.712  -2.546  1.515   1.00 45.82  ? 157 LYS A CD  1 
ATOM   1183 C CE  . LYS A 1 160 ? -4.462  -3.669  0.548   1.00 51.28  ? 157 LYS A CE  1 
ATOM   1184 N NZ  . LYS A 1 160 ? -4.538  -4.983  1.242   1.00 60.31  ? 157 LYS A NZ  1 
ATOM   1185 N N   . LEU A 1 161 ? -4.843  2.575   3.671   1.00 33.63  ? 158 LEU A N   1 
ATOM   1186 C CA  . LEU A 1 161 ? -5.457  3.623   4.497   1.00 33.91  ? 158 LEU A CA  1 
ATOM   1187 C C   . LEU A 1 161 ? -5.045  5.029   4.030   1.00 39.33  ? 158 LEU A C   1 
ATOM   1188 O O   . LEU A 1 161 ? -5.846  5.967   4.120   1.00 38.55  ? 158 LEU A O   1 
ATOM   1189 C CB  . LEU A 1 161 ? -5.156  3.456   5.995   1.00 33.34  ? 158 LEU A CB  1 
ATOM   1190 C CG  . LEU A 1 161 ? -5.722  2.217   6.670   1.00 37.23  ? 158 LEU A CG  1 
ATOM   1191 C CD1 . LEU A 1 161 ? -5.121  2.029   8.029   1.00 37.58  ? 158 LEU A CD1 1 
ATOM   1192 C CD2 . LEU A 1 161 ? -7.246  2.261   6.763   1.00 37.25  ? 158 LEU A CD2 1 
ATOM   1193 N N   . PHE A 1 162 ? -3.810  5.161   3.509   1.00 36.63  ? 159 PHE A N   1 
ATOM   1194 C CA  . PHE A 1 162 ? -3.311  6.427   2.987   1.00 37.02  ? 159 PHE A CA  1 
ATOM   1195 C C   . PHE A 1 162 ? -4.120  6.852   1.750   1.00 42.64  ? 159 PHE A C   1 
ATOM   1196 O O   . PHE A 1 162 ? -4.598  7.986   1.697   1.00 43.05  ? 159 PHE A O   1 
ATOM   1197 C CB  . PHE A 1 162 ? -1.810  6.358   2.708   1.00 38.74  ? 159 PHE A CB  1 
ATOM   1198 C CG  . PHE A 1 162 ? -1.224  7.687   2.311   1.00 40.25  ? 159 PHE A CG  1 
ATOM   1199 C CD1 . PHE A 1 162 ? -1.044  8.698   3.252   1.00 43.11  ? 159 PHE A CD1 1 
ATOM   1200 C CD2 . PHE A 1 162 ? -0.893  7.951   0.984   1.00 41.35  ? 159 PHE A CD2 1 
ATOM   1201 C CE1 . PHE A 1 162 ? -0.536  9.943   2.871   1.00 43.61  ? 159 PHE A CE1 1 
ATOM   1202 C CE2 . PHE A 1 162 ? -0.387  9.196   0.608   1.00 43.51  ? 159 PHE A CE2 1 
ATOM   1203 C CZ  . PHE A 1 162 ? -0.205  10.180  1.554   1.00 41.45  ? 159 PHE A CZ  1 
ATOM   1204 N N   . HIS A 1 163 ? -4.340  5.922   0.812   1.00 40.16  ? 160 HIS A N   1 
ATOM   1205 C CA  . HIS A 1 163 ? -5.163  6.124   -0.381  1.00 40.76  ? 160 HIS A CA  1 
ATOM   1206 C C   . HIS A 1 163 ? -6.596  6.527   0.007   1.00 45.11  ? 160 HIS A C   1 
ATOM   1207 O O   . HIS A 1 163 ? -7.098  7.537   -0.495  1.00 44.40  ? 160 HIS A O   1 
ATOM   1208 C CB  . HIS A 1 163 ? -5.155  4.855   -1.242  1.00 41.77  ? 160 HIS A CB  1 
ATOM   1209 C CG  . HIS A 1 163 ? -4.012  4.822   -2.205  1.00 45.11  ? 160 HIS A CG  1 
ATOM   1210 N ND1 . HIS A 1 163 ? -4.202  5.095   -3.541  1.00 46.65  ? 160 HIS A ND1 1 
ATOM   1211 C CD2 . HIS A 1 163 ? -2.693  4.601   -1.982  1.00 46.63  ? 160 HIS A CD2 1 
ATOM   1212 C CE1 . HIS A 1 163 ? -3.007  5.010   -4.095  1.00 46.00  ? 160 HIS A CE1 1 
ATOM   1213 N NE2 . HIS A 1 163 ? -2.067  4.703   -3.197  1.00 46.25  ? 160 HIS A NE2 1 
ATOM   1214 N N   . LEU A 1 164 ? -7.204  5.780   0.967   1.00 40.96  ? 161 LEU A N   1 
ATOM   1215 C CA  . LEU A 1 164 ? -8.526  6.044   1.533   1.00 40.48  ? 161 LEU A CA  1 
ATOM   1216 C C   . LEU A 1 164 ? -8.585  7.496   2.042   1.00 44.85  ? 161 LEU A C   1 
ATOM   1217 O O   . LEU A 1 164 ? -9.533  8.209   1.730   1.00 45.00  ? 161 LEU A O   1 
ATOM   1218 C CB  . LEU A 1 164 ? -8.787  5.058   2.705   1.00 40.36  ? 161 LEU A CB  1 
ATOM   1219 C CG  . LEU A 1 164 ? -10.168 5.098   3.423   1.00 44.10  ? 161 LEU A CG  1 
ATOM   1220 C CD1 . LEU A 1 164 ? -10.397 3.842   4.205   1.00 43.84  ? 161 LEU A CD1 1 
ATOM   1221 C CD2 . LEU A 1 164 ? -10.295 6.286   4.389   1.00 43.33  ? 161 LEU A CD2 1 
ATOM   1222 N N   . GLN A 1 165 ? -7.579  7.917   2.831   1.00 41.89  ? 162 GLN A N   1 
ATOM   1223 C CA  . GLN A 1 165 ? -7.491  9.249   3.432   1.00 41.91  ? 162 GLN A CA  1 
ATOM   1224 C C   . GLN A 1 165 ? -7.461  10.380  2.380   1.00 45.45  ? 162 GLN A C   1 
ATOM   1225 O O   . GLN A 1 165 ? -8.253  11.316  2.455   1.00 44.50  ? 162 GLN A O   1 
ATOM   1226 C CB  . GLN A 1 165 ? -6.277  9.309   4.377   1.00 43.41  ? 162 GLN A CB  1 
ATOM   1227 C CG  . GLN A 1 165 ? -6.007  10.674  5.016   1.00 68.21  ? 162 GLN A CG  1 
ATOM   1228 C CD  . GLN A 1 165 ? -4.751  10.680  5.863   1.00 96.20  ? 162 GLN A CD  1 
ATOM   1229 O OE1 . GLN A 1 165 ? -4.714  10.120  6.968   1.00 96.11  ? 162 GLN A OE1 1 
ATOM   1230 N NE2 . GLN A 1 165 ? -3.707  11.358  5.386   1.00 84.01  ? 162 GLN A NE2 1 
ATOM   1231 N N   . VAL A 1 166 ? -6.558  10.277  1.408   1.00 42.50  ? 163 VAL A N   1 
ATOM   1232 C CA  . VAL A 1 166 ? -6.363  11.289  0.379   1.00 42.85  ? 163 VAL A CA  1 
ATOM   1233 C C   . VAL A 1 166 ? -7.532  11.330  -0.639  1.00 49.19  ? 163 VAL A C   1 
ATOM   1234 O O   . VAL A 1 166 ? -8.091  12.406  -0.863  1.00 50.63  ? 163 VAL A O   1 
ATOM   1235 C CB  . VAL A 1 166 ? -4.971  11.125  -0.284  1.00 46.25  ? 163 VAL A CB  1 
ATOM   1236 C CG1 . VAL A 1 166 ? -4.698  12.249  -1.286  1.00 45.77  ? 163 VAL A CG1 1 
ATOM   1237 C CG2 . VAL A 1 166 ? -3.866  11.060  0.779   1.00 45.76  ? 163 VAL A CG2 1 
ATOM   1238 N N   . ALA A 1 167 ? -7.931  10.173  -1.197  1.00 45.36  ? 164 ALA A N   1 
ATOM   1239 C CA  . ALA A 1 167 ? -9.010  10.097  -2.175  1.00 44.77  ? 164 ALA A CA  1 
ATOM   1240 C C   . ALA A 1 167 ? -10.387 10.461  -1.622  1.00 48.37  ? 164 ALA A C   1 
ATOM   1241 O O   . ALA A 1 167 ? -11.159 11.124  -2.325  1.00 48.52  ? 164 ALA A O   1 
ATOM   1242 C CB  . ALA A 1 167 ? -9.038  8.730   -2.840  1.00 45.43  ? 164 ALA A CB  1 
ATOM   1243 N N   . LEU A 1 168 ? -10.706 10.058  -0.376  1.00 43.15  ? 165 LEU A N   1 
ATOM   1244 C CA  . LEU A 1 168 ? -12.026 10.378  0.178   1.00 42.02  ? 165 LEU A CA  1 
ATOM   1245 C C   . LEU A 1 168 ? -12.128 11.825  0.633   1.00 47.09  ? 165 LEU A C   1 
ATOM   1246 O O   . LEU A 1 168 ? -13.211 12.406  0.564   1.00 48.06  ? 165 LEU A O   1 
ATOM   1247 C CB  . LEU A 1 168 ? -12.485 9.394   1.274   1.00 41.36  ? 165 LEU A CB  1 
ATOM   1248 C CG  . LEU A 1 168 ? -12.827 7.974   0.786   1.00 45.19  ? 165 LEU A CG  1 
ATOM   1249 C CD1 . LEU A 1 168 ? -13.181 7.071   1.942   1.00 44.62  ? 165 LEU A CD1 1 
ATOM   1250 C CD2 . LEU A 1 168 ? -13.949 7.984   -0.293  1.00 45.97  ? 165 LEU A CD2 1 
ATOM   1251 N N   . GLU A 1 169 ? -11.018 12.419  1.081   1.00 43.29  ? 166 GLU A N   1 
ATOM   1252 C CA  . GLU A 1 169 ? -11.057 13.817  1.445   1.00 43.83  ? 166 GLU A CA  1 
ATOM   1253 C C   . GLU A 1 169 ? -11.246 14.634  0.163   1.00 48.59  ? 166 GLU A C   1 
ATOM   1254 O O   . GLU A 1 169 ? -12.205 15.392  0.080   1.00 48.07  ? 166 GLU A O   1 
ATOM   1255 C CB  . GLU A 1 169 ? -9.836  14.229  2.310   1.00 45.41  ? 166 GLU A CB  1 
ATOM   1256 C CG  . GLU A 1 169 ? -9.217  15.611  2.078   1.00 60.68  ? 166 GLU A CG  1 
ATOM   1257 C CD  . GLU A 1 169 ? -10.066 16.866  2.214   1.00 97.30  ? 166 GLU A CD  1 
ATOM   1258 O OE1 . GLU A 1 169 ? -10.892 16.945  3.153   1.00 97.38  ? 166 GLU A OE1 1 
ATOM   1259 O OE2 . GLU A 1 169 ? -9.872  17.791  1.391   1.00 100.49 ? 166 GLU A OE2 1 
ATOM   1260 N N   . HIS A 1 170 ? -10.411 14.399  -0.864  1.00 45.81  ? 167 HIS A N   1 
ATOM   1261 C CA  . HIS A 1 170 ? -10.487 15.138  -2.121  1.00 45.63  ? 167 HIS A CA  1 
ATOM   1262 C C   . HIS A 1 170 ? -11.848 15.020  -2.843  1.00 48.18  ? 167 HIS A C   1 
ATOM   1263 O O   . HIS A 1 170 ? -12.487 16.037  -3.101  1.00 47.80  ? 167 HIS A O   1 
ATOM   1264 C CB  . HIS A 1 170 ? -9.327  14.737  -3.040  1.00 46.72  ? 167 HIS A CB  1 
ATOM   1265 C CG  . HIS A 1 170 ? -9.303  15.494  -4.329  1.00 50.22  ? 167 HIS A CG  1 
ATOM   1266 N ND1 . HIS A 1 170 ? -8.544  16.640  -4.475  1.00 51.79  ? 167 HIS A ND1 1 
ATOM   1267 C CD2 . HIS A 1 170 ? -9.978  15.262  -5.480  1.00 51.87  ? 167 HIS A CD2 1 
ATOM   1268 C CE1 . HIS A 1 170 ? -8.757  17.046  -5.712  1.00 51.16  ? 167 HIS A CE1 1 
ATOM   1269 N NE2 . HIS A 1 170 ? -9.627  16.257  -6.347  1.00 51.52  ? 167 HIS A NE2 1 
ATOM   1270 N N   . PHE A 1 171 ? -12.280 13.795  -3.157  1.00 44.13  ? 168 PHE A N   1 
ATOM   1271 C CA  . PHE A 1 171 ? -13.501 13.540  -3.916  1.00 43.39  ? 168 PHE A CA  1 
ATOM   1272 C C   . PHE A 1 171 ? -14.808 13.618  -3.105  1.00 48.65  ? 168 PHE A C   1 
ATOM   1273 O O   . PHE A 1 171 ? -15.844 13.935  -3.695  1.00 47.92  ? 168 PHE A O   1 
ATOM   1274 C CB  . PHE A 1 171 ? -13.399 12.191  -4.664  1.00 44.63  ? 168 PHE A CB  1 
ATOM   1275 C CG  . PHE A 1 171 ? -12.287 12.127  -5.699  1.00 46.11  ? 168 PHE A CG  1 
ATOM   1276 C CD1 . PHE A 1 171 ? -12.494 12.580  -7.000  1.00 48.63  ? 168 PHE A CD1 1 
ATOM   1277 C CD2 . PHE A 1 171 ? -11.036 11.609  -5.372  1.00 48.03  ? 168 PHE A CD2 1 
ATOM   1278 C CE1 . PHE A 1 171 ? -11.470 12.511  -7.956  1.00 49.00  ? 168 PHE A CE1 1 
ATOM   1279 C CE2 . PHE A 1 171 ? -10.012 11.543  -6.327  1.00 50.43  ? 168 PHE A CE2 1 
ATOM   1280 C CZ  . PHE A 1 171 ? -10.236 11.997  -7.610  1.00 48.39  ? 168 PHE A CZ  1 
ATOM   1281 N N   . LYS A 1 172 ? -14.789 13.338  -1.782  1.00 46.61  ? 169 LYS A N   1 
ATOM   1282 C CA  . LYS A 1 172 ? -16.035 13.341  -0.995  1.00 47.07  ? 169 LYS A CA  1 
ATOM   1283 C C   . LYS A 1 172 ? -16.105 14.323  0.172   1.00 51.51  ? 169 LYS A C   1 
ATOM   1284 O O   . LYS A 1 172 ? -17.207 14.613  0.649   1.00 51.51  ? 169 LYS A O   1 
ATOM   1285 C CB  . LYS A 1 172 ? -16.352 11.929  -0.456  1.00 50.29  ? 169 LYS A CB  1 
ATOM   1286 C CG  . LYS A 1 172 ? -16.462 10.832  -1.515  1.00 63.62  ? 169 LYS A CG  1 
ATOM   1287 C CD  . LYS A 1 172 ? -17.855 10.250  -1.599  1.00 68.75  ? 169 LYS A CD  1 
ATOM   1288 C CE  . LYS A 1 172 ? -18.093 9.673   -2.972  1.00 77.70  ? 169 LYS A CE  1 
ATOM   1289 N NZ  . LYS A 1 172 ? -19.520 9.334   -3.183  1.00 83.52  ? 169 LYS A NZ  1 
ATOM   1290 N N   . GLY A 1 173 ? -14.950 14.781  0.655   1.00 48.14  ? 170 GLY A N   1 
ATOM   1291 C CA  . GLY A 1 173 ? -14.863 15.608  1.858   1.00 47.36  ? 170 GLY A CA  1 
ATOM   1292 C C   . GLY A 1 173 ? -15.001 14.718  3.089   1.00 50.41  ? 170 GLY A C   1 
ATOM   1293 O O   . GLY A 1 173 ? -15.388 15.183  4.167   1.00 50.48  ? 170 GLY A O   1 
ATOM   1294 N N   . TRP A 1 174 ? -14.722 13.397  2.906   1.00 45.31  ? 171 TRP A N   1 
ATOM   1295 C CA  . TRP A 1 174 ? -14.833 12.361  3.930   1.00 44.05  ? 171 TRP A CA  1 
ATOM   1296 C C   . TRP A 1 174 ? -13.464 12.037  4.489   1.00 48.32  ? 171 TRP A C   1 
ATOM   1297 O O   . TRP A 1 174 ? -12.495 11.899  3.743   1.00 46.69  ? 171 TRP A O   1 
ATOM   1298 C CB  . TRP A 1 174 ? -15.502 11.089  3.369   1.00 41.68  ? 171 TRP A CB  1 
ATOM   1299 C CG  . TRP A 1 174 ? -16.082 10.176  4.412   1.00 41.92  ? 171 TRP A CG  1 
ATOM   1300 C CD1 . TRP A 1 174 ? -17.370 10.164  4.866   1.00 44.79  ? 171 TRP A CD1 1 
ATOM   1301 C CD2 . TRP A 1 174 ? -15.403 9.117   5.107   1.00 41.37  ? 171 TRP A CD2 1 
ATOM   1302 N NE1 . TRP A 1 174 ? -17.534 9.179   5.817   1.00 43.86  ? 171 TRP A NE1 1 
ATOM   1303 C CE2 . TRP A 1 174 ? -16.346 8.510   5.974   1.00 45.18  ? 171 TRP A CE2 1 
ATOM   1304 C CE3 . TRP A 1 174 ? -14.082 8.630   5.098   1.00 42.28  ? 171 TRP A CE3 1 
ATOM   1305 C CZ2 . TRP A 1 174 ? -16.016 7.431   6.805   1.00 44.03  ? 171 TRP A CZ2 1 
ATOM   1306 C CZ3 . TRP A 1 174 ? -13.763 7.548   5.905   1.00 43.64  ? 171 TRP A CZ3 1 
ATOM   1307 C CH2 . TRP A 1 174 ? -14.722 6.959   6.745   1.00 44.21  ? 171 TRP A CH2 1 
ATOM   1308 N N   . LYS A 1 175 ? -13.396 11.925  5.820   1.00 45.87  ? 172 LYS A N   1 
ATOM   1309 C CA  . LYS A 1 175 ? -12.177 11.591  6.557   1.00 45.43  ? 172 LYS A CA  1 
ATOM   1310 C C   . LYS A 1 175 ? -12.508 10.472  7.541   1.00 46.65  ? 172 LYS A C   1 
ATOM   1311 O O   . LYS A 1 175 ? -13.646 10.399  8.008   1.00 45.61  ? 172 LYS A O   1 
ATOM   1312 C CB  . LYS A 1 175 ? -11.684 12.818  7.348   1.00 48.76  ? 172 LYS A CB  1 
ATOM   1313 C CG  . LYS A 1 175 ? -11.208 13.997  6.507   1.00 64.13  ? 172 LYS A CG  1 
ATOM   1314 C CD  . LYS A 1 175 ? -11.237 15.280  7.320   1.00 70.14  ? 172 LYS A CD  1 
ATOM   1315 C CE  . LYS A 1 175 ? -10.742 16.468  6.540   1.00 78.65  ? 172 LYS A CE  1 
ATOM   1316 N NZ  . LYS A 1 175 ? -10.555 17.656  7.413   1.00 85.93  ? 172 LYS A NZ  1 
ATOM   1317 N N   . ILE A 1 176 ? -11.520 9.606   7.870   1.00 42.38  ? 173 ILE A N   1 
ATOM   1318 C CA  . ILE A 1 176 ? -11.704 8.582   8.901   1.00 41.52  ? 173 ILE A CA  1 
ATOM   1319 C C   . ILE A 1 176 ? -12.152 9.371   10.155  1.00 46.77  ? 173 ILE A C   1 
ATOM   1320 O O   . ILE A 1 176 ? -11.466 10.335  10.521  1.00 46.82  ? 173 ILE A O   1 
ATOM   1321 C CB  . ILE A 1 176 ? -10.417 7.745   9.166   1.00 43.43  ? 173 ILE A CB  1 
ATOM   1322 C CG1 . ILE A 1 176 ? -10.123 6.797   7.979   1.00 42.73  ? 173 ILE A CG1 1 
ATOM   1323 C CG2 . ILE A 1 176 ? -10.551 6.939   10.484  1.00 43.84  ? 173 ILE A CG2 1 
ATOM   1324 C CD1 . ILE A 1 176 ? -8.685  6.261   7.886   1.00 35.26  ? 173 ILE A CD1 1 
ATOM   1325 N N   . PRO A 1 177 ? -13.340 9.075   10.742  1.00 43.29  ? 174 PRO A N   1 
ATOM   1326 C CA  . PRO A 1 177 ? -13.796 9.859   11.910  1.00 43.63  ? 174 PRO A CA  1 
ATOM   1327 C C   . PRO A 1 177 ? -12.804 9.842   13.085  1.00 47.63  ? 174 PRO A C   1 
ATOM   1328 O O   . PRO A 1 177 ? -12.176 8.813   13.326  1.00 47.61  ? 174 PRO A O   1 
ATOM   1329 C CB  . PRO A 1 177 ? -15.163 9.247   12.237  1.00 45.27  ? 174 PRO A CB  1 
ATOM   1330 C CG  . PRO A 1 177 ? -15.112 7.882   11.653  1.00 49.09  ? 174 PRO A CG  1 
ATOM   1331 C CD  . PRO A 1 177 ? -14.307 8.014   10.400  1.00 44.56  ? 174 PRO A CD  1 
ATOM   1332 N N   . GLU A 1 178 ? -12.611 11.001  13.760  1.00 43.52  ? 175 GLU A N   1 
ATOM   1333 C CA  . GLU A 1 178 ? -11.650 11.146  14.870  1.00 43.37  ? 175 GLU A CA  1 
ATOM   1334 C C   . GLU A 1 178 ? -12.028 10.379  16.148  1.00 46.10  ? 175 GLU A C   1 
ATOM   1335 O O   . GLU A 1 178 ? -11.158 10.177  17.000  1.00 45.15  ? 175 GLU A O   1 
ATOM   1336 C CB  . GLU A 1 178 ? -11.344 12.617  15.201  1.00 44.72  ? 175 GLU A CB  1 
ATOM   1337 C CG  . GLU A 1 178 ? -10.726 13.411  14.057  1.00 53.95  ? 175 GLU A CG  1 
ATOM   1338 C CD  . GLU A 1 178 ? -9.309  13.105  13.609  1.00 67.62  ? 175 GLU A CD  1 
ATOM   1339 O OE1 . GLU A 1 178 ? -8.982  13.445  12.447  1.00 66.94  ? 175 GLU A OE1 1 
ATOM   1340 O OE2 . GLU A 1 178 ? -8.511  12.587  14.423  1.00 58.50  ? 175 GLU A OE2 1 
ATOM   1341 N N   . ASN A 1 179 ? -13.288 9.899   16.264  1.00 42.58  ? 176 ASN A N   1 
ATOM   1342 C CA  . ASN A 1 179 ? -13.697 9.079   17.416  1.00 42.21  ? 176 ASN A CA  1 
ATOM   1343 C C   . ASN A 1 179 ? -13.088 7.654   17.316  1.00 45.48  ? 176 ASN A C   1 
ATOM   1344 O O   . ASN A 1 179 ? -13.161 6.863   18.258  1.00 44.56  ? 176 ASN A O   1 
ATOM   1345 C CB  . ASN A 1 179 ? -15.213 9.065   17.612  1.00 38.16  ? 176 ASN A CB  1 
ATOM   1346 C CG  . ASN A 1 179 ? -15.985 8.582   16.428  1.00 51.29  ? 176 ASN A CG  1 
ATOM   1347 O OD1 . ASN A 1 179 ? -15.965 9.191   15.353  1.00 45.88  ? 176 ASN A OD1 1 
ATOM   1348 N ND2 . ASN A 1 179 ? -16.720 7.501   16.624  1.00 40.43  ? 176 ASN A ND2 1 
ATOM   1349 N N   . LEU A 1 180 ? -12.451 7.363   16.176  1.00 41.71  ? 177 LEU A N   1 
ATOM   1350 C CA  . LEU A 1 180 ? -11.712 6.129   15.956  1.00 41.66  ? 177 LEU A CA  1 
ATOM   1351 C C   . LEU A 1 180 ? -10.255 6.461   16.296  1.00 45.73  ? 177 LEU A C   1 
ATOM   1352 O O   . LEU A 1 180 ? -9.418  6.658   15.423  1.00 44.58  ? 177 LEU A O   1 
ATOM   1353 C CB  . LEU A 1 180 ? -11.879 5.629   14.519  1.00 41.28  ? 177 LEU A CB  1 
ATOM   1354 C CG  . LEU A 1 180 ? -13.303 5.245   14.097  1.00 44.61  ? 177 LEU A CG  1 
ATOM   1355 C CD1 . LEU A 1 180 ? -13.296 4.664   12.699  1.00 43.79  ? 177 LEU A CD1 1 
ATOM   1356 C CD2 . LEU A 1 180 ? -13.973 4.295   15.115  1.00 44.78  ? 177 LEU A CD2 1 
ATOM   1357 N N   . THR A 1 181 ? -10.004 6.591   17.606  1.00 43.01  ? 178 THR A N   1 
ATOM   1358 C CA  . THR A 1 181 ? -8.746  7.007   18.225  1.00 42.25  ? 178 THR A CA  1 
ATOM   1359 C C   . THR A 1 181 ? -7.597  6.063   17.936  1.00 44.29  ? 178 THR A C   1 
ATOM   1360 O O   . THR A 1 181 ? -6.478  6.530   17.702  1.00 43.94  ? 178 THR A O   1 
ATOM   1361 C CB  . THR A 1 181 ? -8.949  7.246   19.730  1.00 48.51  ? 178 THR A CB  1 
ATOM   1362 O OG1 . THR A 1 181 ? -9.663  6.143   20.301  1.00 50.23  ? 178 THR A OG1 1 
ATOM   1363 C CG2 . THR A 1 181 ? -9.691  8.548   20.002  1.00 44.65  ? 178 THR A CG2 1 
ATOM   1364 N N   . SER A 1 182 ? -7.868  4.750   17.943  1.00 39.68  ? 179 SER A N   1 
ATOM   1365 C CA  . SER A 1 182 ? -6.852  3.743   17.677  1.00 39.46  ? 179 SER A CA  1 
ATOM   1366 C C   . SER A 1 182 ? -6.436  3.711   16.195  1.00 42.95  ? 179 SER A C   1 
ATOM   1367 O O   . SER A 1 182 ? -5.240  3.639   15.918  1.00 42.34  ? 179 SER A O   1 
ATOM   1368 C CB  . SER A 1 182 ? -7.279  2.385   18.212  1.00 43.10  ? 179 SER A CB  1 
ATOM   1369 O OG  . SER A 1 182 ? -7.252  2.411   19.634  1.00 52.08  ? 179 SER A OG  1 
ATOM   1370 N N   . VAL A 1 183 ? -7.391  3.903   15.261  1.00 39.00  ? 180 VAL A N   1 
ATOM   1371 C CA  . VAL A 1 183 ? -7.089  3.998   13.825  1.00 38.18  ? 180 VAL A CA  1 
ATOM   1372 C C   . VAL A 1 183 ? -6.210  5.232   13.594  1.00 43.25  ? 180 VAL A C   1 
ATOM   1373 O O   . VAL A 1 183 ? -5.227  5.147   12.857  1.00 44.28  ? 180 VAL A O   1 
ATOM   1374 C CB  . VAL A 1 183 ? -8.354  4.009   12.912  1.00 40.65  ? 180 VAL A CB  1 
ATOM   1375 C CG1 . VAL A 1 183 ? -7.975  4.182   11.435  1.00 40.23  ? 180 VAL A CG1 1 
ATOM   1376 C CG2 . VAL A 1 183 ? -9.162  2.737   13.085  1.00 40.11  ? 180 VAL A CG2 1 
ATOM   1377 N N   . HIS A 1 184 ? -6.538  6.350   14.260  1.00 39.23  ? 181 HIS A N   1 
ATOM   1378 C CA  . HIS A 1 184 ? -5.812  7.604   14.130  1.00 39.70  ? 181 HIS A CA  1 
ATOM   1379 C C   . HIS A 1 184 ? -4.398  7.563   14.693  1.00 42.82  ? 181 HIS A C   1 
ATOM   1380 O O   . HIS A 1 184 ? -3.487  8.010   13.997  1.00 42.90  ? 181 HIS A O   1 
ATOM   1381 C CB  . HIS A 1 184 ? -6.617  8.781   14.684  1.00 41.13  ? 181 HIS A CB  1 
ATOM   1382 C CG  . HIS A 1 184 ? -7.533  9.330   13.635  1.00 44.80  ? 181 HIS A CG  1 
ATOM   1383 N ND1 . HIS A 1 184 ? -7.041  10.075  12.563  1.00 46.69  ? 181 HIS A ND1 1 
ATOM   1384 C CD2 . HIS A 1 184 ? -8.857  9.117   13.448  1.00 46.63  ? 181 HIS A CD2 1 
ATOM   1385 C CE1 . HIS A 1 184 ? -8.088  10.331  11.796  1.00 46.12  ? 181 HIS A CE1 1 
ATOM   1386 N NE2 . HIS A 1 184 ? -9.204  9.777   12.290  1.00 46.64  ? 181 HIS A NE2 1 
ATOM   1387 N N   . ALA A 1 185 ? -4.191  6.979   15.899  1.00 37.65  ? 182 ALA A N   1 
ATOM   1388 C CA  . ALA A 1 185 ? -2.851  6.806   16.475  1.00 36.12  ? 182 ALA A CA  1 
ATOM   1389 C C   . ALA A 1 185 ? -2.022  5.908   15.546  1.00 41.65  ? 182 ALA A C   1 
ATOM   1390 O O   . ALA A 1 185 ? -0.840  6.157   15.353  1.00 43.00  ? 182 ALA A O   1 
ATOM   1391 C CB  . ALA A 1 185 ? -2.947  6.173   17.853  1.00 36.26  ? 182 ALA A CB  1 
ATOM   1392 N N   . TYR A 1 186 ? -2.675  4.910   14.924  1.00 38.19  ? 183 TYR A N   1 
ATOM   1393 C CA  . TYR A 1 186 ? -2.101  3.942   14.000  1.00 37.97  ? 183 TYR A CA  1 
ATOM   1394 C C   . TYR A 1 186 ? -1.622  4.607   12.723  1.00 41.05  ? 183 TYR A C   1 
ATOM   1395 O O   . TYR A 1 186 ? -0.460  4.435   12.355  1.00 40.91  ? 183 TYR A O   1 
ATOM   1396 C CB  . TYR A 1 186 ? -3.127  2.826   13.725  1.00 39.67  ? 183 TYR A CB  1 
ATOM   1397 C CG  . TYR A 1 186 ? -2.697  1.752   12.755  1.00 41.76  ? 183 TYR A CG  1 
ATOM   1398 C CD1 . TYR A 1 186 ? -1.755  0.797   13.117  1.00 43.75  ? 183 TYR A CD1 1 
ATOM   1399 C CD2 . TYR A 1 186 ? -3.297  1.636   11.503  1.00 42.46  ? 183 TYR A CD2 1 
ATOM   1400 C CE1 . TYR A 1 186 ? -1.386  -0.224  12.243  1.00 44.58  ? 183 TYR A CE1 1 
ATOM   1401 C CE2 . TYR A 1 186 ? -2.934  0.620   10.620  1.00 43.31  ? 183 TYR A CE2 1 
ATOM   1402 C CZ  . TYR A 1 186 ? -1.993  -0.319  11.003  1.00 48.42  ? 183 TYR A CZ  1 
ATOM   1403 O OH  . TYR A 1 186 ? -1.606  -1.303  10.134  1.00 46.72  ? 183 TYR A OH  1 
ATOM   1404 N N   . THR A 1 187 ? -2.486  5.403   12.074  1.00 37.30  ? 184 THR A N   1 
ATOM   1405 C CA  . THR A 1 187 ? -2.126  6.112   10.844  1.00 36.90  ? 184 THR A CA  1 
ATOM   1406 C C   . THR A 1 187 ? -1.112  7.239   11.156  1.00 42.54  ? 184 THR A C   1 
ATOM   1407 O O   . THR A 1 187 ? -0.148  7.394   10.405  1.00 42.16  ? 184 THR A O   1 
ATOM   1408 C CB  . THR A 1 187 ? -3.373  6.540   10.070  1.00 41.76  ? 184 THR A CB  1 
ATOM   1409 O OG1 . THR A 1 187 ? -4.200  7.355   10.894  1.00 48.03  ? 184 THR A OG1 1 
ATOM   1410 C CG2 . THR A 1 187 ? -4.178  5.346   9.562   1.00 33.49  ? 184 THR A CG2 1 
ATOM   1411 N N   . LYS A 1 188 ? -1.258  7.934   12.312  1.00 39.79  ? 185 LYS A N   1 
ATOM   1412 C CA  . LYS A 1 188 ? -0.308  8.964   12.765  1.00 39.86  ? 185 LYS A CA  1 
ATOM   1413 C C   . LYS A 1 188 ? 1.083   8.351   12.943  1.00 45.56  ? 185 LYS A C   1 
ATOM   1414 O O   . LYS A 1 188 ? 2.062   8.923   12.455  1.00 46.93  ? 185 LYS A O   1 
ATOM   1415 C CB  . LYS A 1 188 ? -0.784  9.648   14.072  1.00 41.66  ? 185 LYS A CB  1 
ATOM   1416 C CG  . LYS A 1 188 ? 0.292   10.438  14.810  1.00 46.17  ? 185 LYS A CG  1 
ATOM   1417 C CD  . LYS A 1 188 ? -0.215  11.736  15.416  1.00 55.11  ? 185 LYS A CD  1 
ATOM   1418 C CE  . LYS A 1 188 ? 0.913   12.501  16.076  1.00 69.68  ? 185 LYS A CE  1 
ATOM   1419 N NZ  . LYS A 1 188 ? 0.463   13.809  16.627  1.00 81.90  ? 185 LYS A NZ  1 
ATOM   1420 N N   . ALA A 1 189 ? 1.155   7.166   13.594  1.00 40.64  ? 186 ALA A N   1 
ATOM   1421 C CA  . ALA A 1 189 ? 2.416   6.475   13.826  1.00 39.92  ? 186 ALA A CA  1 
ATOM   1422 C C   . ALA A 1 189 ? 3.015   5.933   12.525  1.00 45.23  ? 186 ALA A C   1 
ATOM   1423 O O   . ALA A 1 189 ? 4.176   6.214   12.233  1.00 46.78  ? 186 ALA A O   1 
ATOM   1424 C CB  . ALA A 1 189 ? 2.228   5.360   14.840  1.00 40.21  ? 186 ALA A CB  1 
ATOM   1425 N N   . LEU A 1 190 ? 2.218   5.200   11.738  1.00 40.88  ? 187 LEU A N   1 
ATOM   1426 C CA  . LEU A 1 190 ? 2.627   4.576   10.477  1.00 40.90  ? 187 LEU A CA  1 
ATOM   1427 C C   . LEU A 1 190 ? 3.069   5.562   9.392   1.00 44.15  ? 187 LEU A C   1 
ATOM   1428 O O   . LEU A 1 190 ? 4.065   5.315   8.711   1.00 42.99  ? 187 LEU A O   1 
ATOM   1429 C CB  . LEU A 1 190 ? 1.460   3.752   9.916   1.00 41.06  ? 187 LEU A CB  1 
ATOM   1430 C CG  . LEU A 1 190 ? 1.560   2.261   9.903   1.00 46.62  ? 187 LEU A CG  1 
ATOM   1431 C CD1 . LEU A 1 190 ? 0.344   1.691   9.201   1.00 47.21  ? 187 LEU A CD1 1 
ATOM   1432 C CD2 . LEU A 1 190 ? 2.803   1.790   9.149   1.00 50.83  ? 187 LEU A CD2 1 
ATOM   1433 N N   . PHE A 1 191 ? 2.282   6.628   9.170   1.00 40.63  ? 188 PHE A N   1 
ATOM   1434 C CA  . PHE A 1 191 ? 2.572   7.595   8.110   1.00 40.27  ? 188 PHE A CA  1 
ATOM   1435 C C   . PHE A 1 191 ? 3.802   8.465   8.386   1.00 47.25  ? 188 PHE A C   1 
ATOM   1436 O O   . PHE A 1 191 ? 4.384   8.996   7.438   1.00 47.67  ? 188 PHE A O   1 
ATOM   1437 C CB  . PHE A 1 191 ? 1.338   8.472   7.794   1.00 40.39  ? 188 PHE A CB  1 
ATOM   1438 C CG  . PHE A 1 191 ? 0.086   7.774   7.312   1.00 39.90  ? 188 PHE A CG  1 
ATOM   1439 C CD1 . PHE A 1 191 ? 0.117   6.441   6.914   1.00 41.76  ? 188 PHE A CD1 1 
ATOM   1440 C CD2 . PHE A 1 191 ? -1.127  8.445   7.268   1.00 40.20  ? 188 PHE A CD2 1 
ATOM   1441 C CE1 . PHE A 1 191 ? -1.045  5.795   6.487   1.00 42.36  ? 188 PHE A CE1 1 
ATOM   1442 C CE2 . PHE A 1 191 ? -2.286  7.798   6.841   1.00 42.61  ? 188 PHE A CE2 1 
ATOM   1443 C CZ  . PHE A 1 191 ? -2.239  6.478   6.457   1.00 40.65  ? 188 PHE A CZ  1 
ATOM   1444 N N   . SER A 1 192 ? 4.165   8.636   9.676   1.00 45.05  ? 189 SER A N   1 
ATOM   1445 C CA  . SER A 1 192 ? 5.300   9.459   10.127  1.00 45.38  ? 189 SER A CA  1 
ATOM   1446 C C   . SER A 1 192 ? 6.640   8.705   10.091  1.00 49.88  ? 189 SER A C   1 
ATOM   1447 O O   . SER A 1 192 ? 7.697   9.340   10.185  1.00 50.51  ? 189 SER A O   1 
ATOM   1448 C CB  . SER A 1 192 ? 5.030   10.055  11.509  1.00 48.20  ? 189 SER A CB  1 
ATOM   1449 O OG  . SER A 1 192 ? 4.791   9.041   12.469  1.00 59.23  ? 189 SER A OG  1 
ATOM   1450 N N   . ARG A 1 193 ? 6.590   7.360   9.918   1.00 44.74  ? 190 ARG A N   1 
ATOM   1451 C CA  . ARG A 1 193 ? 7.752   6.478   9.783   1.00 43.18  ? 190 ARG A CA  1 
ATOM   1452 C C   . ARG A 1 193 ? 8.581   6.905   8.585   1.00 47.85  ? 190 ARG A C   1 
ATOM   1453 O O   . ARG A 1 193 ? 8.021   7.266   7.545   1.00 46.72  ? 190 ARG A O   1 
ATOM   1454 C CB  . ARG A 1 193 ? 7.308   5.036   9.557   1.00 38.96  ? 190 ARG A CB  1 
ATOM   1455 C CG  . ARG A 1 193 ? 6.909   4.322   10.805  1.00 42.64  ? 190 ARG A CG  1 
ATOM   1456 C CD  . ARG A 1 193 ? 6.690   2.848   10.516  1.00 44.83  ? 190 ARG A CD  1 
ATOM   1457 N NE  . ARG A 1 193 ? 7.895   2.026   10.666  1.00 43.14  ? 190 ARG A NE  1 
ATOM   1458 C CZ  . ARG A 1 193 ? 8.374   1.588   11.829  1.00 52.38  ? 190 ARG A CZ  1 
ATOM   1459 N NH1 . ARG A 1 193 ? 7.791   1.935   12.969  1.00 50.66  ? 190 ARG A NH1 1 
ATOM   1460 N NH2 . ARG A 1 193 ? 9.445   0.816   11.861  1.00 31.83  ? 190 ARG A NH2 1 
ATOM   1461 N N   . GLU A 1 194 ? 9.914   6.849   8.738   1.00 45.81  ? 191 GLU A N   1 
ATOM   1462 C CA  . GLU A 1 194 ? 10.922  7.224   7.744   1.00 46.06  ? 191 GLU A CA  1 
ATOM   1463 C C   . GLU A 1 194 ? 10.673  6.512   6.407   1.00 48.51  ? 191 GLU A C   1 
ATOM   1464 O O   . GLU A 1 194 ? 10.754  7.154   5.356   1.00 48.84  ? 191 GLU A O   1 
ATOM   1465 C CB  . GLU A 1 194 ? 12.332  6.916   8.297   1.00 48.07  ? 191 GLU A CB  1 
ATOM   1466 C CG  . GLU A 1 194 ? 13.487  7.656   7.632   1.00 63.60  ? 191 GLU A CG  1 
ATOM   1467 C CD  . GLU A 1 194 ? 14.823  6.931   7.642   1.00 89.71  ? 191 GLU A CD  1 
ATOM   1468 O OE1 . GLU A 1 194 ? 15.197  6.364   8.697   1.00 79.69  ? 191 GLU A OE1 1 
ATOM   1469 O OE2 . GLU A 1 194 ? 15.507  6.943   6.591   1.00 85.76  ? 191 GLU A OE2 1 
ATOM   1470 N N   . SER A 1 195 ? 10.321  5.202   6.455   1.00 43.40  ? 192 SER A N   1 
ATOM   1471 C CA  . SER A 1 195 ? 10.011  4.379   5.278   1.00 42.04  ? 192 SER A CA  1 
ATOM   1472 C C   . SER A 1 195 ? 8.734   4.853   4.551   1.00 45.22  ? 192 SER A C   1 
ATOM   1473 O O   . SER A 1 195 ? 8.738   4.917   3.321   1.00 44.94  ? 192 SER A O   1 
ATOM   1474 C CB  . SER A 1 195 ? 9.901   2.907   5.660   1.00 44.68  ? 192 SER A CB  1 
ATOM   1475 O OG  . SER A 1 195 ? 8.914   2.693   6.655   1.00 50.02  ? 192 SER A OG  1 
ATOM   1476 N N   . PHE A 1 196 ? 7.663   5.204   5.299   1.00 41.01  ? 193 PHE A N   1 
ATOM   1477 C CA  . PHE A 1 196 ? 6.413   5.674   4.703   1.00 41.58  ? 193 PHE A CA  1 
ATOM   1478 C C   . PHE A 1 196 ? 6.569   7.021   4.004   1.00 47.32  ? 193 PHE A C   1 
ATOM   1479 O O   . PHE A 1 196 ? 6.191   7.144   2.843   1.00 47.55  ? 193 PHE A O   1 
ATOM   1480 C CB  . PHE A 1 196 ? 5.265   5.718   5.724   1.00 43.48  ? 193 PHE A CB  1 
ATOM   1481 C CG  . PHE A 1 196 ? 3.909   5.538   5.082   1.00 45.19  ? 193 PHE A CG  1 
ATOM   1482 C CD1 . PHE A 1 196 ? 3.226   6.628   4.535   1.00 48.44  ? 193 PHE A CD1 1 
ATOM   1483 C CD2 . PHE A 1 196 ? 3.316   4.277   5.009   1.00 46.61  ? 193 PHE A CD2 1 
ATOM   1484 C CE1 . PHE A 1 196 ? 1.981   6.453   3.913   1.00 48.93  ? 193 PHE A CE1 1 
ATOM   1485 C CE2 . PHE A 1 196 ? 2.079   4.105   4.386   1.00 49.23  ? 193 PHE A CE2 1 
ATOM   1486 C CZ  . PHE A 1 196 ? 1.425   5.192   3.830   1.00 47.63  ? 193 PHE A CZ  1 
ATOM   1487 N N   . VAL A 1 197 ? 7.154   8.008   4.704   1.00 44.44  ? 194 VAL A N   1 
ATOM   1488 C CA  . VAL A 1 197 ? 7.413   9.377   4.241   1.00 44.68  ? 194 VAL A CA  1 
ATOM   1489 C C   . VAL A 1 197 ? 8.177   9.350   2.909   1.00 49.52  ? 194 VAL A C   1 
ATOM   1490 O O   . VAL A 1 197 ? 7.828   10.065  1.965   1.00 49.65  ? 194 VAL A O   1 
ATOM   1491 C CB  . VAL A 1 197 ? 8.152   10.183  5.355   1.00 48.44  ? 194 VAL A CB  1 
ATOM   1492 C CG1 . VAL A 1 197 ? 8.728   11.497  4.832   1.00 48.01  ? 194 VAL A CG1 1 
ATOM   1493 C CG2 . VAL A 1 197 ? 7.228   10.438  6.548   1.00 48.17  ? 194 VAL A CG2 1 
ATOM   1494 N N   . LYS A 1 198 ? 9.179   8.476   2.838   1.00 45.67  ? 195 LYS A N   1 
ATOM   1495 C CA  . LYS A 1 198 ? 10.017  8.276   1.674   1.00 45.24  ? 195 LYS A CA  1 
ATOM   1496 C C   . LYS A 1 198 ? 9.242   7.701   0.480   1.00 50.41  ? 195 LYS A C   1 
ATOM   1497 O O   . LYS A 1 198 ? 9.282   8.297   -0.593  1.00 51.51  ? 195 LYS A O   1 
ATOM   1498 C CB  . LYS A 1 198 ? 11.212  7.379   2.057   1.00 47.03  ? 195 LYS A CB  1 
ATOM   1499 C CG  . LYS A 1 198 ? 12.233  7.191   0.958   1.00 49.65  ? 195 LYS A CG  1 
ATOM   1500 C CD  . LYS A 1 198 ? 13.327  6.273   1.415   1.00 51.28  ? 195 LYS A CD  1 
ATOM   1501 C CE  . LYS A 1 198 ? 14.442  6.202   0.408   1.00 49.01  ? 195 LYS A CE  1 
ATOM   1502 N NZ  . LYS A 1 198 ? 15.654  5.595   1.003   1.00 53.67  ? 195 LYS A NZ  1 
ATOM   1503 N N   . THR A 1 199 ? 8.528   6.567   0.677   1.00 46.24  ? 196 THR A N   1 
ATOM   1504 C CA  . THR A 1 199 ? 7.829   5.785   -0.356  1.00 44.75  ? 196 THR A CA  1 
ATOM   1505 C C   . THR A 1 199 ? 6.393   6.240   -0.688  1.00 48.65  ? 196 THR A C   1 
ATOM   1506 O O   . THR A 1 199 ? 5.783   5.690   -1.614  1.00 47.79  ? 196 THR A O   1 
ATOM   1507 C CB  . THR A 1 199 ? 7.838   4.296   0.031   1.00 45.73  ? 196 THR A CB  1 
ATOM   1508 O OG1 . THR A 1 199 ? 7.083   4.123   1.229   1.00 46.67  ? 196 THR A OG1 1 
ATOM   1509 C CG2 . THR A 1 199 ? 9.243   3.739   0.219   1.00 40.02  ? 196 THR A CG2 1 
ATOM   1510 N N   . LYS A 1 200 ? 5.840   7.209   0.057   1.00 45.76  ? 197 LYS A N   1 
ATOM   1511 C CA  . LYS A 1 200 ? 4.471   7.659   -0.215  1.00 45.35  ? 197 LYS A CA  1 
ATOM   1512 C C   . LYS A 1 200 ? 4.362   8.486   -1.495  1.00 51.31  ? 197 LYS A C   1 
ATOM   1513 O O   . LYS A 1 200 ? 5.267   9.272   -1.784  1.00 50.67  ? 197 LYS A O   1 
ATOM   1514 C CB  . LYS A 1 200 ? 3.835   8.395   0.980   1.00 46.12  ? 197 LYS A CB  1 
ATOM   1515 C CG  . LYS A 1 200 ? 4.435   9.744   1.321   1.00 46.21  ? 197 LYS A CG  1 
ATOM   1516 C CD  . LYS A 1 200 ? 3.660   10.387  2.456   1.00 53.55  ? 197 LYS A CD  1 
ATOM   1517 C CE  . LYS A 1 200 ? 3.890   11.871  2.581   1.00 60.46  ? 197 LYS A CE  1 
ATOM   1518 N NZ  . LYS A 1 200 ? 5.305   12.198  2.887   1.00 80.00  ? 197 LYS A NZ  1 
ATOM   1519 N N   . PRO A 1 201 ? 3.279   8.318   -2.292  1.00 49.17  ? 198 PRO A N   1 
ATOM   1520 C CA  . PRO A 1 201 ? 3.141   9.167   -3.475  1.00 49.36  ? 198 PRO A CA  1 
ATOM   1521 C C   . PRO A 1 201 ? 2.664   10.563  -3.052  1.00 53.73  ? 198 PRO A C   1 
ATOM   1522 O O   . PRO A 1 201 ? 1.999   10.713  -2.005  1.00 53.82  ? 198 PRO A O   1 
ATOM   1523 C CB  . PRO A 1 201 ? 2.069   8.445   -4.294  1.00 51.46  ? 198 PRO A CB  1 
ATOM   1524 C CG  . PRO A 1 201 ? 1.198   7.754   -3.272  1.00 55.61  ? 198 PRO A CG  1 
ATOM   1525 C CD  . PRO A 1 201 ? 2.100   7.433   -2.109  1.00 51.09  ? 198 PRO A CD  1 
ATOM   1526 N N   . ALA A 1 202 ? 2.988   11.585  -3.865  1.00 48.57  ? 199 ALA A N   1 
ATOM   1527 C CA  . ALA A 1 202 ? 2.502   12.939  -3.615  1.00 47.00  ? 199 ALA A CA  1 
ATOM   1528 C C   . ALA A 1 202 ? 0.981   12.855  -3.790  1.00 48.47  ? 199 ALA A C   1 
ATOM   1529 O O   . ALA A 1 202 ? 0.517   12.112  -4.661  1.00 46.57  ? 199 ALA A O   1 
ATOM   1530 C CB  . ALA A 1 202 ? 3.105   13.915  -4.618  1.00 47.27  ? 199 ALA A CB  1 
ATOM   1531 N N   . ASN A 1 203 ? 0.218   13.542  -2.918  1.00 45.45  ? 200 ASN A N   1 
ATOM   1532 C CA  . ASN A 1 203 ? -1.253  13.538  -2.908  1.00 45.94  ? 200 ASN A CA  1 
ATOM   1533 C C   . ASN A 1 203 ? -1.814  13.708  -4.312  1.00 52.28  ? 200 ASN A C   1 
ATOM   1534 O O   . ASN A 1 203 ? -2.721  12.986  -4.748  1.00 51.66  ? 200 ASN A O   1 
ATOM   1535 C CB  . ASN A 1 203 ? -1.781  14.620  -1.950  1.00 44.97  ? 200 ASN A CB  1 
ATOM   1536 C CG  . ASN A 1 203 ? -1.668  14.231  -0.495  1.00 60.47  ? 200 ASN A CG  1 
ATOM   1537 O OD1 . ASN A 1 203 ? -0.696  13.600  -0.052  1.00 55.71  ? 200 ASN A OD1 1 
ATOM   1538 N ND2 . ASN A 1 203 ? -2.671  14.580  0.282   1.00 52.26  ? 200 ASN A ND2 1 
ATOM   1539 N N   . GLN A 1 204 ? -1.184  14.638  -5.026  1.00 49.77  ? 201 GLN A N   1 
ATOM   1540 C CA  . GLN A 1 204 ? -1.374  15.013  -6.407  1.00 48.73  ? 201 GLN A CA  1 
ATOM   1541 C C   . GLN A 1 204 ? -1.536  13.774  -7.319  1.00 51.75  ? 201 GLN A C   1 
ATOM   1542 O O   . GLN A 1 204 ? -2.574  13.650  -7.979  1.00 50.39  ? 201 GLN A O   1 
ATOM   1543 C CB  . GLN A 1 204 ? -0.136  15.839  -6.775  1.00 49.37  ? 201 GLN A CB  1 
ATOM   1544 C CG  . GLN A 1 204 ? -0.002  16.233  -8.212  1.00 60.45  ? 201 GLN A CG  1 
ATOM   1545 C CD  . GLN A 1 204 ? 1.118   17.223  -8.354  1.00 87.61  ? 201 GLN A CD  1 
ATOM   1546 O OE1 . GLN A 1 204 ? 2.011   17.351  -7.498  1.00 85.76  ? 201 GLN A OE1 1 
ATOM   1547 N NE2 . GLN A 1 204 ? 1.057   17.985  -9.417  1.00 77.13  ? 201 GLN A NE2 1 
ATOM   1548 N N   . TYR A 1 205 ? -0.537  12.843  -7.310  1.00 48.18  ? 202 TYR A N   1 
ATOM   1549 C CA  . TYR A 1 205 ? -0.518  11.646  -8.173  1.00 47.86  ? 202 TYR A CA  1 
ATOM   1550 C C   . TYR A 1 205 ? -1.483  10.567  -7.736  1.00 53.69  ? 202 TYR A C   1 
ATOM   1551 O O   . TYR A 1 205 ? -1.948  9.784   -8.573  1.00 53.39  ? 202 TYR A O   1 
ATOM   1552 C CB  . TYR A 1 205 ? 0.908   11.099  -8.340  1.00 48.29  ? 202 TYR A CB  1 
ATOM   1553 C CG  . TYR A 1 205 ? 1.847   12.210  -8.727  1.00 49.60  ? 202 TYR A CG  1 
ATOM   1554 C CD1 . TYR A 1 205 ? 1.581   13.019  -9.829  1.00 51.24  ? 202 TYR A CD1 1 
ATOM   1555 C CD2 . TYR A 1 205 ? 2.935   12.538  -7.927  1.00 50.83  ? 202 TYR A CD2 1 
ATOM   1556 C CE1 . TYR A 1 205 ? 2.372   14.123  -10.125 1.00 52.48  ? 202 TYR A CE1 1 
ATOM   1557 C CE2 . TYR A 1 205 ? 3.742   13.637  -8.219  1.00 51.72  ? 202 TYR A CE2 1 
ATOM   1558 C CZ  . TYR A 1 205 ? 3.463   14.418  -9.327  1.00 59.94  ? 202 TYR A CZ  1 
ATOM   1559 O OH  . TYR A 1 205 ? 4.252   15.497  -9.629  1.00 66.36  ? 202 TYR A OH  1 
ATOM   1560 N N   . LEU A 1 206 ? -1.806  10.544  -6.433  1.00 51.24  ? 203 LEU A N   1 
ATOM   1561 C CA  . LEU A 1 206 ? -2.771  9.628   -5.848  1.00 51.57  ? 203 LEU A CA  1 
ATOM   1562 C C   . LEU A 1 206 ? -4.152  9.995   -6.402  1.00 56.76  ? 203 LEU A C   1 
ATOM   1563 O O   . LEU A 1 206 ? -4.834  9.129   -6.950  1.00 56.97  ? 203 LEU A O   1 
ATOM   1564 C CB  . LEU A 1 206 ? -2.733  9.759   -4.313  1.00 51.61  ? 203 LEU A CB  1 
ATOM   1565 C CG  . LEU A 1 206 ? -3.387  8.667   -3.499  1.00 55.72  ? 203 LEU A CG  1 
ATOM   1566 C CD1 . LEU A 1 206 ? -2.684  8.520   -2.183  1.00 55.76  ? 203 LEU A CD1 1 
ATOM   1567 C CD2 . LEU A 1 206 ? -4.872  8.949   -3.279  1.00 57.23  ? 203 LEU A CD2 1 
ATOM   1568 N N   . ILE A 1 207 ? -4.533  11.292  -6.287  1.00 53.93  ? 204 ILE A N   1 
ATOM   1569 C CA  . ILE A 1 207 ? -5.800  11.871  -6.762  1.00 53.80  ? 204 ILE A CA  1 
ATOM   1570 C C   . ILE A 1 207 ? -5.951  11.729  -8.289  1.00 58.32  ? 204 ILE A C   1 
ATOM   1571 O O   . ILE A 1 207 ? -7.004  11.283  -8.746  1.00 56.13  ? 204 ILE A O   1 
ATOM   1572 C CB  . ILE A 1 207 ? -5.966  13.336  -6.258  1.00 56.53  ? 204 ILE A CB  1 
ATOM   1573 C CG1 . ILE A 1 207 ? -6.166  13.376  -4.721  1.00 56.36  ? 204 ILE A CG1 1 
ATOM   1574 C CG2 . ILE A 1 207 ? -7.106  14.057  -6.990  1.00 57.27  ? 204 ILE A CG2 1 
ATOM   1575 C CD1 . ILE A 1 207 ? -5.631  14.675  -4.019  1.00 58.51  ? 204 ILE A CD1 1 
ATOM   1576 N N   . ALA A 1 208 ? -4.886  12.078  -9.058  1.00 58.04  ? 205 ALA A N   1 
ATOM   1577 C CA  . ALA A 1 208 ? -4.825  11.971  -10.529 1.00 58.91  ? 205 ALA A CA  1 
ATOM   1578 C C   . ALA A 1 208 ? -5.079  10.540  -11.005 1.00 64.33  ? 205 ALA A C   1 
ATOM   1579 O O   . ALA A 1 208 ? -5.805  10.345  -11.983 1.00 64.13  ? 205 ALA A O   1 
ATOM   1580 C CB  . ALA A 1 208 ? -3.475  12.453  -11.038 1.00 59.75  ? 205 ALA A CB  1 
ATOM   1581 N N   . GLY A 1 209 ? -4.501  9.565   -10.292 1.00 61.68  ? 206 GLY A N   1 
ATOM   1582 C CA  . GLY A 1 209 ? -4.665  8.143   -10.570 1.00 61.89  ? 206 GLY A CA  1 
ATOM   1583 C C   . GLY A 1 209 ? -6.089  7.662   -10.361 1.00 66.84  ? 206 GLY A C   1 
ATOM   1584 O O   . GLY A 1 209 ? -6.618  6.906   -11.180 1.00 67.35  ? 206 GLY A O   1 
ATOM   1585 N N   . TRP A 1 210 ? -6.725  8.111   -9.269  1.00 63.23  ? 207 TRP A N   1 
ATOM   1586 C CA  . TRP A 1 210 ? -8.096  7.732   -8.935  1.00 62.85  ? 207 TRP A CA  1 
ATOM   1587 C C   . TRP A 1 210 ? -9.159  8.473   -9.747  1.00 69.29  ? 207 TRP A C   1 
ATOM   1588 O O   . TRP A 1 210 ? -10.215 7.892   -10.008 1.00 69.44  ? 207 TRP A O   1 
ATOM   1589 C CB  . TRP A 1 210 ? -8.358  7.886   -7.428  1.00 60.79  ? 207 TRP A CB  1 
ATOM   1590 C CG  . TRP A 1 210 ? -7.773  6.780   -6.603  1.00 61.07  ? 207 TRP A CG  1 
ATOM   1591 C CD1 . TRP A 1 210 ? -6.653  6.838   -5.828  1.00 63.76  ? 207 TRP A CD1 1 
ATOM   1592 C CD2 . TRP A 1 210 ? -8.262  5.436   -6.504  1.00 60.71  ? 207 TRP A CD2 1 
ATOM   1593 N NE1 . TRP A 1 210 ? -6.417  5.614   -5.244  1.00 62.76  ? 207 TRP A NE1 1 
ATOM   1594 C CE2 . TRP A 1 210 ? -7.386  4.735   -5.643  1.00 64.03  ? 207 TRP A CE2 1 
ATOM   1595 C CE3 . TRP A 1 210 ? -9.343  4.748   -7.078  1.00 61.76  ? 207 TRP A CE3 1 
ATOM   1596 C CZ2 . TRP A 1 210 ? -7.569  3.387   -5.326  1.00 63.19  ? 207 TRP A CZ2 1 
ATOM   1597 C CZ3 . TRP A 1 210 ? -9.521  3.412   -6.766  1.00 63.19  ? 207 TRP A CZ3 1 
ATOM   1598 C CH2 . TRP A 1 210 ? -8.643  2.745   -5.897  1.00 63.69  ? 207 TRP A CH2 1 
ATOM   1599 N N   . ALA A 1 211 ? -8.888  9.752   -10.134 1.00 67.12  ? 208 ALA A N   1 
ATOM   1600 C CA  . ALA A 1 211 ? -9.785  10.643  -10.894 1.00 67.30  ? 208 ALA A CA  1 
ATOM   1601 C C   . ALA A 1 211 ? -10.550 9.953   -12.047 1.00 72.79  ? 208 ALA A C   1 
ATOM   1602 O O   . ALA A 1 211 ? -11.781 10.031  -12.016 1.00 72.18  ? 208 ALA A O   1 
ATOM   1603 C CB  . ALA A 1 211 ? -9.037  11.873  -11.399 1.00 67.93  ? 208 ALA A CB  1 
ATOM   1604 N N   . PRO A 1 212 ? -9.897  9.205   -12.995 1.00 71.03  ? 209 PRO A N   1 
ATOM   1605 C CA  . PRO A 1 212 ? -10.667 8.525   -14.056 1.00 71.56  ? 209 PRO A CA  1 
ATOM   1606 C C   . PRO A 1 212 ? -11.685 7.497   -13.573 1.00 77.28  ? 209 PRO A C   1 
ATOM   1607 O O   . PRO A 1 212 ? -12.702 7.297   -14.240 1.00 77.27  ? 209 PRO A O   1 
ATOM   1608 C CB  . PRO A 1 212 ? -9.581  7.830   -14.886 1.00 73.27  ? 209 PRO A CB  1 
ATOM   1609 C CG  . PRO A 1 212 ? -8.345  8.595   -14.619 1.00 77.35  ? 209 PRO A CG  1 
ATOM   1610 C CD  . PRO A 1 212 ? -8.448  8.977   -13.187 1.00 72.71  ? 209 PRO A CD  1 
ATOM   1611 N N   . LYS A 1 213 ? -11.413 6.849   -12.424 1.00 74.97  ? 210 LYS A N   1 
ATOM   1612 C CA  . LYS A 1 213 ? -12.260 5.806   -11.836 1.00 75.18  ? 210 LYS A CA  1 
ATOM   1613 C C   . LYS A 1 213 ? -13.449 6.365   -11.040 1.00 80.81  ? 210 LYS A C   1 
ATOM   1614 O O   . LYS A 1 213 ? -14.351 5.610   -10.672 1.00 80.05  ? 210 LYS A O   1 
ATOM   1615 C CB  . LYS A 1 213 ? -11.406 4.843   -10.996 1.00 77.57  ? 210 LYS A CB  1 
ATOM   1616 C CG  . LYS A 1 213 ? -10.289 4.185   -11.804 1.00 91.25  ? 210 LYS A CG  1 
ATOM   1617 C CD  . LYS A 1 213 ? -9.361  3.355   -10.948 1.00 102.17 ? 210 LYS A CD  1 
ATOM   1618 C CE  . LYS A 1 213 ? -8.383  2.595   -11.805 1.00 113.28 ? 210 LYS A CE  1 
ATOM   1619 N NZ  . LYS A 1 213 ? -7.906  1.363   -11.127 1.00 122.48 ? 210 LYS A NZ  1 
ATOM   1620 N N   . VAL A 1 214 ? -13.466 7.692   -10.812 1.00 79.43  ? 211 VAL A N   1 
ATOM   1621 C CA  . VAL A 1 214 ? -14.548 8.382   -10.094 1.00 79.98  ? 211 VAL A CA  1 
ATOM   1622 C C   . VAL A 1 214 ? -15.558 8.984   -11.099 1.00 86.02  ? 211 VAL A C   1 
ATOM   1623 O O   . VAL A 1 214 ? -16.762 8.725   -10.977 1.00 86.41  ? 211 VAL A O   1 
ATOM   1624 C CB  . VAL A 1 214 ? -14.026 9.438   -9.081  1.00 83.31  ? 211 VAL A CB  1 
ATOM   1625 C CG1 . VAL A 1 214 ? -15.147 9.926   -8.165  1.00 82.88  ? 211 VAL A CG1 1 
ATOM   1626 C CG2 . VAL A 1 214 ? -12.860 8.896   -8.255  1.00 83.03  ? 211 VAL A CG2 1 
ATOM   1627 N N   . ASN A 1 215 ? -15.050 9.779   -12.083 1.00 82.57  ? 212 ASN A N   1 
ATOM   1628 C CA  . ASN A 1 215 ? -15.784 10.473  -13.155 1.00 116.67 ? 212 ASN A CA  1 
ATOM   1629 C C   . ASN A 1 215 ? -16.842 11.460  -12.624 1.00 137.51 ? 212 ASN A C   1 
ATOM   1630 O O   . ASN A 1 215 ? -17.958 11.082  -12.265 1.00 97.75  ? 212 ASN A O   1 
ATOM   1631 C CB  . ASN A 1 215 ? -16.378 9.490   -14.178 1.00 118.01 ? 212 ASN A CB  1 
HETATM 1632 C C   . ACT B 2 .   ? -0.559  -7.220  -6.154  1.00 57.24  ? 301 ACT A C   1 
HETATM 1633 O O   . ACT B 2 .   ? 0.561   -6.949  -6.679  1.00 53.74  ? 301 ACT A O   1 
HETATM 1634 O OXT . ACT B 2 .   ? -0.763  -7.535  -4.935  1.00 58.15  ? 301 ACT A OXT 1 
HETATM 1635 C CH3 . ACT B 2 .   ? -1.798  -7.167  -7.078  1.00 58.31  ? 301 ACT A CH3 1 
HETATM 1636 C C1  . GOL C 3 .   ? -5.161  2.881   -10.036 0.75 63.00  ? 302 GOL A C1  1 
HETATM 1637 O O1  . GOL C 3 .   ? -4.234  3.525   -10.902 0.75 65.38  ? 302 GOL A O1  1 
HETATM 1638 C C2  . GOL C 3 .   ? -5.251  3.583   -8.701  0.75 59.75  ? 302 GOL A C2  1 
HETATM 1639 O O2  . GOL C 3 .   ? -5.075  4.991   -8.885  0.75 55.52  ? 302 GOL A O2  1 
HETATM 1640 C C3  . GOL C 3 .   ? -4.224  3.051   -7.727  0.75 60.24  ? 302 GOL A C3  1 
HETATM 1641 O O3  . GOL C 3 .   ? -4.589  1.756   -7.264  0.75 59.79  ? 302 GOL A O3  1 
HETATM 1642 O O   . HOH D 4 .   ? 13.835  -12.962 -7.873  1.00 50.18  ? 401 HOH A O   1 
HETATM 1643 O O   . HOH D 4 .   ? 2.266   -5.154  13.840  1.00 54.57  ? 402 HOH A O   1 
HETATM 1644 O O   . HOH D 4 .   ? 1.973   5.182   -14.567 1.00 43.07  ? 403 HOH A O   1 
HETATM 1645 O O   . HOH D 4 .   ? -12.008 -5.383  7.439   1.00 41.26  ? 404 HOH A O   1 
HETATM 1646 O O   . HOH D 4 .   ? -18.340 0.525   1.154   1.00 41.79  ? 405 HOH A O   1 
HETATM 1647 O O   . HOH D 4 .   ? -11.215 -3.987  9.640   1.00 54.76  ? 406 HOH A O   1 
HETATM 1648 O O   . HOH D 4 .   ? 14.262  5.232   -10.040 1.00 50.93  ? 407 HOH A O   1 
HETATM 1649 O O   . HOH D 4 .   ? -4.271  10.456  9.616   1.00 45.95  ? 408 HOH A O   1 
HETATM 1650 O O   . HOH D 4 .   ? 3.576   -6.830  3.705   1.00 42.40  ? 409 HOH A O   1 
HETATM 1651 O O   . HOH D 4 .   ? 0.526   4.157   -2.306  1.00 45.39  ? 418 HOH A O   1 
HETATM 1652 O O   . HOH D 4 .   ? -18.116 4.424   17.327  1.00 60.16  ? 411 HOH A O   1 
HETATM 1653 O O   . HOH D 4 .   ? -1.431  -5.151  -0.123  1.00 48.13  ? 412 HOH A O   1 
HETATM 1654 O O   . HOH D 4 .   ? -0.900  -2.439  0.035   1.00 34.19  ? 413 HOH A O   1 
HETATM 1655 O O   . HOH D 4 .   ? -8.211  -3.588  2.991   1.00 39.07  ? 414 HOH A O   1 
HETATM 1656 O O   . HOH D 4 .   ? 1.817   12.532  0.026   1.00 45.25  ? 415 HOH A O   1 
HETATM 1657 O O   . HOH D 4 .   ? 6.157   17.321  -10.345 0.50 30.19  ? 416 HOH A O   1 
HETATM 1658 O O   . HOH D 4 .   ? -16.275 10.830  8.686   1.00 40.33  ? 417 HOH A O   1 
HETATM 1659 O O   . HOH D 4 .   ? 2.350   -7.594  -9.306  1.00 46.89  ? 410 HOH A O   1 
HETATM 1660 O O   . HOH D 4 .   ? 6.155   -6.968  4.425   1.00 40.93  ? 419 HOH A O   1 
HETATM 1661 O O   . HOH D 4 .   ? -2.850  -0.133  -8.392  1.00 61.15  ? 473 HOH A O   1 
HETATM 1662 O O   . HOH D 4 .   ? -6.262  -0.909  -10.895 1.00 70.72  ? 421 HOH A O   1 
HETATM 1663 O O   . HOH D 4 .   ? -9.057  12.567  9.741   1.00 64.93  ? 422 HOH A O   1 
HETATM 1664 O O   . HOH D 4 .   ? 3.664   -6.036  21.402  1.00 56.53  ? 423 HOH A O   1 
HETATM 1665 O O   . HOH D 4 .   ? 6.533   6.823   13.734  1.00 45.62  ? 424 HOH A O   1 
HETATM 1666 O O   . HOH D 4 .   ? -3.091  13.657  3.764   1.00 63.24  ? 425 HOH A O   1 
HETATM 1667 O O   . HOH D 4 .   ? 3.921   3.542   -7.237  1.00 48.17  ? 426 HOH A O   1 
HETATM 1668 O O   . HOH D 4 .   ? 21.665  -5.330  0.965   1.00 53.75  ? 427 HOH A O   1 
HETATM 1669 O O   . HOH D 4 .   ? -2.248  1.402   -11.012 1.00 73.45  ? 465 HOH A O   1 
HETATM 1670 O O   . HOH D 4 .   ? -2.617  -6.370  6.008   1.00 56.03  ? 429 HOH A O   1 
HETATM 1671 O O   . HOH D 4 .   ? 17.321  -1.328  -16.693 1.00 58.81  ? 430 HOH A O   1 
HETATM 1672 O O   . HOH D 4 .   ? 14.177  5.385   11.282  1.00 63.74  ? 431 HOH A O   1 
HETATM 1673 O O   . HOH D 4 .   ? 8.676   4.544   -18.110 1.00 40.69  ? 432 HOH A O   1 
HETATM 1674 O O   . HOH D 4 .   ? -0.229  -3.298  -12.360 1.00 46.50  ? 433 HOH A O   1 
HETATM 1675 O O   . HOH D 4 .   ? 3.859   -12.062 7.612   1.00 37.56  ? 434 HOH A O   1 
HETATM 1676 O O   . HOH D 4 .   ? 2.046   1.762   -22.820 1.00 47.27  ? 435 HOH A O   1 
HETATM 1677 O O   . HOH D 4 .   ? -15.251 -6.985  9.859   1.00 45.75  ? 436 HOH A O   1 
HETATM 1678 O O   . HOH D 4 .   ? -7.244  18.021  -2.100  1.00 57.48  ? 437 HOH A O   1 
HETATM 1679 O O   . HOH D 4 .   ? 5.379   -13.941 -11.448 1.00 43.17  ? 438 HOH A O   1 
HETATM 1680 O O   . HOH D 4 .   ? -8.581  9.844   6.937   1.00 49.12  ? 439 HOH A O   1 
HETATM 1681 O O   . HOH D 4 .   ? 13.724  4.804   -13.030 1.00 53.98  ? 440 HOH A O   1 
HETATM 1682 O O   . HOH D 4 .   ? -23.314 6.043   0.928   1.00 51.73  ? 441 HOH A O   1 
HETATM 1683 O O   . HOH D 4 .   ? -6.587  15.022  0.019   1.00 51.96  ? 442 HOH A O   1 
HETATM 1684 O O   . HOH D 4 .   ? 7.715   6.278   -19.968 1.00 43.66  ? 443 HOH A O   1 
HETATM 1685 O O   . HOH D 4 .   ? 0.402   7.776   -10.441 1.00 54.79  ? 444 HOH A O   1 
HETATM 1686 O O   . HOH D 4 .   ? -10.640 -6.209  11.081  1.00 50.72  ? 445 HOH A O   1 
HETATM 1687 O O   . HOH D 4 .   ? 13.082  -16.418 -6.286  1.00 49.87  ? 446 HOH A O   1 
HETATM 1688 O O   . HOH D 4 .   ? 4.281   3.665   -4.532  1.00 47.67  ? 447 HOH A O   1 
HETATM 1689 O O   . HOH D 4 .   ? 11.480  3.535   9.130   1.00 51.79  ? 448 HOH A O   1 
HETATM 1690 O O   . HOH D 4 .   ? -16.025 13.339  7.165   1.00 59.31  ? 449 HOH A O   1 
HETATM 1691 O O   . HOH D 4 .   ? 2.037   16.170  -2.161  1.00 46.40  ? 450 HOH A O   1 
HETATM 1692 O O   . HOH D 4 .   ? -4.752  -5.628  4.487   1.00 51.34  ? 451 HOH A O   1 
HETATM 1693 O O   . HOH D 4 .   ? -3.310  -7.433  -0.648  1.00 57.65  ? 452 HOH A O   1 
HETATM 1694 O O   . HOH D 4 .   ? -9.704  -8.176  17.515  1.00 59.21  ? 453 HOH A O   1 
HETATM 1695 O O   . HOH D 4 .   ? 14.054  2.032   7.611   1.00 68.10  ? 454 HOH A O   1 
HETATM 1696 O O   . HOH D 4 .   ? 11.314  5.133   11.384  1.00 58.73  ? 455 HOH A O   1 
HETATM 1697 O O   . HOH D 4 .   ? 10.153  -3.586  12.748  1.00 54.94  ? 456 HOH A O   1 
HETATM 1698 O O   . HOH D 4 .   ? 14.600  -9.870  14.262  1.00 53.52  ? 457 HOH A O   1 
HETATM 1699 O O   . HOH D 4 .   ? -9.286  6.780   23.790  1.00 60.42  ? 458 HOH A O   1 
HETATM 1700 O O   . HOH D 4 .   ? -0.563  -1.093  -10.215 1.00 66.77  ? 460 HOH A O   1 
HETATM 1701 O O   . HOH D 4 .   ? 10.026  -3.662  -26.508 1.00 52.54  ? 459 HOH A O   1 
HETATM 1702 O O   . HOH D 4 .   ? 10.394  10.993  -6.547  1.00 46.37  ? 461 HOH A O   1 
HETATM 1703 O O   . HOH D 4 .   ? -5.362  -8.170  3.698   1.00 63.09  ? 462 HOH A O   1 
HETATM 1704 O O   . HOH D 4 .   ? 17.379  -6.640  -15.678 1.00 58.33  ? 463 HOH A O   1 
HETATM 1705 O O   . HOH D 4 .   ? 0.851   -10.973 6.420   1.00 50.52  ? 464 HOH A O   1 
# 
